data_5XWT
#
_entry.id   5XWT
#
_cell.length_a   98.260
_cell.length_b   169.753
_cell.length_c   210.946
_cell.angle_alpha   90.00
_cell.angle_beta   90.00
_cell.angle_gamma   90.00
#
_symmetry.space_group_name_H-M   'P 21 21 21'
#
loop_
_entity.id
_entity.type
_entity.pdbx_description
1 polymer 'Receptor-type tyrosine-protein phosphatase delta'
2 polymer 'Leucine-rich repeat and fibronectin type-III domain-containing protein 5'
3 branched 2-acetamido-2-deoxy-beta-D-glucopyranose-(1-4)-2-acetamido-2-deoxy-beta-D-glucopyranose
4 branched 2-acetamido-2-deoxy-beta-D-glucopyranose-(1-4)-2-acetamido-2-deoxy-beta-D-glucopyranose-(1-4)-2-acetamido-2-deoxy-beta-D-glucopyranose
5 non-polymer 2-acetamido-2-deoxy-beta-D-glucopyranose
#
loop_
_entity_poly.entity_id
_entity_poly.type
_entity_poly.pdbx_seq_one_letter_code
_entity_poly.pdbx_strand_id
1 'polypeptide(L)'
;LMGCVAETPPRFTRTPVDQTGVSGGVASFICQATGDPRPKIVWNKKGKKVSNQRFEVIEFDDGSGSVLRIQPLRTPRDEA
IYECVASNNVGEISVSTRLTVLREDQIPRGFPTIDMGPQLKVVERTRTATMLCAASGNPDPEITWFKDFLPVDTSNNNGR
IKQLRSESIGGTPIRGALQIEQSEESDQGKYECVATNSAGTRYSAPANLYVRELREVRRVPPRFSIPPTNHEIMPGGSVN
ITCVAVGSPMPYVKWMLGAEDLTPEDDMPIGRNVLELNDVRQSANYTCVAMSTLGVIEAIAQITVKALPKPPGTPVVTES
TATSITLTWDSGNPEPVSYYIIQHKPKNSEEPYKEIDGIATTRYSVAGLSPYSDYEFRVVAVNNIGRGPASEPVLTHHHH
HH
;
A,C
2 'polypeptide(L)'
;QICPKRCVCQILSPNLATLCAKKGLLFVPPNIDRRTVELRLADNFVTNIKRKDFANMTSLVDLTLSRNTISFITPHAFAD
LRNLRALHLNSNRLTKITNDMFSGLSNLHHLILNNNQLTLISSTAFDDVFALEELDLSYNNLETIPWDAVEKMVSLHTLS
LDHNMIDNIPKGTFSHLHKMTRLDVTSNKLQKLPPDPLFQRAQVLATSGIISPSTFALSFGGNPLHCNCELLWLRRLSRE
DDLETCASPPLLTGRYFWSIPEEEFLCEPPLITRHTHEMRVLEGQRATLRCKARGDPEPAIHWISPEGKLISNATRSLVY
DNGTLDILITTVKDTGAFTCIASNPAGEATQIVDLHIIKLPHHHHHH
;
B,D
#
# COMPACT_ATOMS: atom_id res chain seq x y z
N GLU A 7 -28.41 59.91 -48.04
CA GLU A 7 -27.50 58.82 -47.70
C GLU A 7 -26.07 59.31 -47.61
N THR A 8 -25.23 58.54 -46.93
CA THR A 8 -23.83 58.90 -46.75
C THR A 8 -22.94 57.66 -46.83
N PRO A 9 -21.89 57.72 -47.67
CA PRO A 9 -20.93 56.62 -47.80
C PRO A 9 -20.22 56.31 -46.49
N PRO A 10 -19.93 55.03 -46.23
CA PRO A 10 -19.34 54.57 -44.97
C PRO A 10 -17.99 55.22 -44.66
N ARG A 11 -17.74 55.51 -43.39
CA ARG A 11 -16.46 56.05 -42.95
C ARG A 11 -15.99 55.26 -41.73
N PHE A 12 -14.74 54.80 -41.78
CA PHE A 12 -14.18 53.99 -40.70
C PHE A 12 -14.08 54.76 -39.38
N THR A 13 -14.80 54.27 -38.38
CA THR A 13 -14.76 54.85 -37.04
C THR A 13 -13.65 54.20 -36.22
N ARG A 14 -13.30 52.97 -36.59
CA ARG A 14 -12.25 52.22 -35.90
C ARG A 14 -11.69 51.12 -36.79
N THR A 15 -10.41 51.25 -37.15
CA THR A 15 -9.76 50.29 -38.04
C THR A 15 -8.93 49.26 -37.26
N PRO A 16 -8.93 48.01 -37.73
CA PRO A 16 -8.12 46.96 -37.11
C PRO A 16 -6.63 47.24 -37.24
N VAL A 17 -5.85 46.87 -36.22
CA VAL A 17 -4.42 47.14 -36.22
C VAL A 17 -3.60 45.85 -36.27
N ASP A 18 -2.35 45.96 -36.72
CA ASP A 18 -1.47 44.80 -36.79
C ASP A 18 -0.99 44.35 -35.41
N GLN A 19 -1.48 43.21 -34.96
CA GLN A 19 -1.07 42.66 -33.68
C GLN A 19 -0.28 41.37 -33.88
N THR A 20 0.73 41.15 -33.04
CA THR A 20 1.55 39.94 -33.15
C THR A 20 1.26 38.99 -31.99
N GLY A 21 0.41 38.01 -32.25
CA GLY A 21 0.03 37.04 -31.22
C GLY A 21 0.89 35.80 -31.24
N VAL A 22 0.70 34.94 -30.25
CA VAL A 22 1.45 33.70 -30.15
C VAL A 22 0.58 32.49 -30.43
N SER A 23 1.19 31.44 -30.96
CA SER A 23 0.48 30.21 -31.28
C SER A 23 -0.13 29.57 -30.04
N GLY A 24 -1.31 28.98 -30.19
CA GLY A 24 -2.01 28.37 -29.07
C GLY A 24 -2.80 29.38 -28.27
N GLY A 25 -2.69 30.65 -28.66
CA GLY A 25 -3.39 31.71 -27.96
C GLY A 25 -4.62 32.20 -28.72
N VAL A 26 -5.03 33.42 -28.45
CA VAL A 26 -6.20 34.01 -29.09
C VAL A 26 -5.89 35.37 -29.69
N ALA A 27 -6.43 35.63 -30.88
CA ALA A 27 -6.28 36.94 -31.51
C ALA A 27 -7.63 37.44 -32.03
N SER A 28 -7.94 38.69 -31.68
CA SER A 28 -9.20 39.29 -32.10
C SER A 28 -8.97 40.60 -32.85
N PHE A 29 -9.73 40.80 -33.92
CA PHE A 29 -9.63 42.04 -34.70
C PHE A 29 -10.94 42.82 -34.63
N ILE A 30 -10.81 44.14 -34.44
CA ILE A 30 -11.98 45.00 -34.31
C ILE A 30 -12.19 45.86 -35.56
N CYS A 31 -13.45 46.13 -35.87
CA CYS A 31 -13.79 46.93 -37.04
C CYS A 31 -15.24 47.41 -36.96
N GLN A 32 -15.44 48.72 -37.00
CA GLN A 32 -16.79 49.29 -36.99
C GLN A 32 -16.83 50.64 -37.69
N ALA A 33 -17.91 50.88 -38.43
CA ALA A 33 -18.06 52.13 -39.17
C ALA A 33 -19.50 52.61 -39.15
N THR A 34 -19.71 53.85 -39.58
CA THR A 34 -21.04 54.44 -39.61
C THR A 34 -21.44 54.83 -41.04
N GLY A 35 -22.73 55.05 -41.24
CA GLY A 35 -23.24 55.43 -42.55
C GLY A 35 -24.71 55.14 -42.74
N ASP A 36 -25.26 55.62 -43.85
CA ASP A 36 -26.67 55.40 -44.18
C ASP A 36 -26.79 54.74 -45.55
N PRO A 37 -27.26 53.48 -45.59
CA PRO A 37 -27.69 52.67 -44.45
C PRO A 37 -26.51 52.13 -43.63
N ARG A 38 -26.82 51.38 -42.58
CA ARG A 38 -25.80 50.88 -41.67
C ARG A 38 -24.84 49.92 -42.38
N PRO A 39 -23.53 50.21 -42.28
CA PRO A 39 -22.47 49.42 -42.93
C PRO A 39 -22.41 47.98 -42.44
N LYS A 40 -22.75 47.03 -43.32
CA LYS A 40 -22.63 45.62 -43.01
C LYS A 40 -21.21 45.13 -43.27
N ILE A 41 -20.50 44.80 -42.21
CA ILE A 41 -19.07 44.47 -42.31
C ILE A 41 -18.82 42.98 -42.52
N VAL A 42 -18.01 42.67 -43.53
CA VAL A 42 -17.63 41.29 -43.82
C VAL A 42 -16.10 41.16 -43.84
N TRP A 43 -15.58 40.11 -43.22
CA TRP A 43 -14.15 39.87 -43.17
C TRP A 43 -13.69 38.97 -44.31
N ASN A 44 -12.57 39.30 -44.92
CA ASN A 44 -12.06 38.55 -46.06
C ASN A 44 -10.58 38.19 -45.94
N LYS A 45 -10.21 37.05 -46.52
CA LYS A 45 -8.81 36.65 -46.61
C LYS A 45 -8.47 36.28 -48.06
N LYS A 46 -7.53 37.01 -48.64
CA LYS A 46 -7.16 36.85 -50.05
C LYS A 46 -8.40 37.05 -50.93
N GLY A 47 -9.24 38.01 -50.55
CA GLY A 47 -10.46 38.28 -51.27
C GLY A 47 -11.54 37.23 -51.05
N LYS A 48 -11.32 36.38 -50.05
CA LYS A 48 -12.27 35.31 -49.75
C LYS A 48 -12.76 35.40 -48.30
N LYS A 49 -14.06 35.25 -48.12
CA LYS A 49 -14.66 35.30 -46.78
C LYS A 49 -14.18 34.11 -45.95
N VAL A 50 -14.03 34.34 -44.64
CA VAL A 50 -13.59 33.29 -43.72
C VAL A 50 -14.56 32.10 -43.72
N SER A 51 -14.01 30.91 -43.56
CA SER A 51 -14.81 29.69 -43.65
C SER A 51 -14.50 28.69 -42.54
N ASN A 52 -13.24 28.68 -42.08
CA ASN A 52 -12.81 27.72 -41.08
C ASN A 52 -13.53 27.92 -39.75
N GLN A 53 -13.70 26.81 -39.01
CA GLN A 53 -14.44 26.83 -37.75
C GLN A 53 -13.74 27.67 -36.69
N ARG A 54 -12.42 27.65 -36.69
CA ARG A 54 -11.64 28.38 -35.70
C ARG A 54 -11.82 29.90 -35.83
N PHE A 55 -12.25 30.34 -37.01
CA PHE A 55 -12.56 31.74 -37.23
C PHE A 55 -14.04 32.02 -36.99
N GLU A 56 -14.32 32.98 -36.11
CA GLU A 56 -15.70 33.35 -35.81
C GLU A 56 -15.88 34.87 -35.79
N VAL A 57 -17.01 35.33 -36.31
CA VAL A 57 -17.30 36.76 -36.36
C VAL A 57 -18.40 37.13 -35.39
N ILE A 58 -18.14 38.13 -34.55
CA ILE A 58 -19.12 38.56 -33.54
C ILE A 58 -19.66 39.95 -33.86
N GLU A 59 -20.96 40.02 -34.11
CA GLU A 59 -21.61 41.29 -34.41
C GLU A 59 -21.72 42.17 -33.19
N PHE A 60 -21.46 43.47 -33.36
CA PHE A 60 -21.57 44.44 -32.27
C PHE A 60 -23.02 44.62 -31.84
N ASP A 61 -23.21 45.22 -30.67
CA ASP A 61 -24.54 45.54 -30.18
C ASP A 61 -25.18 46.60 -31.06
N ASP A 62 -24.35 47.51 -31.57
CA ASP A 62 -24.81 48.55 -32.47
C ASP A 62 -25.24 47.96 -33.80
N GLY A 63 -24.51 46.95 -34.26
CA GLY A 63 -24.74 46.35 -35.57
C GLY A 63 -23.99 47.13 -36.62
N SER A 64 -23.17 48.07 -36.17
CA SER A 64 -22.39 48.94 -37.06
C SER A 64 -20.99 48.38 -37.27
N GLY A 65 -20.69 47.27 -36.61
CA GLY A 65 -19.38 46.66 -36.71
C GLY A 65 -19.36 45.18 -36.37
N SER A 66 -18.19 44.56 -36.51
CA SER A 66 -18.02 43.15 -36.24
C SER A 66 -16.61 42.86 -35.74
N VAL A 67 -16.47 41.78 -34.96
CA VAL A 67 -15.17 41.40 -34.42
C VAL A 67 -14.80 39.98 -34.85
N LEU A 68 -13.64 39.85 -35.48
CA LEU A 68 -13.15 38.55 -35.93
C LEU A 68 -12.23 37.93 -34.88
N ARG A 69 -12.70 36.86 -34.25
CA ARG A 69 -11.93 36.18 -33.22
C ARG A 69 -11.32 34.89 -33.74
N ILE A 70 -10.03 34.71 -33.52
CA ILE A 70 -9.32 33.51 -33.95
C ILE A 70 -8.83 32.73 -32.74
N GLN A 71 -9.33 31.51 -32.58
CA GLN A 71 -9.00 30.69 -31.42
C GLN A 71 -9.13 29.20 -31.73
N PRO A 72 -8.04 28.44 -31.52
CA PRO A 72 -6.74 28.93 -31.06
C PRO A 72 -5.83 29.35 -32.21
N LEU A 73 -4.74 30.05 -31.89
CA LEU A 73 -3.79 30.50 -32.89
C LEU A 73 -2.77 29.42 -33.26
N ARG A 74 -2.47 29.30 -34.55
CA ARG A 74 -1.47 28.36 -35.03
C ARG A 74 -0.55 29.03 -36.04
N THR A 75 0.60 28.42 -36.30
CA THR A 75 1.60 28.99 -37.20
C THR A 75 2.33 27.91 -37.98
N PRO A 76 2.64 28.16 -39.26
CA PRO A 76 2.27 29.37 -40.00
C PRO A 76 0.94 29.25 -40.75
N ARG A 77 -0.03 28.56 -40.18
CA ARG A 77 -1.31 28.36 -40.84
C ARG A 77 -2.14 29.65 -40.90
N ASP A 78 -1.91 30.53 -39.93
CA ASP A 78 -2.71 31.75 -39.84
C ASP A 78 -1.90 33.01 -40.14
N GLU A 79 -0.63 32.82 -40.52
CA GLU A 79 0.20 33.96 -40.88
C GLU A 79 -0.17 34.47 -42.27
N ALA A 80 -1.03 35.48 -42.31
CA ALA A 80 -1.51 36.03 -43.57
C ALA A 80 -2.05 37.44 -43.40
N ILE A 81 -2.44 38.07 -44.50
CA ILE A 81 -3.00 39.41 -44.47
C ILE A 81 -4.52 39.36 -44.62
N TYR A 82 -5.23 40.05 -43.73
CA TYR A 82 -6.68 40.06 -43.75
C TYR A 82 -7.21 41.46 -44.02
N GLU A 83 -8.42 41.55 -44.56
CA GLU A 83 -9.03 42.84 -44.85
C GLU A 83 -10.45 42.95 -44.30
N CYS A 84 -10.84 44.17 -43.92
CA CYS A 84 -12.17 44.43 -43.39
C CYS A 84 -12.98 45.28 -44.37
N VAL A 85 -14.09 44.72 -44.85
CA VAL A 85 -14.90 45.41 -45.85
C VAL A 85 -16.23 45.87 -45.27
N ALA A 86 -16.38 47.18 -45.14
CA ALA A 86 -17.64 47.78 -44.71
C ALA A 86 -18.41 48.32 -45.90
N SER A 87 -19.49 47.65 -46.28
CA SER A 87 -20.22 47.99 -47.49
C SER A 87 -21.72 48.15 -47.23
N ASN A 88 -22.31 49.18 -47.84
CA ASN A 88 -23.75 49.37 -47.81
C ASN A 88 -24.30 49.67 -49.19
N ASN A 89 -25.49 50.27 -49.25
CA ASN A 89 -26.14 50.56 -50.52
C ASN A 89 -25.47 51.72 -51.28
N VAL A 90 -24.98 52.71 -50.54
CA VAL A 90 -24.43 53.91 -51.14
C VAL A 90 -22.97 53.73 -51.57
N GLY A 91 -22.21 52.98 -50.79
CA GLY A 91 -20.80 52.79 -51.07
C GLY A 91 -20.19 51.52 -50.50
N GLU A 92 -18.89 51.36 -50.73
CA GLU A 92 -18.14 50.22 -50.22
C GLU A 92 -16.69 50.60 -49.96
N ILE A 93 -16.23 50.35 -48.73
CA ILE A 93 -14.86 50.67 -48.36
C ILE A 93 -14.17 49.46 -47.72
N SER A 94 -12.84 49.48 -47.72
CA SER A 94 -12.07 48.38 -47.17
C SER A 94 -10.66 48.80 -46.73
N VAL A 95 -10.16 48.16 -45.68
CA VAL A 95 -8.81 48.41 -45.19
C VAL A 95 -8.14 47.08 -44.84
N SER A 96 -6.85 46.97 -45.13
CA SER A 96 -6.13 45.72 -44.90
C SER A 96 -5.21 45.79 -43.68
N THR A 97 -4.94 44.65 -43.07
CA THR A 97 -4.05 44.56 -41.93
C THR A 97 -3.33 43.21 -41.89
N ARG A 98 -2.15 43.19 -41.30
CA ARG A 98 -1.35 41.97 -41.24
C ARG A 98 -1.39 41.30 -39.86
N LEU A 99 -1.43 39.98 -39.86
CA LEU A 99 -1.40 39.22 -38.63
C LEU A 99 -0.14 38.37 -38.54
N THR A 100 0.59 38.51 -37.45
CA THR A 100 1.82 37.76 -37.24
C THR A 100 1.68 36.80 -36.08
N VAL A 101 1.86 35.50 -36.35
CA VAL A 101 1.74 34.47 -35.33
C VAL A 101 3.10 33.83 -35.05
N LEU A 102 3.71 34.23 -33.95
CA LEU A 102 5.02 33.69 -33.57
C LEU A 102 4.87 32.35 -32.87
N ARG A 103 5.75 31.42 -33.19
CA ARG A 103 5.74 30.09 -32.58
C ARG A 103 6.37 30.15 -31.19
N GLU A 104 6.28 29.03 -30.47
CA GLU A 104 6.80 28.96 -29.10
C GLU A 104 8.31 29.13 -29.05
N ASP A 105 8.99 28.83 -30.16
CA ASP A 105 10.44 28.95 -30.22
C ASP A 105 10.88 30.31 -30.79
N GLN A 106 9.92 31.20 -31.02
CA GLN A 106 10.21 32.52 -31.58
C GLN A 106 9.94 33.66 -30.61
N ILE A 107 9.52 33.33 -29.39
CA ILE A 107 9.19 34.35 -28.40
C ILE A 107 10.43 35.17 -27.99
N PRO A 108 10.39 36.49 -28.26
CA PRO A 108 11.48 37.41 -27.95
C PRO A 108 11.61 37.71 -26.45
N ARG A 109 12.77 38.19 -26.05
CA ARG A 109 13.00 38.58 -24.66
C ARG A 109 12.36 39.94 -24.37
N GLY A 110 11.26 39.92 -23.63
CA GLY A 110 10.55 41.15 -23.32
C GLY A 110 9.12 41.10 -23.85
N PHE A 111 8.68 39.90 -24.20
CA PHE A 111 7.32 39.70 -24.68
C PHE A 111 6.35 39.76 -23.51
N PRO A 112 5.16 40.35 -23.74
CA PRO A 112 4.12 40.48 -22.71
C PRO A 112 3.85 39.18 -21.96
N THR A 113 3.82 39.24 -20.63
CA THR A 113 3.58 38.07 -19.81
C THR A 113 2.53 38.35 -18.74
N ILE A 114 1.55 37.47 -18.64
CA ILE A 114 0.49 37.62 -17.64
C ILE A 114 0.98 37.20 -16.26
N ASP A 115 1.40 38.17 -15.46
CA ASP A 115 1.85 37.90 -14.11
C ASP A 115 0.69 37.46 -13.23
N MET A 116 -0.49 38.01 -13.51
CA MET A 116 -1.70 37.64 -12.79
C MET A 116 -2.93 37.85 -13.67
N GLY A 117 -3.62 36.76 -13.96
CA GLY A 117 -4.81 36.83 -14.79
C GLY A 117 -6.07 37.01 -13.96
N PRO A 118 -7.18 37.36 -14.62
CA PRO A 118 -8.45 37.54 -13.92
C PRO A 118 -9.04 36.23 -13.44
N GLN A 119 -9.37 36.17 -12.15
CA GLN A 119 -10.00 34.98 -11.59
C GLN A 119 -11.51 35.15 -11.52
N LEU A 120 -12.22 34.04 -11.30
CA LEU A 120 -13.67 34.06 -11.22
C LEU A 120 -14.14 34.94 -10.08
N LYS A 121 -15.07 35.84 -10.37
CA LYS A 121 -15.61 36.73 -9.37
C LYS A 121 -17.14 36.78 -9.42
N VAL A 122 -17.76 36.98 -8.26
CA VAL A 122 -19.21 37.10 -8.15
C VAL A 122 -19.58 38.26 -7.25
N VAL A 123 -20.29 39.23 -7.80
CA VAL A 123 -20.73 40.39 -7.04
C VAL A 123 -22.24 40.55 -7.14
N GLU A 124 -22.86 40.96 -6.04
CA GLU A 124 -24.30 41.19 -6.02
C GLU A 124 -24.66 42.42 -6.81
N ARG A 125 -25.94 42.55 -7.15
CA ARG A 125 -26.43 43.65 -7.98
C ARG A 125 -26.20 45.02 -7.32
N THR A 126 -25.94 46.02 -8.15
CA THR A 126 -25.68 47.39 -7.70
C THR A 126 -24.53 47.48 -6.70
N ARG A 127 -23.45 46.76 -6.99
CA ARG A 127 -22.25 46.80 -6.16
C ARG A 127 -21.01 46.87 -7.06
N THR A 128 -19.88 47.25 -6.48
CA THR A 128 -18.65 47.42 -7.25
C THR A 128 -17.97 46.09 -7.56
N ALA A 129 -17.70 45.86 -8.84
CA ALA A 129 -16.98 44.69 -9.29
C ALA A 129 -15.58 45.08 -9.72
N THR A 130 -14.60 44.24 -9.41
CA THR A 130 -13.21 44.55 -9.72
C THR A 130 -12.47 43.37 -10.34
N MET A 131 -12.41 43.34 -11.66
CA MET A 131 -11.63 42.35 -12.38
C MET A 131 -10.17 42.77 -12.38
N LEU A 132 -9.29 41.88 -11.93
CA LEU A 132 -7.89 42.22 -11.76
C LEU A 132 -7.01 41.64 -12.87
N CYS A 133 -5.92 42.34 -13.16
CA CYS A 133 -4.96 41.89 -14.16
C CYS A 133 -3.62 42.59 -13.99
N ALA A 134 -2.55 41.94 -14.43
CA ALA A 134 -1.21 42.52 -14.37
C ALA A 134 -0.37 42.01 -15.53
N ALA A 135 0.63 42.79 -15.92
CA ALA A 135 1.48 42.42 -17.06
C ALA A 135 2.90 42.96 -16.91
N SER A 136 3.81 42.44 -17.72
CA SER A 136 5.20 42.87 -17.72
C SER A 136 5.84 42.66 -19.09
N GLY A 137 6.97 43.31 -19.32
CA GLY A 137 7.68 43.18 -20.57
C GLY A 137 8.42 44.44 -20.97
N ASN A 138 9.01 44.42 -22.16
CA ASN A 138 9.75 45.56 -22.67
C ASN A 138 9.33 45.92 -24.09
N PRO A 139 8.68 47.09 -24.25
CA PRO A 139 8.36 48.05 -23.18
C PRO A 139 7.13 47.64 -22.39
N ASP A 140 6.74 48.46 -21.41
CA ASP A 140 5.59 48.19 -20.57
C ASP A 140 4.30 48.14 -21.38
N PRO A 141 3.67 46.96 -21.44
CA PRO A 141 2.43 46.75 -22.21
C PRO A 141 1.22 47.38 -21.52
N GLU A 142 0.24 47.80 -22.32
CA GLU A 142 -1.00 48.38 -21.79
C GLU A 142 -2.09 47.33 -21.74
N ILE A 143 -3.07 47.53 -20.86
CA ILE A 143 -4.09 46.52 -20.60
C ILE A 143 -5.43 46.84 -21.26
N THR A 144 -5.95 45.87 -22.01
CA THR A 144 -7.27 45.99 -22.63
C THR A 144 -8.13 44.79 -22.25
N TRP A 145 -9.42 45.03 -22.01
CA TRP A 145 -10.32 43.97 -21.60
C TRP A 145 -11.27 43.54 -22.71
N PHE A 146 -11.73 42.29 -22.64
CA PHE A 146 -12.62 41.74 -23.65
C PHE A 146 -13.78 40.96 -23.03
N LYS A 147 -14.93 41.61 -22.91
CA LYS A 147 -16.13 40.96 -22.39
C LYS A 147 -16.95 40.36 -23.52
N ASP A 148 -17.22 39.05 -23.42
CA ASP A 148 -18.01 38.33 -24.41
C ASP A 148 -17.43 38.49 -25.81
N PHE A 149 -16.12 38.33 -25.93
CA PHE A 149 -15.39 38.42 -27.20
C PHE A 149 -15.48 39.81 -27.83
N LEU A 150 -15.94 40.78 -27.05
CA LEU A 150 -16.07 42.16 -27.50
C LEU A 150 -15.23 43.09 -26.62
N PRO A 151 -14.64 44.14 -27.24
CA PRO A 151 -13.82 45.10 -26.50
C PRO A 151 -14.65 45.94 -25.52
N VAL A 152 -14.08 46.21 -24.35
CA VAL A 152 -14.78 46.99 -23.33
C VAL A 152 -14.52 48.48 -23.51
N ASP A 153 -15.60 49.27 -23.53
CA ASP A 153 -15.51 50.71 -23.72
C ASP A 153 -15.05 51.40 -22.44
N THR A 154 -13.75 51.62 -22.33
CA THR A 154 -13.18 52.31 -21.17
C THR A 154 -12.52 53.61 -21.61
N SER A 155 -13.22 54.36 -22.45
CA SER A 155 -12.71 55.61 -23.00
C SER A 155 -12.50 56.68 -21.94
N ASN A 156 -13.56 57.05 -21.24
CA ASN A 156 -13.49 58.11 -20.25
C ASN A 156 -14.24 57.76 -18.97
N ASN A 157 -13.99 58.53 -17.91
CA ASN A 157 -14.65 58.33 -16.63
C ASN A 157 -16.14 58.65 -16.70
N ASN A 158 -16.94 57.64 -17.08
CA ASN A 158 -18.39 57.82 -17.18
C ASN A 158 -19.07 57.59 -15.84
N GLY A 159 -18.69 56.52 -15.15
CA GLY A 159 -19.27 56.20 -13.86
C GLY A 159 -19.60 54.72 -13.72
N ARG A 160 -19.70 54.03 -14.85
CA ARG A 160 -20.04 52.62 -14.85
C ARG A 160 -18.81 51.73 -14.88
N ILE A 161 -18.06 51.78 -15.98
CA ILE A 161 -16.88 50.95 -16.15
C ILE A 161 -15.62 51.80 -16.30
N LYS A 162 -14.72 51.69 -15.33
CA LYS A 162 -13.50 52.49 -15.34
C LYS A 162 -12.25 51.62 -15.25
N GLN A 163 -11.21 52.00 -15.99
CA GLN A 163 -9.92 51.35 -15.88
C GLN A 163 -9.05 52.09 -14.86
N LEU A 164 -8.43 51.36 -13.95
CA LEU A 164 -7.68 51.96 -12.85
C LEU A 164 -6.27 52.36 -13.24
N ARG A 165 -5.83 53.51 -12.74
CA ARG A 165 -4.47 53.98 -12.96
C ARG A 165 -3.98 54.76 -11.73
N SER A 166 -2.70 54.64 -11.42
CA SER A 166 -2.12 55.33 -10.27
C SER A 166 -1.85 56.80 -10.58
N ARG A 175 -1.47 48.36 -12.14
CA ARG A 175 -2.69 47.64 -11.83
C ARG A 175 -3.87 48.18 -12.64
N GLY A 176 -4.01 47.72 -13.88
CA GLY A 176 -5.10 48.17 -14.72
C GLY A 176 -6.33 47.29 -14.55
N ALA A 177 -6.96 47.40 -13.38
CA ALA A 177 -8.15 46.62 -13.08
C ALA A 177 -9.36 47.13 -13.84
N LEU A 178 -10.49 46.45 -13.67
CA LEU A 178 -11.72 46.82 -14.35
C LEU A 178 -12.82 47.08 -13.34
N GLN A 179 -12.78 48.25 -12.71
CA GLN A 179 -13.76 48.61 -11.68
C GLN A 179 -15.14 48.87 -12.27
N ILE A 180 -16.06 47.94 -12.04
CA ILE A 180 -17.43 48.08 -12.50
C ILE A 180 -18.36 48.45 -11.35
N GLU A 181 -18.63 49.74 -11.20
CA GLU A 181 -19.52 50.22 -10.15
C GLU A 181 -20.97 50.05 -10.56
N GLN A 182 -21.84 49.79 -9.58
CA GLN A 182 -23.25 49.54 -9.82
C GLN A 182 -23.46 48.43 -10.84
N SER A 183 -23.17 47.20 -10.43
CA SER A 183 -23.29 46.04 -11.30
C SER A 183 -24.74 45.74 -11.64
N GLU A 184 -24.97 45.10 -12.78
CA GLU A 184 -26.32 44.78 -13.23
C GLU A 184 -26.35 43.45 -13.98
N GLU A 185 -27.52 43.10 -14.50
CA GLU A 185 -27.72 41.84 -15.20
C GLU A 185 -26.86 41.71 -16.46
N SER A 186 -26.69 42.81 -17.17
CA SER A 186 -25.97 42.81 -18.43
C SER A 186 -24.46 42.59 -18.24
N ASP A 187 -23.99 42.75 -17.02
CA ASP A 187 -22.56 42.62 -16.72
C ASP A 187 -22.11 41.17 -16.70
N GLN A 188 -23.05 40.23 -16.68
CA GLN A 188 -22.71 38.82 -16.68
C GLN A 188 -22.14 38.39 -18.02
N GLY A 189 -20.99 37.72 -17.98
CA GLY A 189 -20.33 37.26 -19.19
C GLY A 189 -18.91 36.79 -18.94
N LYS A 190 -18.15 36.65 -20.03
CA LYS A 190 -16.77 36.18 -19.92
C LYS A 190 -15.78 37.34 -20.13
N TYR A 191 -15.05 37.67 -19.06
CA TYR A 191 -14.10 38.78 -19.12
C TYR A 191 -12.68 38.29 -19.34
N GLU A 192 -12.09 38.70 -20.45
CA GLU A 192 -10.72 38.32 -20.80
C GLU A 192 -9.76 39.50 -20.67
N CYS A 193 -8.52 39.21 -20.30
CA CYS A 193 -7.50 40.25 -20.15
C CYS A 193 -6.48 40.17 -21.28
N VAL A 194 -6.11 41.33 -21.82
CA VAL A 194 -5.20 41.39 -22.96
C VAL A 194 -4.06 42.38 -22.75
N ALA A 195 -2.83 41.91 -22.90
CA ALA A 195 -1.65 42.77 -22.81
C ALA A 195 -1.01 42.94 -24.18
N THR A 196 -0.56 44.15 -24.47
CA THR A 196 -0.02 44.46 -25.80
C THR A 196 1.08 45.52 -25.75
N ASN A 197 2.18 45.25 -26.42
CA ASN A 197 3.24 46.24 -26.61
C ASN A 197 3.75 46.24 -28.04
N SER A 198 4.95 46.76 -28.26
CA SER A 198 5.55 46.79 -29.58
C SER A 198 6.03 45.41 -30.00
N ALA A 199 6.25 44.54 -29.02
CA ALA A 199 6.74 43.19 -29.29
C ALA A 199 5.64 42.27 -29.80
N GLY A 200 4.46 42.37 -29.20
CA GLY A 200 3.33 41.54 -29.60
C GLY A 200 2.12 41.64 -28.69
N THR A 201 1.25 40.64 -28.78
CA THR A 201 0.01 40.62 -28.01
C THR A 201 -0.23 39.27 -27.36
N ARG A 202 -0.57 39.28 -26.07
CA ARG A 202 -0.86 38.05 -25.35
C ARG A 202 -2.18 38.16 -24.57
N TYR A 203 -3.01 37.13 -24.67
CA TYR A 203 -4.27 37.08 -23.94
C TYR A 203 -4.12 36.32 -22.62
N SER A 204 -5.04 36.57 -21.69
CA SER A 204 -5.01 35.89 -20.40
C SER A 204 -6.16 34.90 -20.27
N ALA A 205 -6.18 34.18 -19.15
CA ALA A 205 -7.22 33.19 -18.89
C ALA A 205 -8.57 33.86 -18.63
N PRO A 206 -9.63 33.33 -19.26
CA PRO A 206 -11.00 33.83 -19.11
C PRO A 206 -11.48 33.80 -17.66
N ALA A 207 -12.49 34.61 -17.34
CA ALA A 207 -13.03 34.68 -16.00
C ALA A 207 -14.51 35.07 -16.02
N ASN A 208 -15.37 34.10 -15.71
CA ASN A 208 -16.81 34.33 -15.71
C ASN A 208 -17.26 35.23 -14.56
N LEU A 209 -18.08 36.21 -14.87
CA LEU A 209 -18.63 37.11 -13.85
C LEU A 209 -20.13 36.90 -13.68
N TYR A 210 -20.55 36.63 -12.46
CA TYR A 210 -21.96 36.40 -12.17
C TYR A 210 -22.51 37.47 -11.24
N VAL A 211 -23.75 37.91 -11.51
CA VAL A 211 -24.37 38.93 -10.69
C VAL A 211 -25.64 38.39 -10.02
N ARG A 212 -25.66 38.45 -8.69
CA ARG A 212 -26.78 37.93 -7.92
C ARG A 212 -27.58 39.06 -7.28
N GLU A 213 -28.71 38.71 -6.67
CA GLU A 213 -29.55 39.70 -6.00
C GLU A 213 -28.86 40.23 -4.74
N LEU A 214 -29.36 41.35 -4.23
CA LEU A 214 -28.79 41.94 -3.03
C LEU A 214 -29.14 41.14 -1.78
N ARG A 215 -28.12 40.78 -1.01
CA ARG A 215 -28.32 40.01 0.22
C ARG A 215 -28.49 40.95 1.41
N GLU A 216 -29.73 41.12 1.85
CA GLU A 216 -30.04 42.01 2.96
C GLU A 216 -29.55 41.46 4.30
N VAL A 217 -28.25 41.55 4.54
CA VAL A 217 -27.69 41.11 5.82
C VAL A 217 -27.22 42.28 6.68
N ARG A 218 -27.52 42.20 7.97
CA ARG A 218 -27.14 43.23 8.92
C ARG A 218 -25.64 43.20 9.21
N ARG A 219 -24.95 44.29 8.91
CA ARG A 219 -23.53 44.39 9.16
C ARG A 219 -23.25 44.93 10.56
N VAL A 220 -22.85 44.05 11.46
CA VAL A 220 -22.58 44.42 12.85
C VAL A 220 -21.13 44.10 13.25
N PRO A 221 -20.40 45.12 13.70
CA PRO A 221 -19.01 45.00 14.17
C PRO A 221 -18.82 43.93 15.24
N PRO A 222 -17.60 43.41 15.40
CA PRO A 222 -17.30 42.36 16.37
C PRO A 222 -17.62 42.77 17.81
N ARG A 223 -18.14 41.84 18.59
CA ARG A 223 -18.51 42.11 19.98
C ARG A 223 -18.36 40.86 20.85
N PHE A 224 -17.70 41.02 21.99
CA PHE A 224 -17.46 39.90 22.90
C PHE A 224 -18.74 39.44 23.59
N SER A 225 -19.20 38.24 23.23
CA SER A 225 -20.36 37.65 23.88
C SER A 225 -19.99 37.18 25.29
N ILE A 226 -18.89 36.44 25.39
CA ILE A 226 -18.38 35.98 26.68
C ILE A 226 -16.94 36.42 26.86
N PRO A 227 -16.73 37.52 27.59
CA PRO A 227 -15.39 38.06 27.85
C PRO A 227 -14.54 37.11 28.69
N PRO A 228 -13.21 37.16 28.52
CA PRO A 228 -12.28 36.31 29.26
C PRO A 228 -12.26 36.63 30.75
N THR A 229 -12.76 35.71 31.57
CA THR A 229 -12.83 35.91 33.01
C THR A 229 -11.46 35.72 33.67
N ASN A 230 -11.21 36.50 34.73
CA ASN A 230 -9.94 36.43 35.44
C ASN A 230 -9.79 35.12 36.19
N HIS A 231 -8.53 34.70 36.41
CA HIS A 231 -8.26 33.44 37.10
C HIS A 231 -7.01 33.50 37.96
N GLU A 232 -6.96 32.65 38.98
CA GLU A 232 -5.80 32.53 39.86
C GLU A 232 -5.43 31.07 40.04
N ILE A 233 -4.30 30.66 39.46
CA ILE A 233 -3.91 29.26 39.46
C ILE A 233 -2.55 29.05 40.15
N MET A 234 -2.41 27.91 40.82
CA MET A 234 -1.17 27.55 41.48
C MET A 234 -0.05 27.29 40.48
N PRO A 235 1.22 27.50 40.90
CA PRO A 235 2.40 27.30 40.06
C PRO A 235 2.45 25.92 39.40
N GLY A 236 2.67 25.90 38.09
CA GLY A 236 2.76 24.65 37.35
C GLY A 236 1.42 23.94 37.22
N GLY A 237 0.36 24.71 36.98
CA GLY A 237 -0.96 24.15 36.84
C GLY A 237 -1.50 24.28 35.44
N SER A 238 -2.82 24.29 35.32
CA SER A 238 -3.48 24.42 34.02
C SER A 238 -4.82 25.14 34.15
N VAL A 239 -5.24 25.80 33.08
CA VAL A 239 -6.47 26.57 33.10
C VAL A 239 -7.05 26.73 31.70
N ASN A 240 -8.35 26.47 31.57
CA ASN A 240 -9.05 26.69 30.31
C ASN A 240 -9.67 28.09 30.30
N ILE A 241 -9.04 29.02 29.60
CA ILE A 241 -9.63 30.35 29.46
C ILE A 241 -10.42 30.46 28.16
N THR A 242 -11.64 30.98 28.26
CA THR A 242 -12.54 31.04 27.12
C THR A 242 -12.83 32.47 26.68
N CYS A 243 -12.86 32.69 25.37
CA CYS A 243 -13.21 33.99 24.81
C CYS A 243 -14.17 33.81 23.64
N VAL A 244 -15.34 34.43 23.74
CA VAL A 244 -16.37 34.29 22.71
C VAL A 244 -16.80 35.64 22.15
N ALA A 245 -16.79 35.74 20.82
CA ALA A 245 -17.24 36.96 20.15
C ALA A 245 -18.32 36.63 19.11
N VAL A 246 -19.25 37.57 18.91
CA VAL A 246 -20.34 37.36 17.97
C VAL A 246 -20.53 38.58 17.07
N GLY A 247 -21.36 38.43 16.05
CA GLY A 247 -21.65 39.52 15.13
C GLY A 247 -21.60 39.09 13.67
N SER A 248 -22.07 39.96 12.79
CA SER A 248 -22.05 39.69 11.36
C SER A 248 -21.25 40.74 10.61
N PRO A 249 -20.16 40.33 9.94
CA PRO A 249 -19.71 38.93 9.85
C PRO A 249 -18.99 38.46 11.11
N MET A 250 -18.95 37.15 11.31
CA MET A 250 -18.30 36.55 12.47
C MET A 250 -16.81 36.83 12.49
N PRO A 251 -16.27 37.25 13.65
CA PRO A 251 -14.86 37.59 13.79
C PRO A 251 -13.98 36.40 14.11
N TYR A 252 -12.72 36.47 13.70
CA TYR A 252 -11.74 35.42 13.98
C TYR A 252 -11.00 35.72 15.28
N VAL A 253 -11.25 34.90 16.31
CA VAL A 253 -10.68 35.14 17.63
C VAL A 253 -9.35 34.42 17.83
N LYS A 254 -8.34 35.16 18.29
CA LYS A 254 -7.02 34.60 18.55
C LYS A 254 -6.53 34.98 19.93
N TRP A 255 -5.28 34.61 20.25
CA TRP A 255 -4.70 34.94 21.54
C TRP A 255 -3.28 35.48 21.41
N MET A 256 -2.97 36.50 22.19
CA MET A 256 -1.63 37.10 22.20
C MET A 256 -1.18 37.40 23.62
N LEU A 257 0.12 37.29 23.86
CA LEU A 257 0.69 37.65 25.15
C LEU A 257 1.35 39.02 25.07
N GLY A 258 0.79 39.89 24.23
CA GLY A 258 1.36 41.20 24.02
C GLY A 258 2.29 41.27 22.83
N ALA A 259 3.32 40.44 22.82
CA ALA A 259 4.30 40.43 21.73
C ALA A 259 4.18 39.18 20.86
N GLU A 260 3.95 38.04 21.49
CA GLU A 260 3.91 36.76 20.79
C GLU A 260 2.48 36.24 20.63
N ASP A 261 2.26 35.46 19.56
CA ASP A 261 0.98 34.81 19.34
C ASP A 261 1.13 33.31 19.53
N LEU A 262 0.04 32.64 19.89
CA LEU A 262 0.08 31.22 20.17
C LEU A 262 -0.42 30.36 19.00
N THR A 263 -1.64 30.66 18.55
CA THR A 263 -2.27 29.88 17.48
C THR A 263 -1.59 30.11 16.13
N PRO A 264 -1.49 29.05 15.32
CA PRO A 264 -0.96 29.20 13.96
C PRO A 264 -1.95 29.96 13.08
N GLU A 265 -1.45 30.69 12.09
CA GLU A 265 -2.32 31.52 11.26
C GLU A 265 -3.16 30.70 10.29
N ASP A 266 -2.92 29.39 10.28
CA ASP A 266 -3.70 28.47 9.46
C ASP A 266 -4.91 27.96 10.23
N ASP A 267 -4.75 27.81 11.54
CA ASP A 267 -5.83 27.32 12.39
C ASP A 267 -6.34 28.39 13.35
N MET A 268 -7.30 29.18 12.88
CA MET A 268 -7.93 30.20 13.70
C MET A 268 -9.43 29.95 13.78
N PRO A 269 -9.95 29.77 15.00
CA PRO A 269 -11.37 29.45 15.19
C PRO A 269 -12.28 30.64 14.90
N ILE A 270 -13.57 30.37 14.72
CA ILE A 270 -14.52 31.42 14.40
C ILE A 270 -15.51 31.65 15.54
N GLY A 271 -15.50 32.87 16.09
CA GLY A 271 -16.44 33.25 17.13
C GLY A 271 -16.02 32.84 18.53
N ARG A 272 -15.49 31.63 18.66
CA ARG A 272 -15.11 31.09 19.97
C ARG A 272 -13.68 30.55 19.97
N ASN A 273 -12.86 31.10 20.86
CA ASN A 273 -11.49 30.62 21.02
C ASN A 273 -11.21 30.31 22.48
N VAL A 274 -10.86 29.06 22.76
CA VAL A 274 -10.51 28.63 24.10
C VAL A 274 -9.03 28.26 24.19
N LEU A 275 -8.29 29.03 24.96
CA LEU A 275 -6.86 28.79 25.12
C LEU A 275 -6.61 27.81 26.28
N GLU A 276 -5.98 26.69 25.97
CA GLU A 276 -5.69 25.68 26.97
C GLU A 276 -4.24 25.79 27.44
N LEU A 277 -4.06 26.42 28.59
CA LEU A 277 -2.74 26.65 29.15
C LEU A 277 -2.24 25.46 29.96
N ASN A 278 -0.93 25.38 30.13
CA ASN A 278 -0.30 24.32 30.90
C ASN A 278 1.05 24.76 31.45
N ASP A 279 1.37 24.29 32.66
CA ASP A 279 2.61 24.65 33.33
C ASP A 279 2.76 26.17 33.45
N VAL A 280 1.91 26.77 34.29
CA VAL A 280 1.95 28.20 34.52
C VAL A 280 3.08 28.54 35.49
N ARG A 281 4.12 29.19 34.98
CA ARG A 281 5.31 29.46 35.77
C ARG A 281 5.31 30.86 36.39
N GLN A 282 4.91 31.86 35.62
CA GLN A 282 4.93 33.25 36.09
C GLN A 282 3.61 33.97 35.76
N SER A 283 3.22 34.91 36.64
CA SER A 283 2.00 35.69 36.42
C SER A 283 2.17 36.62 35.23
N ALA A 284 1.15 36.68 34.38
CA ALA A 284 1.19 37.53 33.19
C ALA A 284 -0.20 37.77 32.62
N ASN A 285 -0.35 38.82 31.83
CA ASN A 285 -1.63 39.12 31.19
C ASN A 285 -1.68 38.60 29.76
N TYR A 286 -2.75 37.89 29.43
CA TYR A 286 -2.95 37.40 28.07
C TYR A 286 -4.08 38.18 27.40
N THR A 287 -3.86 38.57 26.14
CA THR A 287 -4.83 39.39 25.42
C THR A 287 -5.63 38.56 24.42
N CYS A 288 -6.95 38.72 24.46
CA CYS A 288 -7.84 38.02 23.55
C CYS A 288 -8.34 38.98 22.47
N VAL A 289 -7.92 38.75 21.24
CA VAL A 289 -8.26 39.65 20.14
C VAL A 289 -9.17 38.98 19.10
N ALA A 290 -10.34 39.59 18.89
CA ALA A 290 -11.26 39.13 17.87
C ALA A 290 -11.34 40.16 16.75
N MET A 291 -11.29 39.70 15.50
CA MET A 291 -11.25 40.62 14.38
C MET A 291 -12.09 40.16 13.18
N SER A 292 -12.93 41.05 12.68
CA SER A 292 -13.69 40.80 11.47
C SER A 292 -13.37 41.88 10.43
N THR A 293 -14.23 42.00 9.42
CA THR A 293 -14.03 43.01 8.38
C THR A 293 -14.52 44.38 8.85
N LEU A 294 -15.09 44.42 10.05
CA LEU A 294 -15.64 45.67 10.59
C LEU A 294 -14.86 46.19 11.79
N GLY A 295 -13.56 45.93 11.79
CA GLY A 295 -12.69 46.44 12.84
C GLY A 295 -12.07 45.37 13.71
N VAL A 296 -11.26 45.82 14.67
CA VAL A 296 -10.55 44.90 15.57
C VAL A 296 -10.78 45.29 17.03
N ILE A 297 -11.25 44.34 17.83
CA ILE A 297 -11.47 44.57 19.25
C ILE A 297 -10.52 43.73 20.10
N GLU A 298 -10.30 44.15 21.35
CA GLU A 298 -9.37 43.46 22.23
C GLU A 298 -9.97 43.21 23.61
N ALA A 299 -9.38 42.27 24.34
CA ALA A 299 -9.82 41.95 25.69
C ALA A 299 -8.66 41.34 26.48
N ILE A 300 -8.65 41.55 27.79
CA ILE A 300 -7.56 41.08 28.63
C ILE A 300 -8.03 40.06 29.67
N ALA A 301 -7.30 38.96 29.78
CA ALA A 301 -7.58 37.94 30.77
C ALA A 301 -6.52 37.98 31.87
N GLN A 302 -6.96 38.15 33.12
CA GLN A 302 -6.03 38.26 34.23
C GLN A 302 -5.69 36.88 34.79
N ILE A 303 -4.45 36.46 34.56
CA ILE A 303 -3.96 35.19 35.08
C ILE A 303 -2.83 35.42 36.08
N THR A 304 -3.13 35.26 37.36
CA THR A 304 -2.16 35.52 38.41
C THR A 304 -1.79 34.26 39.19
N VAL A 305 -0.50 34.12 39.49
CA VAL A 305 0.03 32.98 40.22
C VAL A 305 0.08 33.28 41.72
N LYS A 306 -0.53 32.42 42.52
CA LYS A 306 -0.50 32.60 43.96
C LYS A 306 0.85 32.15 44.52
N ALA A 307 1.47 33.02 45.30
CA ALA A 307 2.81 32.80 45.82
C ALA A 307 2.80 32.65 47.35
N LEU A 308 3.99 32.52 47.92
CA LEU A 308 4.15 32.37 49.36
C LEU A 308 3.61 33.60 50.08
N PRO A 309 3.06 33.38 51.30
CA PRO A 309 2.45 34.45 52.10
C PRO A 309 3.41 35.54 52.51
N LYS A 310 2.91 36.77 52.56
CA LYS A 310 3.68 37.91 53.04
C LYS A 310 3.74 37.87 54.57
N PRO A 311 4.79 38.48 55.16
CA PRO A 311 4.90 38.49 56.61
C PRO A 311 3.73 39.20 57.28
N PRO A 312 3.09 38.54 58.26
CA PRO A 312 1.91 39.05 58.96
C PRO A 312 2.20 40.34 59.72
N GLY A 313 1.16 40.96 60.27
CA GLY A 313 1.34 42.16 61.07
C GLY A 313 2.17 41.86 62.31
N THR A 314 2.94 42.84 62.77
CA THR A 314 3.78 42.67 63.94
C THR A 314 2.96 42.33 65.16
N PRO A 315 3.24 41.17 65.78
CA PRO A 315 2.50 40.68 66.95
C PRO A 315 2.56 41.65 68.12
N VAL A 316 1.42 41.90 68.76
CA VAL A 316 1.34 42.83 69.88
C VAL A 316 0.86 42.11 71.14
N VAL A 317 1.58 42.32 72.24
CA VAL A 317 1.23 41.71 73.52
C VAL A 317 -0.04 42.32 74.09
N THR A 318 -1.16 41.60 73.91
CA THR A 318 -2.45 42.06 74.43
C THR A 318 -2.59 41.71 75.90
N GLU A 319 -2.24 40.47 76.24
CA GLU A 319 -2.28 40.02 77.63
C GLU A 319 -0.90 39.50 78.05
N SER A 320 -0.56 39.68 79.32
CA SER A 320 0.74 39.25 79.82
C SER A 320 0.70 38.92 81.30
N THR A 321 1.10 37.69 81.65
CA THR A 321 1.15 37.27 83.04
C THR A 321 2.57 36.89 83.42
N ALA A 322 2.72 36.10 84.48
CA ALA A 322 4.02 35.66 84.94
C ALA A 322 4.58 34.52 84.09
N THR A 323 3.69 33.62 83.68
CA THR A 323 4.11 32.43 82.93
C THR A 323 3.32 32.22 81.64
N SER A 324 2.70 33.28 81.14
CA SER A 324 1.92 33.18 79.91
C SER A 324 1.81 34.53 79.20
N ILE A 325 1.90 34.50 77.87
CA ILE A 325 1.81 35.71 77.06
C ILE A 325 0.92 35.50 75.83
N THR A 326 -0.11 36.33 75.69
CA THR A 326 -1.04 36.21 74.58
C THR A 326 -0.62 37.09 73.41
N LEU A 327 -0.64 36.53 72.20
CA LEU A 327 -0.25 37.27 71.00
C LEU A 327 -1.43 37.52 70.08
N THR A 328 -1.47 38.71 69.49
CA THR A 328 -2.47 39.06 68.48
C THR A 328 -1.80 39.77 67.30
N TRP A 329 -2.28 39.49 66.09
CA TRP A 329 -1.68 40.07 64.90
C TRP A 329 -2.65 40.13 63.73
N ASP A 330 -2.30 40.92 62.72
CA ASP A 330 -3.08 41.02 61.49
C ASP A 330 -2.63 39.96 60.48
N SER A 331 -3.54 39.55 59.60
CA SER A 331 -3.23 38.54 58.59
C SER A 331 -2.11 38.99 57.66
N GLY A 332 -2.17 40.24 57.21
CA GLY A 332 -1.16 40.78 56.32
C GLY A 332 -1.16 40.13 54.95
N ASN A 333 -2.30 39.54 54.59
CA ASN A 333 -2.42 38.84 53.31
C ASN A 333 -3.79 38.99 52.66
N PRO A 334 -3.81 39.23 51.34
CA PRO A 334 -5.06 39.30 50.59
C PRO A 334 -5.71 37.93 50.46
N GLU A 335 -4.89 36.89 50.29
CA GLU A 335 -5.37 35.52 50.21
C GLU A 335 -5.49 34.92 51.61
N PRO A 336 -6.48 34.03 51.82
CA PRO A 336 -6.71 33.40 53.12
C PRO A 336 -5.51 32.59 53.60
N VAL A 337 -5.25 32.64 54.90
CA VAL A 337 -4.13 31.92 55.50
C VAL A 337 -4.61 30.68 56.24
N SER A 338 -3.98 29.55 55.97
CA SER A 338 -4.35 28.28 56.61
C SER A 338 -4.13 28.32 58.11
N TYR A 339 -2.87 28.47 58.53
CA TYR A 339 -2.53 28.54 59.93
C TYR A 339 -1.29 29.41 60.14
N TYR A 340 -0.91 29.63 61.40
CA TYR A 340 0.23 30.46 61.72
C TYR A 340 1.24 29.70 62.58
N ILE A 341 2.50 30.11 62.49
CA ILE A 341 3.56 29.47 63.26
C ILE A 341 4.31 30.52 64.09
N ILE A 342 4.23 30.38 65.41
CA ILE A 342 4.87 31.34 66.31
C ILE A 342 6.29 30.92 66.65
N GLN A 343 7.26 31.77 66.32
CA GLN A 343 8.64 31.55 66.69
C GLN A 343 8.93 32.27 68.01
N HIS A 344 9.67 31.62 68.89
CA HIS A 344 9.94 32.21 70.21
C HIS A 344 11.31 31.81 70.76
N LYS A 345 11.96 32.77 71.41
CA LYS A 345 13.26 32.55 72.03
C LYS A 345 13.51 33.65 73.05
N PRO A 346 14.41 33.39 74.03
CA PRO A 346 14.77 34.40 75.04
C PRO A 346 15.30 35.70 74.43
N LYS A 347 15.44 36.73 75.26
CA LYS A 347 15.80 38.07 74.81
C LYS A 347 17.13 38.10 74.05
N ASN A 348 18.20 37.68 74.71
CA ASN A 348 19.53 37.71 74.10
C ASN A 348 19.98 36.34 73.61
N SER A 349 19.02 35.45 73.37
CA SER A 349 19.33 34.11 72.89
C SER A 349 19.80 34.13 71.44
N GLU A 350 21.03 33.68 71.22
CA GLU A 350 21.60 33.63 69.88
C GLU A 350 21.46 32.22 69.31
N GLU A 351 20.38 31.55 69.70
CA GLU A 351 20.10 30.19 69.24
C GLU A 351 18.90 30.18 68.29
N PRO A 352 18.82 29.18 67.40
CA PRO A 352 17.69 29.04 66.47
C PRO A 352 16.33 29.08 67.16
N TYR A 353 15.35 29.66 66.49
CA TYR A 353 14.01 29.82 67.06
C TYR A 353 13.30 28.50 67.29
N LYS A 354 12.38 28.50 68.25
CA LYS A 354 11.49 27.37 68.48
C LYS A 354 10.12 27.71 67.91
N GLU A 355 9.51 26.76 67.21
CA GLU A 355 8.26 27.04 66.51
C GLU A 355 7.06 26.28 67.10
N ILE A 356 5.93 26.98 67.18
CA ILE A 356 4.67 26.39 67.62
C ILE A 356 3.75 26.20 66.43
N ASP A 357 3.58 24.96 66.00
CA ASP A 357 2.80 24.65 64.80
C ASP A 357 1.36 24.27 65.14
N GLY A 358 0.44 24.60 64.24
CA GLY A 358 -0.95 24.24 64.40
C GLY A 358 -1.80 25.30 65.06
N ILE A 359 -1.69 26.54 64.58
CA ILE A 359 -2.50 27.63 65.10
C ILE A 359 -3.51 28.11 64.06
N ALA A 360 -4.76 27.67 64.20
CA ALA A 360 -5.78 27.95 63.21
C ALA A 360 -6.38 29.34 63.34
N THR A 361 -6.04 30.04 64.42
CA THR A 361 -6.57 31.38 64.66
C THR A 361 -5.47 32.44 64.62
N THR A 362 -5.87 33.70 64.79
CA THR A 362 -4.92 34.80 64.75
C THR A 362 -4.46 35.20 66.15
N ARG A 363 -4.66 34.30 67.10
CA ARG A 363 -4.24 34.54 68.47
C ARG A 363 -3.88 33.23 69.18
N TYR A 364 -2.81 33.26 69.97
CA TYR A 364 -2.34 32.07 70.67
C TYR A 364 -1.57 32.47 71.93
N SER A 365 -1.80 31.76 73.02
CA SER A 365 -1.15 32.06 74.29
C SER A 365 0.03 31.12 74.57
N VAL A 366 1.23 31.68 74.53
CA VAL A 366 2.44 30.92 74.81
C VAL A 366 2.69 30.78 76.31
N ALA A 367 2.43 29.60 76.86
CA ALA A 367 2.60 29.36 78.28
C ALA A 367 3.89 28.59 78.56
N GLY A 368 4.28 28.52 79.83
CA GLY A 368 5.49 27.82 80.21
C GLY A 368 6.73 28.68 80.09
N LEU A 369 6.67 29.89 80.63
CA LEU A 369 7.79 30.82 80.56
C LEU A 369 8.47 31.03 81.91
N SER A 370 9.67 31.60 81.88
CA SER A 370 10.46 31.83 83.09
C SER A 370 10.15 33.16 83.76
N PRO A 371 10.18 33.19 85.09
CA PRO A 371 9.97 34.43 85.85
C PRO A 371 11.10 35.44 85.63
N TYR A 372 10.74 36.69 85.44
CA TYR A 372 11.70 37.77 85.15
C TYR A 372 12.55 37.41 83.95
N SER A 373 11.90 37.24 82.79
CA SER A 373 12.61 36.95 81.56
C SER A 373 11.91 37.59 80.37
N ASP A 374 12.67 38.28 79.55
CA ASP A 374 12.13 38.92 78.35
C ASP A 374 12.21 37.94 77.18
N TYR A 375 11.11 37.82 76.45
CA TYR A 375 11.06 36.89 75.33
C TYR A 375 10.86 37.61 74.01
N GLU A 376 11.15 36.90 72.92
CA GLU A 376 11.00 37.45 71.58
C GLU A 376 10.07 36.56 70.76
N PHE A 377 9.06 37.17 70.15
CA PHE A 377 8.03 36.42 69.44
C PHE A 377 7.90 36.84 67.99
N ARG A 378 7.91 35.88 67.09
CA ARG A 378 7.71 36.15 65.66
C ARG A 378 6.52 35.36 65.13
N VAL A 379 5.88 35.88 64.10
CA VAL A 379 4.71 35.22 63.52
C VAL A 379 4.91 34.98 62.02
N VAL A 380 4.68 33.74 61.60
CA VAL A 380 4.87 33.37 60.21
C VAL A 380 3.56 32.86 59.60
N ALA A 381 3.26 33.28 58.38
CA ALA A 381 2.03 32.88 57.70
C ALA A 381 2.27 31.72 56.75
N VAL A 382 1.34 30.77 56.72
CA VAL A 382 1.42 29.61 55.85
C VAL A 382 0.10 29.37 55.12
N ASN A 383 0.18 29.25 53.79
CA ASN A 383 -1.02 28.99 52.99
C ASN A 383 -0.96 27.66 52.26
N ASN A 384 -1.74 27.54 51.19
CA ASN A 384 -1.78 26.31 50.40
C ASN A 384 -0.48 26.08 49.65
N ILE A 385 0.22 27.18 49.32
CA ILE A 385 1.47 27.10 48.58
C ILE A 385 2.60 26.63 49.48
N GLY A 386 2.79 27.33 50.60
CA GLY A 386 3.84 26.98 51.54
C GLY A 386 3.98 28.02 52.64
N ARG A 387 5.20 28.15 53.16
CA ARG A 387 5.47 29.09 54.25
C ARG A 387 6.25 30.31 53.79
N GLY A 388 5.74 31.49 54.13
CA GLY A 388 6.40 32.74 53.79
C GLY A 388 7.44 33.17 54.81
N PRO A 389 7.93 34.40 54.69
CA PRO A 389 8.93 34.96 55.62
C PRO A 389 8.33 35.30 56.98
N ALA A 390 9.20 35.50 57.97
CA ALA A 390 8.77 35.87 59.31
C ALA A 390 8.68 37.39 59.49
N SER A 391 7.66 37.83 60.21
CA SER A 391 7.46 39.25 60.48
C SER A 391 8.42 39.75 61.55
N GLU A 392 8.45 41.07 61.74
CA GLU A 392 9.30 41.67 62.77
C GLU A 392 8.79 41.33 64.17
N PRO A 393 9.71 40.98 65.08
CA PRO A 393 9.44 40.47 66.42
C PRO A 393 8.93 41.51 67.42
N VAL A 394 8.64 41.05 68.63
CA VAL A 394 8.17 41.92 69.71
C VAL A 394 8.77 41.49 71.05
N LEU A 395 9.31 42.45 71.79
CA LEU A 395 9.92 42.16 73.09
C LEU A 395 8.96 42.40 74.25
N THR A 396 9.30 41.83 75.41
CA THR A 396 8.47 41.95 76.60
C THR A 396 9.28 41.63 77.85
N ILE B 2 -0.59 -22.56 -35.39
CA ILE B 2 -1.22 -21.27 -35.67
C ILE B 2 -1.96 -20.77 -34.42
N CYS B 3 -2.79 -21.61 -33.85
CA CYS B 3 -3.52 -21.27 -32.64
C CYS B 3 -3.21 -22.24 -31.50
N PRO B 4 -2.93 -21.70 -30.31
CA PRO B 4 -2.57 -22.49 -29.12
C PRO B 4 -3.65 -23.48 -28.71
N LYS B 5 -3.28 -24.47 -27.89
CA LYS B 5 -4.23 -25.45 -27.38
C LYS B 5 -5.27 -24.77 -26.49
N ARG B 6 -6.45 -25.36 -26.41
CA ARG B 6 -7.57 -24.85 -25.60
C ARG B 6 -8.10 -23.51 -26.11
N CYS B 7 -7.53 -23.00 -27.19
CA CYS B 7 -7.98 -21.75 -27.78
C CYS B 7 -8.67 -21.99 -29.11
N VAL B 8 -9.78 -21.30 -29.33
CA VAL B 8 -10.53 -21.41 -30.58
C VAL B 8 -10.32 -20.19 -31.44
N CYS B 9 -9.32 -20.24 -32.32
CA CYS B 9 -9.01 -19.12 -33.20
C CYS B 9 -9.62 -19.37 -34.58
N GLN B 10 -10.56 -18.52 -34.96
CA GLN B 10 -11.25 -18.64 -36.24
C GLN B 10 -10.74 -17.62 -37.26
N ILE B 11 -10.73 -18.03 -38.53
CA ILE B 11 -10.29 -17.14 -39.60
C ILE B 11 -11.49 -16.70 -40.43
N LEU B 12 -11.79 -15.41 -40.37
CA LEU B 12 -12.86 -14.83 -41.18
C LEU B 12 -12.35 -13.62 -41.94
N SER B 13 -12.87 -13.41 -43.14
CA SER B 13 -12.43 -12.29 -43.97
C SER B 13 -12.81 -10.96 -43.36
N PRO B 14 -11.85 -10.03 -43.29
CA PRO B 14 -10.46 -10.23 -43.70
C PRO B 14 -9.49 -10.37 -42.53
N ASN B 15 -10.03 -10.51 -41.31
CA ASN B 15 -9.21 -10.43 -40.11
C ASN B 15 -9.16 -11.72 -39.28
N LEU B 16 -7.97 -12.08 -38.85
CA LEU B 16 -7.77 -13.27 -38.02
C LEU B 16 -8.08 -12.94 -36.55
N ALA B 17 -8.95 -13.75 -35.95
CA ALA B 17 -9.32 -13.56 -34.55
C ALA B 17 -8.95 -14.78 -33.70
N THR B 18 -8.28 -14.53 -32.58
CA THR B 18 -7.93 -15.60 -31.66
C THR B 18 -8.74 -15.48 -30.37
N LEU B 19 -9.59 -16.46 -30.12
CA LEU B 19 -10.47 -16.43 -28.96
C LEU B 19 -9.98 -17.37 -27.87
N CYS B 20 -9.69 -16.81 -26.70
CA CYS B 20 -9.24 -17.61 -25.56
C CYS B 20 -9.88 -17.11 -24.27
N ALA B 21 -11.20 -16.89 -24.32
CA ALA B 21 -11.93 -16.42 -23.14
C ALA B 21 -12.41 -17.60 -22.30
N LYS B 22 -12.30 -17.44 -20.97
CA LYS B 22 -12.69 -18.48 -20.03
C LYS B 22 -11.98 -19.80 -20.33
N LYS B 23 -10.65 -19.80 -20.21
CA LYS B 23 -9.87 -21.00 -20.49
C LYS B 23 -8.98 -21.37 -19.32
N GLY B 24 -9.05 -20.60 -18.25
CA GLY B 24 -8.28 -20.88 -17.05
C GLY B 24 -6.79 -20.74 -17.27
N LEU B 25 -6.41 -19.87 -18.21
CA LEU B 25 -5.00 -19.64 -18.52
C LEU B 25 -4.27 -18.97 -17.36
N LEU B 26 -3.03 -19.39 -17.13
CA LEU B 26 -2.23 -18.82 -16.05
C LEU B 26 -1.26 -17.78 -16.57
N PHE B 27 -0.89 -17.92 -17.83
CA PHE B 27 -0.04 -16.94 -18.51
C PHE B 27 -0.35 -16.93 -20.00
N VAL B 28 0.14 -15.90 -20.70
CA VAL B 28 -0.10 -15.74 -22.13
C VAL B 28 0.34 -16.97 -22.92
N PRO B 29 -0.53 -17.46 -23.81
CA PRO B 29 -0.21 -18.59 -24.69
C PRO B 29 1.06 -18.34 -25.50
N PRO B 30 1.96 -19.33 -25.54
CA PRO B 30 3.30 -19.17 -26.10
C PRO B 30 3.31 -19.02 -27.63
N ASN B 31 2.36 -19.65 -28.31
CA ASN B 31 2.37 -19.64 -29.77
C ASN B 31 1.10 -19.06 -30.39
N ILE B 32 0.87 -17.77 -30.16
CA ILE B 32 -0.25 -17.07 -30.79
C ILE B 32 0.22 -16.46 -32.10
N ASP B 33 -0.59 -16.62 -33.15
CA ASP B 33 -0.26 -16.07 -34.46
C ASP B 33 -0.07 -14.57 -34.40
N ARG B 34 1.11 -14.11 -34.81
CA ARG B 34 1.46 -12.69 -34.71
C ARG B 34 0.65 -11.82 -35.66
N ARG B 35 0.15 -12.41 -36.74
CA ARG B 35 -0.66 -11.68 -37.70
C ARG B 35 -2.14 -11.73 -37.35
N THR B 36 -2.43 -11.96 -36.08
CA THR B 36 -3.81 -11.92 -35.60
C THR B 36 -4.30 -10.48 -35.55
N VAL B 37 -5.62 -10.31 -35.50
CA VAL B 37 -6.20 -8.97 -35.53
C VAL B 37 -7.06 -8.73 -34.28
N GLU B 38 -7.78 -9.77 -33.86
CA GLU B 38 -8.54 -9.71 -32.61
C GLU B 38 -8.09 -10.79 -31.65
N LEU B 39 -7.88 -10.41 -30.40
CA LEU B 39 -7.38 -11.34 -29.39
C LEU B 39 -8.13 -11.19 -28.07
N ARG B 40 -8.93 -12.21 -27.74
CA ARG B 40 -9.68 -12.19 -26.48
C ARG B 40 -9.05 -13.11 -25.44
N LEU B 41 -8.46 -12.51 -24.42
CA LEU B 41 -7.93 -13.27 -23.29
C LEU B 41 -8.71 -12.94 -22.02
N ALA B 42 -9.95 -12.52 -22.21
CA ALA B 42 -10.82 -12.13 -21.10
C ALA B 42 -11.18 -13.32 -20.21
N ASP B 43 -11.52 -13.02 -18.96
CA ASP B 43 -11.99 -14.01 -18.00
C ASP B 43 -11.02 -15.17 -17.79
N ASN B 44 -9.73 -14.84 -17.69
CA ASN B 44 -8.72 -15.84 -17.36
C ASN B 44 -8.03 -15.49 -16.06
N PHE B 45 -6.82 -16.03 -15.87
CA PHE B 45 -6.10 -15.84 -14.61
C PHE B 45 -4.62 -15.58 -14.83
N VAL B 46 -4.30 -14.66 -15.74
CA VAL B 46 -2.92 -14.31 -16.00
C VAL B 46 -2.41 -13.34 -14.94
N THR B 47 -1.21 -13.61 -14.41
CA THR B 47 -0.65 -12.84 -13.32
C THR B 47 0.20 -11.68 -13.81
N ASN B 48 0.98 -11.93 -14.86
CA ASN B 48 1.86 -10.90 -15.40
C ASN B 48 2.14 -11.10 -16.89
N ILE B 49 2.36 -10.01 -17.60
CA ILE B 49 2.62 -10.06 -19.03
C ILE B 49 4.10 -9.81 -19.32
N LYS B 50 4.62 -10.44 -20.36
CA LYS B 50 6.01 -10.26 -20.76
C LYS B 50 6.10 -9.69 -22.18
N ARG B 51 7.29 -9.24 -22.56
CA ARG B 51 7.51 -8.66 -23.87
C ARG B 51 7.28 -9.69 -24.98
N LYS B 52 7.66 -10.93 -24.72
CA LYS B 52 7.55 -12.00 -25.71
C LYS B 52 6.10 -12.35 -26.03
N ASP B 53 5.19 -11.93 -25.15
CA ASP B 53 3.77 -12.24 -25.32
C ASP B 53 3.17 -11.51 -26.51
N PHE B 54 3.22 -10.18 -26.48
CA PHE B 54 2.66 -9.36 -27.55
C PHE B 54 3.77 -8.62 -28.31
N ALA B 55 4.82 -9.35 -28.66
CA ALA B 55 6.00 -8.75 -29.28
C ALA B 55 5.75 -8.30 -30.72
N ASN B 56 5.45 -9.26 -31.60
CA ASN B 56 5.34 -8.98 -33.03
C ASN B 56 3.91 -8.86 -33.55
N MET B 57 2.96 -8.67 -32.64
CA MET B 57 1.55 -8.56 -33.04
C MET B 57 1.25 -7.17 -33.60
N THR B 58 1.66 -6.95 -34.84
CA THR B 58 1.44 -5.66 -35.51
C THR B 58 0.03 -5.52 -36.02
N SER B 59 -0.53 -6.61 -36.53
CA SER B 59 -1.86 -6.59 -37.14
C SER B 59 -2.97 -6.54 -36.09
N LEU B 60 -2.59 -6.59 -34.82
CA LEU B 60 -3.55 -6.55 -33.73
C LEU B 60 -4.27 -5.20 -33.67
N VAL B 61 -5.60 -5.23 -33.69
CA VAL B 61 -6.38 -4.01 -33.66
C VAL B 61 -7.23 -3.93 -32.39
N ASP B 62 -7.42 -5.07 -31.73
CA ASP B 62 -8.26 -5.16 -30.55
C ASP B 62 -7.75 -6.22 -29.59
N LEU B 63 -7.33 -5.79 -28.40
CA LEU B 63 -6.84 -6.72 -27.38
C LEU B 63 -7.73 -6.66 -26.15
N THR B 64 -8.09 -7.82 -25.62
CA THR B 64 -8.98 -7.88 -24.47
C THR B 64 -8.37 -8.71 -23.34
N LEU B 65 -7.99 -8.03 -22.26
CA LEU B 65 -7.43 -8.69 -21.09
C LEU B 65 -8.33 -8.43 -19.88
N SER B 66 -9.64 -8.54 -20.08
CA SER B 66 -10.60 -8.22 -19.05
C SER B 66 -10.71 -9.32 -17.99
N ARG B 67 -10.89 -8.91 -16.74
CA ARG B 67 -11.11 -9.83 -15.62
C ARG B 67 -9.99 -10.86 -15.46
N ASN B 68 -8.81 -10.39 -15.06
CA ASN B 68 -7.69 -11.27 -14.77
C ASN B 68 -7.04 -10.90 -13.44
N THR B 69 -5.90 -11.51 -13.15
CA THR B 69 -5.16 -11.21 -11.93
C THR B 69 -3.82 -10.55 -12.25
N ILE B 70 -3.81 -9.70 -13.28
CA ILE B 70 -2.61 -9.01 -13.70
C ILE B 70 -2.17 -7.97 -12.67
N SER B 71 -0.93 -8.06 -12.22
CA SER B 71 -0.42 -7.14 -11.21
C SER B 71 0.81 -6.38 -11.71
N PHE B 72 1.47 -6.92 -12.74
CA PHE B 72 2.66 -6.29 -13.29
C PHE B 72 2.83 -6.58 -14.78
N ILE B 73 3.20 -5.56 -15.54
CA ILE B 73 3.48 -5.73 -16.96
C ILE B 73 4.88 -5.23 -17.30
N THR B 74 5.62 -6.04 -18.04
CA THR B 74 6.97 -5.70 -18.47
C THR B 74 6.96 -4.42 -19.31
N PRO B 75 7.90 -3.51 -19.05
CA PRO B 75 8.03 -2.30 -19.87
C PRO B 75 8.28 -2.61 -21.34
N HIS B 76 7.68 -1.82 -22.23
CA HIS B 76 7.78 -2.01 -23.67
C HIS B 76 7.28 -3.38 -24.12
N ALA B 77 6.21 -3.85 -23.47
CA ALA B 77 5.58 -5.10 -23.87
C ALA B 77 4.40 -4.80 -24.78
N PHE B 78 3.81 -3.63 -24.62
CA PHE B 78 2.72 -3.19 -25.48
C PHE B 78 3.27 -2.46 -26.70
N ALA B 79 4.58 -2.55 -26.90
CA ALA B 79 5.22 -1.96 -28.07
C ALA B 79 4.86 -2.74 -29.32
N ASP B 80 5.16 -2.14 -30.48
CA ASP B 80 4.94 -2.76 -31.78
C ASP B 80 3.45 -3.04 -32.07
N LEU B 81 2.57 -2.49 -31.23
CA LEU B 81 1.14 -2.59 -31.44
C LEU B 81 0.66 -1.34 -32.18
N ARG B 82 1.28 -1.07 -33.32
CA ARG B 82 1.04 0.17 -34.07
C ARG B 82 -0.40 0.31 -34.56
N ASN B 83 -1.08 -0.81 -34.77
CA ASN B 83 -2.43 -0.77 -35.32
C ASN B 83 -3.50 -1.08 -34.27
N LEU B 84 -3.10 -1.12 -33.01
CA LEU B 84 -4.04 -1.38 -31.93
C LEU B 84 -4.97 -0.19 -31.70
N ARG B 85 -6.28 -0.43 -31.75
CA ARG B 85 -7.25 0.64 -31.58
C ARG B 85 -7.97 0.56 -30.23
N ALA B 86 -8.29 -0.66 -29.80
CA ALA B 86 -9.02 -0.85 -28.55
C ALA B 86 -8.25 -1.77 -27.59
N LEU B 87 -8.13 -1.33 -26.34
CA LEU B 87 -7.43 -2.10 -25.31
C LEU B 87 -8.29 -2.21 -24.05
N HIS B 88 -8.49 -3.45 -23.59
CA HIS B 88 -9.31 -3.69 -22.41
C HIS B 88 -8.50 -4.29 -21.28
N LEU B 89 -8.18 -3.46 -20.28
CA LEU B 89 -7.45 -3.91 -19.11
C LEU B 89 -8.27 -3.76 -17.84
N ASN B 90 -9.58 -3.89 -17.97
CA ASN B 90 -10.47 -3.75 -16.82
C ASN B 90 -10.42 -4.93 -15.88
N SER B 91 -10.77 -4.68 -14.62
CA SER B 91 -10.84 -5.72 -13.59
C SER B 91 -9.51 -6.46 -13.41
N ASN B 92 -8.52 -5.77 -12.87
CA ASN B 92 -7.22 -6.38 -12.58
C ASN B 92 -6.60 -5.79 -11.31
N ARG B 93 -5.30 -6.02 -11.14
CA ARG B 93 -4.60 -5.56 -9.94
C ARG B 93 -3.42 -4.67 -10.28
N LEU B 94 -3.57 -3.83 -11.29
CA LEU B 94 -2.53 -2.88 -11.67
C LEU B 94 -2.35 -1.82 -10.59
N THR B 95 -1.10 -1.44 -10.33
CA THR B 95 -0.80 -0.48 -9.27
C THR B 95 -0.34 0.86 -9.80
N LYS B 96 0.57 0.85 -10.76
CA LYS B 96 1.14 2.09 -11.30
C LYS B 96 1.04 2.16 -12.80
N ILE B 97 1.10 3.39 -13.34
CA ILE B 97 1.09 3.60 -14.78
C ILE B 97 2.33 4.37 -15.21
N THR B 98 3.39 3.63 -15.56
CA THR B 98 4.63 4.26 -16.01
C THR B 98 4.60 4.57 -17.49
N ASN B 99 5.47 5.47 -17.93
CA ASN B 99 5.51 5.91 -19.32
C ASN B 99 5.87 4.78 -20.29
N ASP B 100 6.65 3.82 -19.82
CA ASP B 100 7.12 2.72 -20.65
C ASP B 100 5.98 1.80 -21.09
N MET B 101 4.85 1.87 -20.39
CA MET B 101 3.72 1.01 -20.66
C MET B 101 3.05 1.28 -22.01
N PHE B 102 2.44 2.46 -22.13
CA PHE B 102 1.63 2.77 -23.31
C PHE B 102 2.42 3.54 -24.36
N SER B 103 3.74 3.39 -24.34
CA SER B 103 4.59 4.10 -25.30
C SER B 103 4.48 3.49 -26.69
N GLY B 104 4.10 4.32 -27.67
CA GLY B 104 4.01 3.89 -29.05
C GLY B 104 2.62 3.48 -29.50
N LEU B 105 1.62 3.80 -28.68
CA LEU B 105 0.23 3.47 -29.02
C LEU B 105 -0.51 4.68 -29.60
N SER B 106 -0.13 5.07 -30.81
CA SER B 106 -0.71 6.23 -31.46
C SER B 106 -2.15 5.98 -31.93
N ASN B 107 -2.39 4.81 -32.52
CA ASN B 107 -3.68 4.49 -33.09
C ASN B 107 -4.69 3.97 -32.06
N LEU B 108 -4.34 4.04 -30.78
CA LEU B 108 -5.22 3.58 -29.72
C LEU B 108 -6.39 4.55 -29.55
N HIS B 109 -7.61 4.05 -29.75
CA HIS B 109 -8.80 4.88 -29.63
C HIS B 109 -9.56 4.58 -28.33
N HIS B 110 -9.49 3.34 -27.87
CA HIS B 110 -10.19 2.93 -26.67
C HIS B 110 -9.24 2.40 -25.60
N LEU B 111 -9.21 3.08 -24.46
CA LEU B 111 -8.36 2.67 -23.35
C LEU B 111 -9.18 2.50 -22.08
N ILE B 112 -9.23 1.27 -21.59
CA ILE B 112 -10.10 0.93 -20.46
C ILE B 112 -9.31 0.39 -19.27
N LEU B 113 -9.41 1.07 -18.13
CA LEU B 113 -8.68 0.69 -16.93
C LEU B 113 -9.55 0.63 -15.68
N ASN B 114 -10.84 0.36 -15.83
CA ASN B 114 -11.73 0.35 -14.68
C ASN B 114 -11.52 -0.85 -13.77
N ASN B 115 -12.01 -0.73 -12.54
CA ASN B 115 -11.93 -1.80 -11.54
C ASN B 115 -10.50 -2.28 -11.27
N ASN B 116 -9.62 -1.33 -11.00
CA ASN B 116 -8.24 -1.66 -10.65
C ASN B 116 -7.81 -0.99 -9.35
N GLN B 117 -6.52 -1.09 -9.05
CA GLN B 117 -5.97 -0.47 -7.85
C GLN B 117 -4.88 0.53 -8.21
N LEU B 118 -5.22 1.47 -9.08
CA LEU B 118 -4.25 2.45 -9.55
C LEU B 118 -4.02 3.54 -8.50
N THR B 119 -2.76 3.70 -8.11
CA THR B 119 -2.41 4.69 -7.09
C THR B 119 -1.74 5.91 -7.73
N LEU B 120 -0.81 5.67 -8.65
CA LEU B 120 -0.07 6.74 -9.29
C LEU B 120 -0.01 6.56 -10.81
N ILE B 121 -0.13 7.68 -11.52
CA ILE B 121 0.04 7.68 -12.96
C ILE B 121 1.11 8.69 -13.34
N SER B 122 2.28 8.19 -13.75
CA SER B 122 3.40 9.04 -14.13
C SER B 122 3.03 9.97 -15.27
N SER B 123 3.62 11.17 -15.27
CA SER B 123 3.35 12.14 -16.31
C SER B 123 3.87 11.65 -17.66
N THR B 124 3.35 12.24 -18.73
CA THR B 124 3.73 11.92 -20.11
C THR B 124 3.48 10.46 -20.48
N ALA B 125 2.73 9.75 -19.63
CA ALA B 125 2.39 8.36 -19.91
C ALA B 125 1.29 8.29 -20.95
N PHE B 126 0.60 9.41 -21.15
CA PHE B 126 -0.49 9.47 -22.11
C PHE B 126 -0.10 10.31 -23.33
N ASP B 127 1.18 10.66 -23.42
CA ASP B 127 1.66 11.51 -24.51
C ASP B 127 1.93 10.71 -25.78
N ASP B 128 1.22 9.60 -25.94
CA ASP B 128 1.32 8.80 -27.15
C ASP B 128 -0.08 8.35 -27.57
N VAL B 129 -1.00 8.34 -26.60
CA VAL B 129 -2.38 7.98 -26.86
C VAL B 129 -3.25 9.23 -26.96
N PHE B 130 -2.65 10.33 -27.39
CA PHE B 130 -3.33 11.62 -27.46
C PHE B 130 -4.51 11.64 -28.44
N ALA B 131 -4.63 10.60 -29.26
CA ALA B 131 -5.69 10.53 -30.25
C ALA B 131 -6.73 9.46 -29.92
N LEU B 132 -6.94 9.20 -28.63
CA LEU B 132 -7.95 8.23 -28.23
C LEU B 132 -9.33 8.86 -28.20
N GLU B 133 -10.35 8.03 -28.07
CA GLU B 133 -11.73 8.50 -28.07
C GLU B 133 -12.41 8.21 -26.73
N GLU B 134 -11.89 7.22 -26.00
CA GLU B 134 -12.48 6.81 -24.74
C GLU B 134 -11.43 6.46 -23.70
N LEU B 135 -11.61 6.97 -22.49
CA LEU B 135 -10.70 6.69 -21.39
C LEU B 135 -11.48 6.36 -20.11
N ASP B 136 -11.41 5.11 -19.69
CA ASP B 136 -12.13 4.66 -18.50
C ASP B 136 -11.18 4.41 -17.34
N LEU B 137 -11.22 5.29 -16.34
CA LEU B 137 -10.37 5.16 -15.16
C LEU B 137 -11.20 5.03 -13.89
N SER B 138 -12.43 4.55 -14.03
CA SER B 138 -13.33 4.41 -12.89
C SER B 138 -12.90 3.30 -11.94
N TYR B 139 -13.42 3.35 -10.71
CA TYR B 139 -13.13 2.34 -9.69
C TYR B 139 -11.64 2.16 -9.44
N ASN B 140 -10.99 3.21 -8.96
CA ASN B 140 -9.56 3.17 -8.64
C ASN B 140 -9.23 3.98 -7.39
N ASN B 141 -7.94 4.11 -7.12
CA ASN B 141 -7.47 4.86 -5.96
C ASN B 141 -6.75 6.14 -6.37
N LEU B 142 -7.06 6.62 -7.57
CA LEU B 142 -6.42 7.81 -8.12
C LEU B 142 -6.85 9.08 -7.40
N GLU B 143 -5.95 10.05 -7.32
CA GLU B 143 -6.27 11.36 -6.78
C GLU B 143 -5.91 12.47 -7.76
N THR B 144 -4.87 12.24 -8.55
CA THR B 144 -4.45 13.19 -9.59
C THR B 144 -4.02 12.46 -10.86
N ILE B 145 -4.33 13.05 -12.01
CA ILE B 145 -3.94 12.50 -13.29
C ILE B 145 -3.22 13.55 -14.12
N PRO B 146 -2.36 13.13 -15.05
CA PRO B 146 -1.68 14.09 -15.93
C PRO B 146 -2.67 14.83 -16.82
N TRP B 147 -3.22 15.93 -16.32
CA TRP B 147 -4.22 16.71 -17.04
C TRP B 147 -3.64 17.31 -18.32
N ASP B 148 -2.35 17.62 -18.28
CA ASP B 148 -1.66 18.22 -19.43
C ASP B 148 -1.74 17.32 -20.66
N ALA B 149 -1.65 16.02 -20.44
CA ALA B 149 -1.75 15.05 -21.52
C ALA B 149 -3.18 14.91 -22.00
N VAL B 150 -4.13 15.13 -21.08
CA VAL B 150 -5.55 15.00 -21.40
C VAL B 150 -6.03 16.14 -22.29
N GLU B 151 -5.47 17.33 -22.07
CA GLU B 151 -5.85 18.51 -22.84
C GLU B 151 -5.47 18.38 -24.31
N LYS B 152 -4.49 17.52 -24.59
CA LYS B 152 -4.05 17.29 -25.97
C LYS B 152 -4.84 16.18 -26.65
N MET B 153 -5.93 15.78 -26.01
CA MET B 153 -6.81 14.75 -26.57
C MET B 153 -8.08 15.38 -27.12
N VAL B 154 -7.96 15.98 -28.31
CA VAL B 154 -9.07 16.69 -28.92
C VAL B 154 -10.21 15.74 -29.31
N SER B 155 -9.86 14.54 -29.73
CA SER B 155 -10.84 13.58 -30.21
C SER B 155 -11.52 12.81 -29.07
N LEU B 156 -11.35 13.29 -27.84
CA LEU B 156 -11.96 12.67 -26.69
C LEU B 156 -13.45 12.99 -26.59
N HIS B 157 -14.26 11.99 -26.25
CA HIS B 157 -15.70 12.20 -26.11
C HIS B 157 -16.24 11.58 -24.83
N THR B 158 -15.54 10.58 -24.32
CA THR B 158 -16.00 9.88 -23.11
C THR B 158 -14.87 9.68 -22.09
N LEU B 159 -15.03 10.30 -20.92
CA LEU B 159 -14.07 10.15 -19.84
C LEU B 159 -14.77 9.66 -18.58
N SER B 160 -14.44 8.45 -18.14
CA SER B 160 -15.12 7.82 -17.02
C SER B 160 -14.29 7.85 -15.74
N LEU B 161 -14.84 8.48 -14.70
CA LEU B 161 -14.21 8.52 -13.38
C LEU B 161 -15.26 8.25 -12.31
N ASP B 162 -15.94 7.13 -12.43
CA ASP B 162 -17.11 6.81 -11.59
C ASP B 162 -16.77 6.68 -10.11
N HIS B 163 -15.58 6.19 -9.79
CA HIS B 163 -15.20 5.97 -8.40
C HIS B 163 -13.71 6.16 -8.17
N ASN B 164 -13.35 7.33 -7.65
CA ASN B 164 -11.95 7.61 -7.32
C ASN B 164 -11.83 8.47 -6.06
N MET B 165 -10.65 9.02 -5.84
CA MET B 165 -10.41 9.92 -4.72
C MET B 165 -9.73 11.20 -5.19
N ILE B 166 -10.25 11.76 -6.28
CA ILE B 166 -9.64 12.92 -6.92
C ILE B 166 -9.75 14.18 -6.06
N ASP B 167 -8.63 14.84 -5.83
CA ASP B 167 -8.60 16.05 -5.03
C ASP B 167 -9.32 17.19 -5.74
N ASN B 168 -8.75 17.69 -6.82
CA ASN B 168 -9.35 18.78 -7.59
C ASN B 168 -9.12 18.61 -9.09
N ILE B 169 -9.53 19.60 -9.86
CA ILE B 169 -9.41 19.55 -11.32
C ILE B 169 -9.16 20.94 -11.90
N PRO B 170 -8.13 21.05 -12.77
CA PRO B 170 -7.77 22.31 -13.42
C PRO B 170 -8.92 22.97 -14.16
N LYS B 171 -8.81 24.28 -14.40
CA LYS B 171 -9.88 25.05 -15.03
C LYS B 171 -9.69 25.16 -16.55
N GLY B 172 -8.44 25.05 -17.00
CA GLY B 172 -8.13 25.24 -18.40
C GLY B 172 -8.42 24.03 -19.28
N THR B 173 -8.79 22.92 -18.65
CA THR B 173 -9.07 21.69 -19.38
C THR B 173 -10.39 21.80 -20.14
N PHE B 174 -10.64 20.83 -21.01
CA PHE B 174 -11.88 20.76 -21.80
C PHE B 174 -12.09 22.01 -22.64
N SER B 175 -11.00 22.61 -23.11
CA SER B 175 -11.08 23.80 -23.94
C SER B 175 -11.23 23.45 -25.41
N HIS B 176 -10.28 22.69 -25.94
CA HIS B 176 -10.30 22.29 -27.33
C HIS B 176 -11.09 20.99 -27.52
N LEU B 177 -11.41 20.35 -26.41
CA LEU B 177 -12.13 19.08 -26.44
C LEU B 177 -13.62 19.31 -26.67
N HIS B 178 -13.97 19.76 -27.87
CA HIS B 178 -15.36 20.04 -28.22
C HIS B 178 -16.17 18.78 -28.44
N LYS B 179 -15.49 17.67 -28.67
CA LYS B 179 -16.15 16.40 -28.99
C LYS B 179 -16.66 15.69 -27.74
N MET B 180 -16.38 16.24 -26.57
CA MET B 180 -16.83 15.65 -25.30
C MET B 180 -18.35 15.51 -25.26
N THR B 181 -18.82 14.30 -24.98
CA THR B 181 -20.26 14.04 -24.95
C THR B 181 -20.69 13.38 -23.64
N ARG B 182 -19.73 12.92 -22.85
CA ARG B 182 -20.04 12.28 -21.58
C ARG B 182 -18.85 12.32 -20.62
N LEU B 183 -19.10 12.80 -19.41
CA LEU B 183 -18.06 12.88 -18.38
C LEU B 183 -18.65 12.57 -17.01
N ASP B 184 -18.17 11.51 -16.38
CA ASP B 184 -18.67 11.09 -15.07
C ASP B 184 -17.60 11.25 -14.00
N VAL B 185 -17.91 12.02 -12.97
CA VAL B 185 -16.97 12.25 -11.88
C VAL B 185 -17.62 11.97 -10.52
N THR B 186 -18.48 10.95 -10.49
CA THR B 186 -19.18 10.57 -9.27
C THR B 186 -18.21 9.99 -8.24
N SER B 187 -18.63 10.00 -6.98
CA SER B 187 -17.91 9.33 -5.90
C SER B 187 -16.44 9.70 -5.78
N ASN B 188 -16.15 10.99 -5.83
CA ASN B 188 -14.77 11.46 -5.65
C ASN B 188 -14.65 12.39 -4.46
N LYS B 189 -13.51 13.07 -4.34
CA LYS B 189 -13.27 14.01 -3.26
C LYS B 189 -13.09 15.42 -3.80
N LEU B 190 -13.97 15.81 -4.71
CA LEU B 190 -13.89 17.13 -5.34
C LEU B 190 -14.50 18.22 -4.46
N GLN B 191 -13.76 19.31 -4.31
CA GLN B 191 -14.24 20.44 -3.53
C GLN B 191 -15.04 21.41 -4.38
N LYS B 192 -14.60 21.62 -5.62
CA LYS B 192 -15.25 22.56 -6.52
C LYS B 192 -15.18 22.10 -7.97
N LEU B 193 -15.91 22.80 -8.83
CA LEU B 193 -15.89 22.50 -10.26
C LEU B 193 -15.72 23.76 -11.09
N PRO B 194 -14.78 23.74 -12.04
CA PRO B 194 -14.52 24.89 -12.91
C PRO B 194 -15.65 25.11 -13.91
N PRO B 195 -15.97 26.37 -14.20
CA PRO B 195 -17.00 26.69 -15.19
C PRO B 195 -16.54 26.40 -16.61
N ASP B 196 -17.38 25.74 -17.40
CA ASP B 196 -17.04 25.39 -18.77
C ASP B 196 -18.29 25.33 -19.64
N PRO B 197 -18.21 25.86 -20.86
CA PRO B 197 -19.32 25.89 -21.82
C PRO B 197 -19.93 24.51 -22.11
N LEU B 198 -19.18 23.44 -21.87
CA LEU B 198 -19.69 22.10 -22.06
C LEU B 198 -20.72 21.76 -20.99
N PHE B 199 -20.56 22.37 -19.82
CA PHE B 199 -21.48 22.13 -18.71
C PHE B 199 -22.77 22.91 -18.90
N GLN B 200 -22.68 24.02 -19.62
CA GLN B 200 -23.86 24.81 -19.98
C GLN B 200 -24.75 24.04 -20.96
N ARG B 201 -24.15 23.04 -21.61
CA ARG B 201 -24.85 22.22 -22.59
C ARG B 201 -25.45 20.98 -21.94
N ALA B 202 -25.55 21.01 -20.61
CA ALA B 202 -26.11 19.88 -19.87
C ALA B 202 -27.48 20.22 -19.29
N GLN B 203 -28.13 21.23 -19.86
CA GLN B 203 -29.46 21.64 -19.42
C GLN B 203 -30.56 20.93 -20.19
N VAL B 204 -31.77 20.98 -19.65
CA VAL B 204 -32.92 20.38 -20.32
C VAL B 204 -33.99 21.44 -20.61
N THR B 215 -27.49 16.54 -25.04
CA THR B 215 -26.26 16.33 -25.81
C THR B 215 -25.10 15.89 -24.91
N PHE B 216 -24.89 16.62 -23.82
CA PHE B 216 -23.86 16.28 -22.86
C PHE B 216 -24.47 15.79 -21.55
N ALA B 217 -23.86 14.75 -20.99
CA ALA B 217 -24.37 14.17 -19.76
C ALA B 217 -23.27 14.01 -18.71
N LEU B 218 -23.37 14.79 -17.64
CA LEU B 218 -22.38 14.72 -16.57
C LEU B 218 -22.99 14.29 -15.24
N SER B 219 -22.20 13.61 -14.43
CA SER B 219 -22.64 13.17 -13.11
C SER B 219 -21.59 13.51 -12.06
N PHE B 220 -21.98 14.29 -11.07
CA PHE B 220 -21.04 14.77 -10.06
C PHE B 220 -21.54 14.50 -8.64
N GLY B 221 -22.42 13.52 -8.50
CA GLY B 221 -22.94 13.16 -7.20
C GLY B 221 -21.91 12.52 -6.30
N GLY B 222 -22.25 12.39 -5.02
CA GLY B 222 -21.38 11.75 -4.05
C GLY B 222 -20.04 12.45 -3.87
N ASN B 223 -20.08 13.77 -3.83
CA ASN B 223 -18.85 14.56 -3.66
C ASN B 223 -18.97 15.57 -2.53
N PRO B 224 -17.87 15.74 -1.76
CA PRO B 224 -17.82 16.72 -0.67
C PRO B 224 -17.78 18.15 -1.21
N LEU B 225 -18.89 18.60 -1.76
CA LEU B 225 -18.97 19.92 -2.40
C LEU B 225 -18.84 21.04 -1.38
N HIS B 226 -18.10 22.08 -1.76
CA HIS B 226 -17.96 23.28 -0.94
C HIS B 226 -18.91 24.34 -1.46
N CYS B 227 -20.17 24.24 -1.05
CA CYS B 227 -21.23 25.08 -1.58
C CYS B 227 -21.06 26.56 -1.24
N ASN B 228 -20.22 27.25 -2.01
CA ASN B 228 -20.08 28.69 -1.89
C ASN B 228 -20.58 29.39 -3.15
N CYS B 229 -20.14 30.61 -3.38
CA CYS B 229 -20.55 31.35 -4.57
C CYS B 229 -19.77 30.89 -5.79
N GLU B 230 -18.75 30.07 -5.56
CA GLU B 230 -17.91 29.55 -6.63
C GLU B 230 -18.61 28.41 -7.37
N LEU B 231 -19.70 27.94 -6.79
CA LEU B 231 -20.50 26.87 -7.40
C LEU B 231 -21.90 27.38 -7.74
N LEU B 232 -22.08 28.69 -7.66
CA LEU B 232 -23.37 29.31 -7.93
C LEU B 232 -23.79 29.09 -9.38
N TRP B 233 -22.80 29.04 -10.27
CA TRP B 233 -23.06 28.83 -11.69
C TRP B 233 -23.71 27.46 -11.93
N LEU B 234 -23.28 26.47 -11.15
CA LEU B 234 -23.82 25.13 -11.27
C LEU B 234 -25.20 25.05 -10.65
N ARG B 235 -25.45 25.91 -9.66
CA ARG B 235 -26.75 25.95 -8.99
C ARG B 235 -27.77 26.63 -9.88
N ARG B 236 -27.36 27.71 -10.53
CA ARG B 236 -28.21 28.42 -11.48
C ARG B 236 -28.58 27.49 -12.63
N LEU B 237 -27.65 26.60 -12.98
CA LEU B 237 -27.91 25.55 -13.93
C LEU B 237 -29.01 24.64 -13.38
N SER B 238 -30.15 24.61 -14.08
CA SER B 238 -31.32 23.89 -13.57
C SER B 238 -31.32 22.44 -14.01
N ARG B 239 -30.32 21.68 -13.58
CA ARG B 239 -30.24 20.26 -13.88
C ARG B 239 -31.17 19.43 -12.99
N GLU B 240 -31.30 18.15 -13.32
CA GLU B 240 -32.10 17.23 -12.53
C GLU B 240 -31.35 16.77 -11.29
N ASP B 241 -32.09 16.53 -10.21
CA ASP B 241 -31.49 16.13 -8.94
C ASP B 241 -30.89 14.73 -9.03
N ASP B 242 -29.57 14.64 -8.87
CA ASP B 242 -28.88 13.36 -8.90
C ASP B 242 -28.36 13.04 -7.50
N LEU B 243 -29.13 13.41 -6.48
CA LEU B 243 -28.82 13.13 -5.08
C LEU B 243 -27.49 13.72 -4.64
N GLU B 244 -27.13 14.88 -5.18
CA GLU B 244 -25.93 15.57 -4.76
C GLU B 244 -26.09 16.14 -3.35
N THR B 245 -24.98 16.24 -2.61
CA THR B 245 -25.02 16.70 -1.24
C THR B 245 -23.82 17.59 -0.91
N CYS B 246 -24.08 18.71 -0.23
CA CYS B 246 -23.03 19.64 0.15
C CYS B 246 -22.31 19.19 1.42
N ALA B 247 -21.11 19.70 1.63
CA ALA B 247 -20.31 19.33 2.81
C ALA B 247 -19.90 20.55 3.62
N SER B 248 -19.69 21.67 2.94
CA SER B 248 -19.28 22.91 3.60
C SER B 248 -19.76 24.11 2.80
N PRO B 249 -20.01 25.26 3.47
CA PRO B 249 -19.88 25.59 4.90
C PRO B 249 -20.78 24.74 5.80
N PRO B 250 -20.43 24.64 7.10
CA PRO B 250 -21.17 23.82 8.07
C PRO B 250 -22.66 24.16 8.14
N LEU B 251 -23.03 25.38 7.78
CA LEU B 251 -24.42 25.79 7.80
C LEU B 251 -25.22 25.12 6.69
N LEU B 252 -24.52 24.65 5.66
CA LEU B 252 -25.18 24.01 4.52
C LEU B 252 -24.87 22.52 4.46
N THR B 253 -24.09 22.04 5.43
CA THR B 253 -23.68 20.64 5.47
C THR B 253 -24.85 19.69 5.67
N GLY B 254 -25.02 18.75 4.75
CA GLY B 254 -26.06 17.74 4.87
C GLY B 254 -27.20 17.91 3.88
N ARG B 255 -27.62 19.15 3.68
CA ARG B 255 -28.74 19.45 2.80
C ARG B 255 -28.38 19.21 1.34
N TYR B 256 -29.38 18.87 0.53
CA TYR B 256 -29.19 18.61 -0.90
C TYR B 256 -28.67 19.84 -1.64
N PHE B 257 -27.90 19.59 -2.69
CA PHE B 257 -27.35 20.66 -3.51
C PHE B 257 -28.44 21.44 -4.25
N TRP B 258 -29.55 20.77 -4.55
CA TRP B 258 -30.62 21.38 -5.31
C TRP B 258 -31.75 21.91 -4.42
N SER B 259 -31.70 21.57 -3.14
CA SER B 259 -32.71 22.02 -2.20
C SER B 259 -32.32 23.37 -1.59
N ILE B 260 -31.13 23.84 -1.93
CA ILE B 260 -30.62 25.11 -1.42
C ILE B 260 -30.80 26.23 -2.44
N PRO B 261 -31.47 27.31 -2.04
CA PRO B 261 -31.68 28.49 -2.91
C PRO B 261 -30.36 29.13 -3.33
N GLU B 262 -30.38 29.83 -4.46
CA GLU B 262 -29.18 30.46 -5.00
C GLU B 262 -28.63 31.55 -4.08
N GLU B 263 -29.50 32.11 -3.26
CA GLU B 263 -29.13 33.22 -2.39
C GLU B 263 -28.38 32.76 -1.14
N GLU B 264 -28.26 31.45 -0.95
CA GLU B 264 -27.58 30.91 0.21
C GLU B 264 -26.15 30.47 -0.12
N PHE B 265 -25.80 30.55 -1.39
CA PHE B 265 -24.44 30.24 -1.83
C PHE B 265 -23.57 31.49 -1.72
N LEU B 266 -23.02 31.73 -0.53
CA LEU B 266 -22.30 32.96 -0.26
C LEU B 266 -20.80 32.76 -0.18
N CYS B 267 -20.05 33.81 -0.52
CA CYS B 267 -18.60 33.82 -0.35
C CYS B 267 -18.19 34.91 0.63
N GLU B 268 -16.98 34.79 1.17
CA GLU B 268 -16.54 35.73 2.20
C GLU B 268 -15.31 36.55 1.76
N PRO B 269 -15.38 37.87 1.94
CA PRO B 269 -14.25 38.77 1.68
C PRO B 269 -13.10 38.50 2.64
N PRO B 270 -11.86 38.55 2.13
CA PRO B 270 -10.65 38.25 2.92
C PRO B 270 -10.42 39.22 4.08
N LEU B 271 -9.59 38.80 5.02
CA LEU B 271 -9.17 39.65 6.12
C LEU B 271 -7.76 39.31 6.56
N ILE B 272 -6.86 40.29 6.55
CA ILE B 272 -5.48 40.07 6.94
C ILE B 272 -5.37 39.94 8.46
N THR B 273 -4.95 38.76 8.92
CA THR B 273 -4.88 38.49 10.35
C THR B 273 -3.70 39.21 11.01
N ARG B 274 -2.48 38.90 10.56
CA ARG B 274 -1.29 39.51 11.14
C ARG B 274 -0.29 39.91 10.06
N HIS B 275 0.32 41.07 10.22
CA HIS B 275 1.37 41.54 9.32
C HIS B 275 2.52 42.19 10.08
N THR B 276 3.70 42.20 9.47
CA THR B 276 4.88 42.80 10.07
C THR B 276 4.75 44.31 10.19
N HIS B 277 4.96 44.84 11.39
CA HIS B 277 4.87 46.29 11.61
C HIS B 277 6.03 47.05 10.95
N GLU B 278 7.25 46.74 11.35
CA GLU B 278 8.44 47.40 10.81
C GLU B 278 9.61 46.42 10.73
N MET B 279 10.61 46.74 9.91
CA MET B 279 11.77 45.87 9.74
C MET B 279 13.06 46.64 9.50
N ARG B 280 14.11 46.18 10.16
CA ARG B 280 15.46 46.74 10.05
C ARG B 280 16.44 45.63 9.67
N VAL B 281 16.64 45.44 8.38
CA VAL B 281 17.42 44.32 7.87
C VAL B 281 18.73 44.74 7.20
N LEU B 282 19.61 45.33 7.99
CA LEU B 282 20.95 45.66 7.52
C LEU B 282 21.84 44.41 7.46
N GLU B 283 23.11 44.62 7.12
CA GLU B 283 24.14 43.57 7.07
C GLU B 283 23.87 42.50 6.01
N GLY B 284 22.89 42.73 5.15
CA GLY B 284 22.68 41.85 4.00
C GLY B 284 21.89 40.60 4.36
N GLN B 285 21.35 40.56 5.56
CA GLN B 285 20.61 39.39 6.04
C GLN B 285 19.27 39.19 5.34
N ARG B 286 18.76 37.97 5.43
CA ARG B 286 17.48 37.60 4.84
C ARG B 286 16.33 38.38 5.47
N ALA B 287 15.54 39.05 4.64
CA ALA B 287 14.41 39.82 5.12
C ALA B 287 13.12 39.07 4.82
N THR B 288 12.50 38.55 5.88
CA THR B 288 11.25 37.81 5.75
C THR B 288 10.06 38.61 6.26
N LEU B 289 9.09 38.82 5.38
CA LEU B 289 7.86 39.53 5.73
C LEU B 289 6.71 38.54 5.81
N ARG B 290 5.79 38.76 6.74
CA ARG B 290 4.68 37.83 6.91
C ARG B 290 3.33 38.53 6.76
N CYS B 291 2.50 37.96 5.88
CA CYS B 291 1.15 38.46 5.65
C CYS B 291 0.24 37.33 5.19
N LYS B 292 -0.84 37.10 5.93
CA LYS B 292 -1.76 36.03 5.63
C LYS B 292 -3.21 36.48 5.83
N ALA B 293 -4.10 35.94 5.02
CA ALA B 293 -5.52 36.31 5.08
C ALA B 293 -6.41 35.07 5.01
N ARG B 294 -7.63 35.21 5.53
CA ARG B 294 -8.57 34.10 5.57
C ARG B 294 -9.87 34.47 4.88
N GLY B 295 -10.62 33.47 4.44
CA GLY B 295 -11.88 33.71 3.76
C GLY B 295 -12.42 32.48 3.06
N ASP B 296 -13.60 32.61 2.47
CA ASP B 296 -14.22 31.50 1.75
C ASP B 296 -14.52 31.90 0.31
N PRO B 297 -13.79 31.32 -0.66
CA PRO B 297 -12.70 30.36 -0.44
C PRO B 297 -11.40 31.03 -0.04
N GLU B 298 -10.34 30.25 0.13
CA GLU B 298 -9.04 30.75 0.55
C GLU B 298 -8.52 31.82 -0.40
N PRO B 299 -8.13 32.97 0.16
CA PRO B 299 -7.63 34.12 -0.61
C PRO B 299 -6.32 33.82 -1.31
N ALA B 300 -5.93 34.70 -2.24
CA ALA B 300 -4.67 34.55 -2.95
C ALA B 300 -3.77 35.74 -2.66
N ILE B 301 -2.65 35.48 -2.00
CA ILE B 301 -1.77 36.54 -1.53
C ILE B 301 -0.74 36.96 -2.59
N HIS B 302 -0.79 38.23 -2.97
CA HIS B 302 0.18 38.78 -3.91
C HIS B 302 0.85 40.03 -3.33
N TRP B 303 2.09 40.26 -3.70
CA TRP B 303 2.83 41.42 -3.23
C TRP B 303 3.14 42.36 -4.39
N ILE B 304 3.23 43.65 -4.09
CA ILE B 304 3.54 44.64 -5.11
C ILE B 304 4.77 45.48 -4.77
N SER B 305 5.48 45.89 -5.82
CA SER B 305 6.55 46.87 -5.71
C SER B 305 5.88 48.25 -5.62
N PRO B 306 6.67 49.35 -5.62
CA PRO B 306 6.02 50.66 -5.71
C PRO B 306 4.97 50.82 -6.81
N GLU B 307 5.12 50.15 -7.95
CA GLU B 307 4.09 50.23 -9.00
C GLU B 307 3.86 48.92 -9.76
N GLY B 308 4.65 47.89 -9.46
CA GLY B 308 4.53 46.62 -10.14
C GLY B 308 4.57 45.42 -9.22
N LYS B 309 4.42 44.23 -9.78
CA LYS B 309 4.48 42.99 -9.00
C LYS B 309 5.70 42.18 -9.42
N LEU B 310 6.21 41.38 -8.49
CA LEU B 310 7.49 40.70 -8.70
C LEU B 310 7.33 39.34 -9.39
N ILE B 311 8.44 38.60 -9.45
CA ILE B 311 8.48 37.33 -10.15
C ILE B 311 8.07 36.21 -9.20
N SER B 312 7.60 35.10 -9.76
CA SER B 312 7.13 33.98 -8.94
C SER B 312 8.10 32.81 -8.92
N ASN B 313 8.47 32.38 -7.71
CA ASN B 313 9.29 31.20 -7.50
C ASN B 313 10.63 31.20 -8.23
N ALA B 314 11.10 32.40 -8.57
CA ALA B 314 12.34 32.55 -9.32
C ALA B 314 13.37 33.32 -8.48
N THR B 315 14.52 33.62 -9.07
CA THR B 315 15.57 34.36 -8.36
C THR B 315 15.08 35.72 -7.88
N ARG B 316 15.69 36.20 -6.80
CA ARG B 316 15.46 37.53 -6.24
C ARG B 316 14.08 37.69 -5.58
N SER B 317 13.28 36.63 -5.55
CA SER B 317 11.93 36.74 -4.98
C SER B 317 11.34 35.41 -4.53
N LEU B 318 10.67 35.42 -3.38
CA LEU B 318 9.88 34.29 -2.91
C LEU B 318 8.42 34.76 -2.85
N VAL B 319 7.48 33.89 -3.20
CA VAL B 319 6.14 34.37 -3.50
C VAL B 319 5.00 33.42 -3.09
N TYR B 320 3.77 33.93 -3.15
CA TYR B 320 2.54 33.16 -2.96
C TYR B 320 2.41 32.52 -1.59
N ASP B 321 2.08 31.23 -1.59
CA ASP B 321 1.80 30.48 -0.36
C ASP B 321 2.84 30.73 0.73
N ASN B 322 2.39 30.58 1.98
CA ASN B 322 3.10 31.00 3.20
C ASN B 322 2.87 32.51 3.41
N GLY B 323 2.53 33.20 2.32
CA GLY B 323 2.38 34.64 2.32
C GLY B 323 3.61 35.36 2.83
N THR B 324 4.77 34.98 2.32
CA THR B 324 6.03 35.53 2.82
C THR B 324 6.99 35.94 1.72
N LEU B 325 7.36 37.22 1.69
CA LEU B 325 8.41 37.69 0.79
C LEU B 325 9.77 37.46 1.41
N ASP B 326 10.58 36.60 0.79
CA ASP B 326 11.97 36.44 1.18
C ASP B 326 12.85 36.84 0.01
N ILE B 327 13.66 37.89 0.21
CA ILE B 327 14.48 38.44 -0.86
C ILE B 327 15.88 37.84 -0.81
N LEU B 328 15.99 36.66 -0.20
CA LEU B 328 17.27 36.00 0.02
C LEU B 328 18.26 36.95 0.68
N ILE B 329 19.44 37.08 0.12
CA ILE B 329 20.39 38.07 0.58
C ILE B 329 19.96 39.43 0.02
N THR B 330 19.36 40.26 0.88
CA THR B 330 18.82 41.54 0.46
C THR B 330 19.94 42.47 0.00
N THR B 331 19.58 43.46 -0.82
CA THR B 331 20.54 44.45 -1.30
C THR B 331 20.61 45.63 -0.33
N VAL B 332 21.51 46.55 -0.62
CA VAL B 332 21.70 47.73 0.22
C VAL B 332 20.48 48.65 0.12
N LYS B 333 19.89 48.74 -1.06
CA LYS B 333 18.78 49.65 -1.30
C LYS B 333 17.55 48.93 -1.85
N ASP B 334 16.67 48.48 -0.96
CA ASP B 334 15.42 47.87 -1.36
C ASP B 334 14.25 48.54 -0.65
N THR B 335 14.52 49.66 0.01
CA THR B 335 13.51 50.39 0.75
C THR B 335 12.50 51.03 -0.20
N GLY B 336 11.24 51.09 0.24
CA GLY B 336 10.19 51.69 -0.57
C GLY B 336 8.81 51.40 0.01
N ALA B 337 7.81 51.32 -0.86
CA ALA B 337 6.45 51.04 -0.43
C ALA B 337 5.97 49.69 -0.96
N PHE B 338 5.77 48.74 -0.06
CA PHE B 338 5.29 47.41 -0.43
C PHE B 338 3.92 47.14 0.21
N THR B 339 3.05 46.47 -0.54
CA THR B 339 1.67 46.27 -0.10
C THR B 339 1.18 44.85 -0.34
N CYS B 340 0.55 44.26 0.67
CA CYS B 340 0.04 42.90 0.59
C CYS B 340 -1.44 42.90 0.24
N ILE B 341 -1.83 42.02 -0.69
CA ILE B 341 -3.22 41.92 -1.12
C ILE B 341 -3.77 40.50 -0.97
N ALA B 342 -5.08 40.35 -1.17
CA ALA B 342 -5.72 39.05 -1.06
C ALA B 342 -6.89 38.93 -2.05
N SER B 343 -6.67 38.15 -3.11
CA SER B 343 -7.67 37.97 -4.14
C SER B 343 -8.83 37.08 -3.67
N ASN B 344 -10.03 37.36 -4.18
CA ASN B 344 -11.23 36.64 -3.79
C ASN B 344 -12.38 36.97 -4.73
N PRO B 345 -13.24 35.97 -5.00
CA PRO B 345 -14.42 36.14 -5.86
C PRO B 345 -15.38 37.26 -5.41
N ALA B 346 -15.23 37.77 -4.18
CA ALA B 346 -16.14 38.79 -3.68
C ALA B 346 -15.44 39.93 -2.95
N GLY B 347 -14.14 39.77 -2.68
CA GLY B 347 -13.43 40.77 -1.91
C GLY B 347 -11.99 41.01 -2.32
N GLU B 348 -11.50 42.23 -2.07
CA GLU B 348 -10.11 42.58 -2.35
C GLU B 348 -9.51 43.40 -1.22
N ALA B 349 -9.42 42.81 -0.03
CA ALA B 349 -8.86 43.51 1.13
C ALA B 349 -7.33 43.61 1.00
N THR B 350 -6.76 44.64 1.61
CA THR B 350 -5.31 44.87 1.53
C THR B 350 -4.78 45.77 2.64
N GLN B 351 -3.51 45.61 2.96
CA GLN B 351 -2.83 46.46 3.94
C GLN B 351 -1.36 46.69 3.53
N ILE B 352 -0.71 47.65 4.17
CA ILE B 352 0.63 48.08 3.75
C ILE B 352 1.69 47.85 4.82
N VAL B 353 2.94 47.73 4.39
CA VAL B 353 4.06 47.52 5.30
C VAL B 353 5.34 48.14 4.72
N ASP B 354 6.10 48.84 5.56
CA ASP B 354 7.32 49.51 5.13
C ASP B 354 8.57 48.83 5.69
N LEU B 355 9.68 48.94 4.95
CA LEU B 355 10.93 48.31 5.35
C LEU B 355 12.09 49.32 5.35
N HIS B 356 12.99 49.16 6.31
CA HIS B 356 14.19 49.99 6.40
C HIS B 356 15.31 49.25 7.14
N GLU C 7 -23.36 -75.10 21.19
CA GLU C 7 -23.10 -73.68 21.41
C GLU C 7 -22.18 -73.45 22.60
N THR C 8 -21.57 -72.27 22.66
CA THR C 8 -20.65 -71.95 23.73
C THR C 8 -20.79 -70.47 24.12
N PRO C 9 -20.96 -70.21 25.44
CA PRO C 9 -21.06 -68.84 25.95
C PRO C 9 -19.81 -68.02 25.66
N PRO C 10 -19.99 -66.72 25.38
CA PRO C 10 -18.90 -65.81 24.99
C PRO C 10 -17.78 -65.73 26.02
N ARG C 11 -16.54 -65.64 25.55
CA ARG C 11 -15.39 -65.46 26.42
C ARG C 11 -14.49 -64.33 25.93
N PHE C 12 -14.18 -63.40 26.82
CA PHE C 12 -13.34 -62.26 26.48
C PHE C 12 -11.91 -62.70 26.18
N THR C 13 -11.46 -62.46 24.96
CA THR C 13 -10.08 -62.76 24.59
C THR C 13 -9.17 -61.58 24.89
N ARG C 14 -9.77 -60.39 24.93
CA ARG C 14 -9.04 -59.17 25.25
C ARG C 14 -10.00 -58.08 25.72
N THR C 15 -9.81 -57.64 26.96
CA THR C 15 -10.70 -56.67 27.57
C THR C 15 -10.14 -55.25 27.46
N PRO C 16 -11.03 -54.26 27.27
CA PRO C 16 -10.63 -52.84 27.20
C PRO C 16 -10.01 -52.35 28.51
N VAL C 17 -9.05 -51.45 28.40
CA VAL C 17 -8.31 -50.96 29.56
C VAL C 17 -8.59 -49.49 29.86
N ASP C 18 -8.29 -49.07 31.07
CA ASP C 18 -8.51 -47.70 31.51
C ASP C 18 -7.51 -46.76 30.83
N GLN C 19 -8.02 -45.90 29.96
CA GLN C 19 -7.18 -44.95 29.24
C GLN C 19 -7.45 -43.51 29.69
N THR C 20 -6.38 -42.73 29.79
CA THR C 20 -6.48 -41.33 30.19
C THR C 20 -6.18 -40.41 29.00
N GLY C 21 -7.23 -39.94 28.34
CA GLY C 21 -7.06 -39.08 27.19
C GLY C 21 -7.13 -37.61 27.54
N VAL C 22 -6.84 -36.76 26.56
CA VAL C 22 -6.87 -35.30 26.77
C VAL C 22 -8.03 -34.68 26.02
N SER C 23 -8.54 -33.57 26.57
CA SER C 23 -9.66 -32.87 25.94
C SER C 23 -9.28 -32.31 24.58
N GLY C 24 -10.23 -32.35 23.66
CA GLY C 24 -10.00 -31.87 22.30
C GLY C 24 -9.34 -32.92 21.43
N GLY C 25 -9.01 -34.06 22.02
CA GLY C 25 -8.36 -35.14 21.30
C GLY C 25 -9.30 -36.28 20.98
N VAL C 26 -8.74 -37.45 20.76
CA VAL C 26 -9.53 -38.64 20.43
C VAL C 26 -9.17 -39.82 21.32
N ALA C 27 -10.18 -40.56 21.75
CA ALA C 27 -9.96 -41.78 22.54
C ALA C 27 -10.79 -42.93 21.98
N SER C 28 -10.15 -44.08 21.78
CA SER C 28 -10.82 -45.25 21.24
C SER C 28 -10.67 -46.47 22.16
N PHE C 29 -11.75 -47.21 22.32
CA PHE C 29 -11.74 -48.43 23.14
C PHE C 29 -12.01 -49.66 22.29
N ILE C 30 -11.23 -50.72 22.53
CA ILE C 30 -11.35 -51.96 21.78
C ILE C 30 -12.03 -53.05 22.60
N CYS C 31 -12.78 -53.91 21.93
CA CYS C 31 -13.49 -55.00 22.59
C CYS C 31 -13.94 -56.05 21.59
N GLN C 32 -13.49 -57.29 21.79
CA GLN C 32 -13.89 -58.39 20.92
C GLN C 32 -13.84 -59.73 21.66
N ALA C 33 -14.80 -60.60 21.37
CA ALA C 33 -14.88 -61.90 22.02
C ALA C 33 -15.34 -62.97 21.04
N THR C 34 -15.21 -64.23 21.44
CA THR C 34 -15.59 -65.35 20.59
C THR C 34 -16.72 -66.17 21.21
N GLY C 35 -17.36 -67.00 20.39
CA GLY C 35 -18.44 -67.84 20.84
C GLY C 35 -19.36 -68.29 19.72
N ASP C 36 -20.28 -69.19 20.02
CA ASP C 36 -21.23 -69.70 19.05
C ASP C 36 -22.66 -69.48 19.53
N PRO C 37 -23.43 -68.62 18.84
CA PRO C 37 -23.00 -67.84 17.67
C PRO C 37 -22.10 -66.66 18.04
N ARG C 38 -21.66 -65.91 17.03
CA ARG C 38 -20.75 -64.80 17.25
C ARG C 38 -21.35 -63.70 18.12
N PRO C 39 -20.64 -63.32 19.19
CA PRO C 39 -21.06 -62.32 20.17
C PRO C 39 -21.28 -60.94 19.55
N LYS C 40 -22.52 -60.49 19.53
CA LYS C 40 -22.84 -59.15 19.04
C LYS C 40 -22.62 -58.13 20.15
N ILE C 41 -21.61 -57.28 19.98
CA ILE C 41 -21.19 -56.36 21.03
C ILE C 41 -21.87 -55.00 20.97
N VAL C 42 -22.42 -54.59 22.10
CA VAL C 42 -23.05 -53.28 22.24
C VAL C 42 -22.42 -52.51 23.40
N TRP C 43 -22.14 -51.23 23.18
CA TRP C 43 -21.53 -50.40 24.21
C TRP C 43 -22.58 -49.65 25.04
N ASN C 44 -22.36 -49.60 26.35
CA ASN C 44 -23.31 -48.98 27.25
C ASN C 44 -22.67 -47.99 28.23
N LYS C 45 -23.42 -46.97 28.62
CA LYS C 45 -22.98 -46.03 29.64
C LYS C 45 -24.07 -45.88 30.71
N LYS C 46 -23.73 -46.24 31.95
CA LYS C 46 -24.68 -46.24 33.05
C LYS C 46 -25.90 -47.08 32.70
N GLY C 47 -25.65 -48.22 32.05
CA GLY C 47 -26.70 -49.12 31.63
C GLY C 47 -27.49 -48.58 30.44
N LYS C 48 -26.96 -47.55 29.79
CA LYS C 48 -27.62 -46.94 28.65
C LYS C 48 -26.73 -46.96 27.41
N LYS C 49 -27.30 -47.34 26.27
CA LYS C 49 -26.56 -47.38 25.01
C LYS C 49 -26.17 -45.97 24.57
N VAL C 50 -25.01 -45.85 23.93
CA VAL C 50 -24.52 -44.56 23.46
C VAL C 50 -25.49 -43.93 22.46
N SER C 51 -25.59 -42.61 22.50
CA SER C 51 -26.55 -41.89 21.67
C SER C 51 -25.96 -40.64 21.01
N ASN C 52 -25.01 -40.01 21.68
CA ASN C 52 -24.43 -38.76 21.21
C ASN C 52 -23.67 -38.95 19.90
N GLN C 53 -23.65 -37.89 19.08
CA GLN C 53 -23.04 -37.94 17.76
C GLN C 53 -21.53 -38.14 17.85
N ARG C 54 -20.91 -37.55 18.86
CA ARG C 54 -19.46 -37.62 19.03
C ARG C 54 -18.99 -39.04 19.32
N PHE C 55 -19.89 -39.88 19.81
CA PHE C 55 -19.59 -41.29 20.04
C PHE C 55 -19.96 -42.13 18.82
N GLU C 56 -19.00 -42.90 18.32
CA GLU C 56 -19.26 -43.77 17.17
C GLU C 56 -18.66 -45.16 17.38
N VAL C 57 -19.39 -46.18 16.94
CA VAL C 57 -18.96 -47.56 17.09
C VAL C 57 -18.58 -48.16 15.74
N ILE C 58 -17.38 -48.73 15.66
CA ILE C 58 -16.89 -49.33 14.43
C ILE C 58 -16.80 -50.84 14.53
N GLU C 59 -17.58 -51.55 13.73
CA GLU C 59 -17.59 -53.00 13.72
C GLU C 59 -16.32 -53.56 13.09
N PHE C 60 -15.78 -54.63 13.69
CA PHE C 60 -14.60 -55.29 13.17
C PHE C 60 -14.90 -56.01 11.86
N ASP C 61 -13.83 -56.37 11.14
CA ASP C 61 -13.97 -57.13 9.91
C ASP C 61 -14.49 -58.54 10.23
N ASP C 62 -14.06 -59.05 11.37
CA ASP C 62 -14.49 -60.38 11.83
C ASP C 62 -15.96 -60.37 12.18
N GLY C 63 -16.43 -59.27 12.77
CA GLY C 63 -17.79 -59.16 13.25
C GLY C 63 -17.88 -59.72 14.65
N SER C 64 -16.71 -60.05 15.22
CA SER C 64 -16.64 -60.61 16.55
C SER C 64 -16.37 -59.53 17.60
N GLY C 65 -16.21 -58.29 17.13
CA GLY C 65 -15.94 -57.19 18.03
C GLY C 65 -16.32 -55.83 17.47
N SER C 66 -16.13 -54.80 18.29
CA SER C 66 -16.46 -53.43 17.91
C SER C 66 -15.55 -52.43 18.59
N VAL C 67 -15.35 -51.28 17.96
CA VAL C 67 -14.49 -50.23 18.51
C VAL C 67 -15.26 -48.93 18.69
N LEU C 68 -15.28 -48.43 19.93
CA LEU C 68 -15.96 -47.18 20.25
C LEU C 68 -15.01 -45.99 20.17
N ARG C 69 -15.23 -45.13 19.17
CA ARG C 69 -14.37 -43.97 18.98
C ARG C 69 -15.06 -42.70 19.46
N ILE C 70 -14.36 -41.92 20.28
CA ILE C 70 -14.89 -40.68 20.81
C ILE C 70 -14.11 -39.49 20.28
N GLN C 71 -14.79 -38.62 19.54
CA GLN C 71 -14.15 -37.47 18.93
C GLN C 71 -15.13 -36.31 18.72
N PRO C 72 -14.81 -35.14 19.27
CA PRO C 72 -13.61 -34.88 20.08
C PRO C 72 -13.84 -35.14 21.58
N LEU C 73 -12.76 -35.20 22.34
CA LEU C 73 -12.84 -35.42 23.78
C LEU C 73 -13.09 -34.12 24.53
N ARG C 74 -13.96 -34.17 25.54
CA ARG C 74 -14.25 -33.00 26.37
C ARG C 74 -14.25 -33.37 27.84
N THR C 75 -14.12 -32.37 28.71
CA THR C 75 -14.06 -32.61 30.15
C THR C 75 -14.72 -31.47 30.93
N PRO C 76 -15.43 -31.82 32.02
CA PRO C 76 -15.68 -33.19 32.47
C PRO C 76 -16.97 -33.75 31.89
N ARG C 77 -17.27 -33.39 30.64
CA ARG C 77 -18.49 -33.82 29.99
C ARG C 77 -18.46 -35.32 29.66
N ASP C 78 -17.26 -35.84 29.43
CA ASP C 78 -17.10 -37.22 29.00
C ASP C 78 -16.43 -38.10 30.07
N GLU C 79 -16.18 -37.53 31.24
CA GLU C 79 -15.57 -38.29 32.34
C GLU C 79 -16.58 -39.22 33.01
N ALA C 80 -16.58 -40.48 32.60
CA ALA C 80 -17.52 -41.46 33.13
C ALA C 80 -17.01 -42.89 32.93
N ILE C 81 -17.76 -43.85 33.46
CA ILE C 81 -17.41 -45.26 33.33
C ILE C 81 -18.27 -45.95 32.27
N TYR C 82 -17.62 -46.69 31.38
CA TYR C 82 -18.32 -47.38 30.30
C TYR C 82 -18.16 -48.89 30.41
N GLU C 83 -19.11 -49.63 29.84
CA GLU C 83 -19.07 -51.08 29.87
C GLU C 83 -19.26 -51.68 28.48
N CYS C 84 -18.63 -52.82 28.24
CA CYS C 84 -18.75 -53.52 26.97
C CYS C 84 -19.53 -54.82 27.12
N VAL C 85 -20.65 -54.93 26.44
CA VAL C 85 -21.52 -56.10 26.57
C VAL C 85 -21.50 -56.97 25.32
N ALA C 86 -20.90 -58.15 25.45
CA ALA C 86 -20.89 -59.13 24.37
C ALA C 86 -21.94 -60.20 24.63
N SER C 87 -23.03 -60.16 23.86
CA SER C 87 -24.16 -61.05 24.10
C SER C 87 -24.58 -61.82 22.86
N ASN C 88 -24.90 -63.09 23.05
CA ASN C 88 -25.45 -63.92 21.98
C ASN C 88 -26.68 -64.69 22.46
N ASN C 89 -27.00 -65.78 21.76
CA ASN C 89 -28.17 -66.57 22.10
C ASN C 89 -27.97 -67.40 23.37
N VAL C 90 -26.74 -67.89 23.58
CA VAL C 90 -26.46 -68.78 24.69
C VAL C 90 -26.18 -68.04 25.99
N GLY C 91 -25.52 -66.89 25.91
CA GLY C 91 -25.16 -66.16 27.11
C GLY C 91 -24.94 -64.66 26.92
N GLU C 92 -24.59 -63.99 28.01
CA GLU C 92 -24.31 -62.55 28.00
C GLU C 92 -23.27 -62.18 29.05
N ILE C 93 -22.21 -61.50 28.61
CA ILE C 93 -21.15 -61.08 29.52
C ILE C 93 -20.84 -59.60 29.37
N SER C 94 -20.21 -59.02 30.39
CA SER C 94 -19.88 -57.60 30.37
C SER C 94 -18.69 -57.26 31.28
N VAL C 95 -17.92 -56.26 30.88
CA VAL C 95 -16.79 -55.79 31.66
C VAL C 95 -16.75 -54.26 31.66
N SER C 96 -16.38 -53.67 32.78
CA SER C 96 -16.36 -52.22 32.92
C SER C 96 -14.94 -51.65 32.89
N THR C 97 -14.83 -50.38 32.52
CA THR C 97 -13.54 -49.70 32.45
C THR C 97 -13.70 -48.23 32.79
N ARG C 98 -12.63 -47.60 33.28
CA ARG C 98 -12.69 -46.21 33.72
C ARG C 98 -12.09 -45.28 32.67
N LEU C 99 -12.72 -44.13 32.46
CA LEU C 99 -12.19 -43.13 31.54
C LEU C 99 -11.85 -41.83 32.24
N THR C 100 -10.61 -41.37 32.07
CA THR C 100 -10.17 -40.11 32.66
C THR C 100 -9.83 -39.11 31.56
N VAL C 101 -10.50 -37.96 31.57
CA VAL C 101 -10.26 -36.93 30.57
C VAL C 101 -9.65 -35.68 31.18
N LEU C 102 -8.35 -35.52 31.01
CA LEU C 102 -7.64 -34.37 31.54
C LEU C 102 -7.74 -33.17 30.60
N ARG C 103 -7.92 -31.98 31.19
CA ARG C 103 -8.02 -30.76 30.40
C ARG C 103 -6.62 -30.29 29.98
N GLU C 104 -6.55 -29.29 29.11
CA GLU C 104 -5.28 -28.79 28.61
C GLU C 104 -4.45 -28.12 29.70
N ASP C 105 -5.12 -27.59 30.71
CA ASP C 105 -4.43 -26.94 31.82
C ASP C 105 -4.22 -27.90 32.98
N GLN C 106 -4.57 -29.17 32.75
CA GLN C 106 -4.46 -30.20 33.77
C GLN C 106 -3.40 -31.22 33.37
N ILE C 107 -2.73 -30.97 32.26
CA ILE C 107 -1.70 -31.86 31.73
C ILE C 107 -0.51 -31.96 32.69
N PRO C 108 -0.23 -33.18 33.18
CA PRO C 108 0.87 -33.41 34.12
C PRO C 108 2.23 -33.27 33.44
N ARG C 109 3.27 -33.07 34.24
CA ARG C 109 4.62 -32.93 33.72
C ARG C 109 5.20 -34.30 33.36
N GLY C 110 5.30 -34.58 32.07
CA GLY C 110 5.80 -35.85 31.60
C GLY C 110 4.76 -36.60 30.77
N PHE C 111 3.74 -35.89 30.33
CA PHE C 111 2.69 -36.47 29.51
C PHE C 111 3.18 -36.68 28.09
N PRO C 112 2.75 -37.79 27.46
CA PRO C 112 3.11 -38.13 26.08
C PRO C 112 2.95 -36.96 25.11
N THR C 113 3.97 -36.73 24.29
CA THR C 113 3.95 -35.64 23.32
C THR C 113 4.40 -36.12 21.96
N ILE C 114 3.62 -35.79 20.93
CA ILE C 114 3.93 -36.19 19.57
C ILE C 114 5.05 -35.33 19.00
N ASP C 115 6.28 -35.83 19.07
CA ASP C 115 7.43 -35.12 18.53
C ASP C 115 7.37 -35.10 17.00
N MET C 116 6.82 -36.16 16.43
CA MET C 116 6.67 -36.26 14.98
C MET C 116 5.48 -37.12 14.61
N GLY C 117 4.48 -36.51 13.97
CA GLY C 117 3.29 -37.23 13.57
C GLY C 117 3.40 -37.76 12.15
N PRO C 118 2.48 -38.67 11.77
CA PRO C 118 2.47 -39.24 10.42
C PRO C 118 2.03 -38.24 9.37
N GLN C 119 2.83 -38.09 8.32
CA GLN C 119 2.49 -37.20 7.22
C GLN C 119 1.88 -37.98 6.07
N LEU C 120 1.26 -37.27 5.12
CA LEU C 120 0.62 -37.89 3.97
C LEU C 120 1.64 -38.65 3.13
N LYS C 121 1.33 -39.90 2.80
CA LYS C 121 2.22 -40.73 2.00
C LYS C 121 1.48 -41.44 0.86
N VAL C 122 2.17 -41.65 -0.24
CA VAL C 122 1.61 -42.36 -1.38
C VAL C 122 2.62 -43.37 -1.93
N VAL C 123 2.26 -44.65 -1.91
CA VAL C 123 3.13 -45.69 -2.44
C VAL C 123 2.40 -46.52 -3.50
N GLU C 124 3.13 -46.89 -4.55
CA GLU C 124 2.56 -47.72 -5.61
C GLU C 124 2.35 -49.15 -5.13
N ARG C 125 1.56 -49.91 -5.89
CA ARG C 125 1.23 -51.28 -5.51
C ARG C 125 2.48 -52.15 -5.44
N THR C 126 2.48 -53.12 -4.53
CA THR C 126 3.60 -54.03 -4.33
C THR C 126 4.89 -53.28 -4.00
N ARG C 127 4.79 -52.29 -3.13
CA ARG C 127 5.95 -51.53 -2.69
C ARG C 127 5.91 -51.29 -1.18
N THR C 128 7.05 -50.91 -0.62
CA THR C 128 7.17 -50.71 0.82
C THR C 128 6.63 -49.35 1.25
N ALA C 129 5.71 -49.38 2.21
CA ALA C 129 5.18 -48.14 2.79
C ALA C 129 5.71 -47.97 4.20
N THR C 130 6.05 -46.74 4.57
CA THR C 130 6.63 -46.47 5.88
C THR C 130 6.00 -45.25 6.55
N MET C 131 5.00 -45.49 7.39
CA MET C 131 4.41 -44.43 8.18
C MET C 131 5.27 -44.17 9.42
N LEU C 132 5.66 -42.92 9.61
CA LEU C 132 6.59 -42.58 10.69
C LEU C 132 5.90 -41.91 11.88
N CYS C 133 6.47 -42.10 13.06
CA CYS C 133 5.96 -41.48 14.27
C CYS C 133 7.01 -41.48 15.38
N ALA C 134 6.90 -40.54 16.30
CA ALA C 134 7.82 -40.44 17.43
C ALA C 134 7.10 -39.86 18.65
N ALA C 135 7.60 -40.18 19.84
CA ALA C 135 6.96 -39.72 21.07
C ALA C 135 7.97 -39.52 22.19
N SER C 136 7.54 -38.84 23.24
CA SER C 136 8.39 -38.59 24.40
C SER C 136 7.53 -38.43 25.66
N GLY C 137 8.16 -38.54 26.82
CA GLY C 137 7.46 -38.40 28.08
C GLY C 137 8.06 -39.26 29.18
N ASN C 138 7.42 -39.27 30.34
CA ASN C 138 7.88 -40.05 31.47
C ASN C 138 6.77 -40.91 32.05
N PRO C 139 6.88 -42.24 31.91
CA PRO C 139 7.99 -42.94 31.24
C PRO C 139 7.85 -42.93 29.72
N ASP C 140 8.79 -43.56 29.03
CA ASP C 140 8.79 -43.62 27.58
C ASP C 140 7.55 -44.37 27.06
N PRO C 141 6.67 -43.67 26.36
CA PRO C 141 5.43 -44.26 25.83
C PRO C 141 5.68 -45.17 24.64
N GLU C 142 4.83 -46.19 24.48
CA GLU C 142 4.94 -47.10 23.35
C GLU C 142 3.96 -46.69 22.25
N ILE C 143 4.26 -47.08 21.01
CA ILE C 143 3.50 -46.60 19.86
C ILE C 143 2.53 -47.64 19.31
N THR C 144 1.27 -47.24 19.17
CA THR C 144 0.24 -48.08 18.57
C THR C 144 -0.42 -47.33 17.40
N TRP C 145 -0.76 -48.05 16.34
CA TRP C 145 -1.35 -47.43 15.16
C TRP C 145 -2.83 -47.73 15.02
N PHE C 146 -3.55 -46.83 14.35
CA PHE C 146 -4.98 -46.96 14.15
C PHE C 146 -5.39 -46.65 12.72
N LYS C 147 -5.57 -47.70 11.92
CA LYS C 147 -6.03 -47.53 10.54
C LYS C 147 -7.54 -47.62 10.43
N ASP C 148 -8.14 -46.59 9.86
CA ASP C 148 -9.59 -46.51 9.67
C ASP C 148 -10.34 -46.73 10.98
N PHE C 149 -9.88 -46.05 12.02
CA PHE C 149 -10.46 -46.10 13.37
C PHE C 149 -10.36 -47.50 13.99
N LEU C 150 -9.55 -48.36 13.36
CA LEU C 150 -9.34 -49.72 13.85
C LEU C 150 -7.87 -49.95 14.17
N PRO C 151 -7.58 -50.72 15.23
CA PRO C 151 -6.20 -51.03 15.61
C PRO C 151 -5.50 -51.94 14.60
N VAL C 152 -4.23 -51.69 14.37
CA VAL C 152 -3.45 -52.49 13.43
C VAL C 152 -2.82 -53.68 14.13
N ASP C 153 -3.03 -54.88 13.59
CA ASP C 153 -2.51 -56.10 14.19
C ASP C 153 -1.01 -56.25 13.94
N THR C 154 -0.21 -55.76 14.89
CA THR C 154 1.24 -55.89 14.78
C THR C 154 1.79 -56.69 15.96
N SER C 155 1.12 -57.80 16.28
CA SER C 155 1.52 -58.62 17.42
C SER C 155 2.87 -59.29 17.17
N ASN C 156 2.94 -60.07 16.09
CA ASN C 156 4.15 -60.80 15.76
C ASN C 156 4.45 -60.72 14.26
N ASN C 157 5.66 -61.12 13.89
CA ASN C 157 6.07 -61.11 12.48
C ASN C 157 5.28 -62.12 11.65
N ASN C 158 4.14 -61.68 11.13
CA ASN C 158 3.30 -62.54 10.30
C ASN C 158 3.72 -62.51 8.84
N ARG C 160 3.90 -58.90 6.42
CA ARG C 160 3.28 -57.82 5.65
C ARG C 160 3.43 -56.48 6.38
N ILE C 161 2.78 -56.38 7.55
CA ILE C 161 2.80 -55.15 8.33
C ILE C 161 3.50 -55.36 9.67
N LYS C 162 4.65 -54.73 9.84
CA LYS C 162 5.45 -54.89 11.05
C LYS C 162 5.77 -53.55 11.70
N GLN C 163 5.74 -53.53 13.03
CA GLN C 163 6.18 -52.35 13.77
C GLN C 163 7.67 -52.48 14.07
N LEU C 164 8.41 -51.40 13.86
CA LEU C 164 9.87 -51.46 13.94
C LEU C 164 10.37 -51.36 15.38
N ARG C 165 11.39 -52.15 15.67
CA ARG C 165 12.05 -52.16 16.98
C ARG C 165 12.82 -50.87 17.21
N SER C 166 12.82 -50.40 18.45
CA SER C 166 13.52 -49.16 18.81
C SER C 166 15.02 -49.42 18.98
N ARG C 175 11.67 -45.17 17.63
CA ARG C 175 11.13 -45.00 16.29
C ARG C 175 10.24 -46.18 15.90
N GLY C 176 8.98 -46.13 16.33
CA GLY C 176 8.03 -47.18 16.04
C GLY C 176 7.26 -46.94 14.75
N ALA C 177 7.95 -47.05 13.62
CA ALA C 177 7.33 -46.83 12.32
C ALA C 177 6.40 -47.98 11.95
N LEU C 178 5.71 -47.84 10.82
CA LEU C 178 4.78 -48.86 10.36
C LEU C 178 5.15 -49.35 8.97
N GLN C 179 6.16 -50.22 8.91
CA GLN C 179 6.65 -50.74 7.65
C GLN C 179 5.65 -51.72 7.02
N ILE C 180 4.98 -51.28 5.96
CA ILE C 180 4.02 -52.13 5.27
C ILE C 180 4.60 -52.66 3.95
N GLU C 181 5.15 -53.87 4.00
CA GLU C 181 5.70 -54.51 2.81
C GLU C 181 4.59 -55.13 1.99
N GLN C 182 4.78 -55.16 0.66
CA GLN C 182 3.78 -55.67 -0.27
C GLN C 182 2.44 -54.96 -0.07
N SER C 183 2.39 -53.70 -0.47
CA SER C 183 1.18 -52.90 -0.33
C SER C 183 0.09 -53.39 -1.27
N GLU C 184 -1.17 -53.16 -0.89
CA GLU C 184 -2.30 -53.58 -1.69
C GLU C 184 -3.47 -52.60 -1.60
N GLU C 185 -4.58 -52.94 -2.24
CA GLU C 185 -5.75 -52.08 -2.30
C GLU C 185 -6.35 -51.79 -0.92
N SER C 186 -6.33 -52.80 -0.05
CA SER C 186 -6.93 -52.69 1.27
C SER C 186 -6.16 -51.75 2.20
N ASP C 187 -4.94 -51.41 1.81
CA ASP C 187 -4.07 -50.58 2.64
C ASP C 187 -4.47 -49.11 2.61
N GLN C 188 -5.34 -48.73 1.67
CA GLN C 188 -5.81 -47.36 1.58
C GLN C 188 -6.74 -47.01 2.74
N GLY C 189 -6.45 -45.90 3.41
CA GLY C 189 -7.24 -45.47 4.54
C GLY C 189 -6.59 -44.35 5.34
N LYS C 190 -7.11 -44.11 6.53
CA LYS C 190 -6.59 -43.06 7.40
C LYS C 190 -5.77 -43.64 8.55
N TYR C 191 -4.46 -43.35 8.53
CA TYR C 191 -3.56 -43.90 9.54
C TYR C 191 -3.25 -42.89 10.64
N GLU C 192 -3.64 -43.24 11.87
CA GLU C 192 -3.40 -42.38 13.03
C GLU C 192 -2.35 -42.98 13.95
N CYS C 193 -1.59 -42.12 14.62
CA CYS C 193 -0.55 -42.56 15.54
C CYS C 193 -0.95 -42.31 16.98
N VAL C 194 -0.67 -43.28 17.85
CA VAL C 194 -1.07 -43.20 19.25
C VAL C 194 0.07 -43.54 20.20
N ALA C 195 0.34 -42.64 21.14
CA ALA C 195 1.35 -42.86 22.17
C ALA C 195 0.68 -43.02 23.54
N THR C 196 1.20 -43.95 24.35
CA THR C 196 0.56 -44.25 25.63
C THR C 196 1.56 -44.69 26.70
N ASN C 197 1.45 -44.08 27.88
CA ASN C 197 2.23 -44.52 29.04
C ASN C 197 1.34 -44.59 30.29
N SER C 198 1.97 -44.55 31.46
CA SER C 198 1.24 -44.59 32.72
C SER C 198 0.53 -43.27 33.01
N ALA C 199 1.00 -42.20 32.37
CA ALA C 199 0.44 -40.87 32.58
C ALA C 199 -0.87 -40.70 31.82
N GLY C 200 -0.91 -41.17 30.58
CA GLY C 200 -2.10 -41.05 29.76
C GLY C 200 -1.91 -41.47 28.32
N THR C 201 -2.82 -41.02 27.46
CA THR C 201 -2.81 -41.38 26.04
C THR C 201 -3.01 -40.16 25.16
N ARG C 202 -2.18 -40.03 24.12
CA ARG C 202 -2.30 -38.94 23.18
C ARG C 202 -2.33 -39.45 21.74
N TYR C 203 -3.26 -38.92 20.95
CA TYR C 203 -3.36 -39.28 19.54
C TYR C 203 -2.63 -38.25 18.68
N SER C 204 -2.27 -38.64 17.48
CA SER C 204 -1.58 -37.72 16.57
C SER C 204 -2.49 -37.32 15.40
N ALA C 205 -1.99 -36.44 14.54
CA ALA C 205 -2.76 -35.98 13.39
C ALA C 205 -2.90 -37.09 12.36
N PRO C 206 -4.13 -37.27 11.85
CA PRO C 206 -4.44 -38.29 10.83
C PRO C 206 -3.61 -38.14 9.57
N ALA C 207 -3.47 -39.21 8.81
CA ALA C 207 -2.69 -39.19 7.57
C ALA C 207 -3.21 -40.22 6.58
N ASN C 208 -3.87 -39.74 5.52
CA ASN C 208 -4.42 -40.61 4.50
C ASN C 208 -3.34 -41.27 3.65
N LEU C 209 -3.46 -42.57 3.43
CA LEU C 209 -2.52 -43.31 2.59
C LEU C 209 -3.21 -43.79 1.31
N TYR C 210 -2.64 -43.42 0.17
CA TYR C 210 -3.20 -43.82 -1.12
C TYR C 210 -2.24 -44.71 -1.90
N VAL C 211 -2.78 -45.73 -2.56
CA VAL C 211 -1.99 -46.66 -3.33
C VAL C 211 -2.34 -46.61 -4.81
N ARG C 212 -1.34 -46.36 -5.65
CA ARG C 212 -1.56 -46.23 -7.09
C ARG C 212 -0.99 -47.42 -7.85
N GLU C 213 -1.28 -47.45 -9.15
CA GLU C 213 -0.77 -48.51 -10.03
C GLU C 213 0.73 -48.43 -10.22
N LEU C 214 1.31 -49.50 -10.74
CA LEU C 214 2.74 -49.56 -11.00
C LEU C 214 3.08 -48.61 -12.16
N ARG C 215 4.10 -47.78 -11.96
CA ARG C 215 4.46 -46.77 -12.94
C ARG C 215 5.43 -47.29 -14.01
N GLU C 216 6.33 -48.18 -13.61
CA GLU C 216 7.33 -48.74 -14.51
C GLU C 216 8.16 -47.68 -15.21
N VAL C 217 9.11 -47.08 -14.49
CA VAL C 217 10.02 -46.11 -15.06
C VAL C 217 11.42 -46.70 -15.15
N ARG C 218 12.11 -46.46 -16.26
CA ARG C 218 13.45 -46.99 -16.44
C ARG C 218 14.43 -46.25 -15.53
N ARG C 219 15.02 -46.98 -14.59
CA ARG C 219 15.99 -46.40 -13.68
C ARG C 219 17.41 -46.55 -14.23
N VAL C 220 17.96 -45.44 -14.71
CA VAL C 220 19.30 -45.46 -15.28
C VAL C 220 20.23 -44.51 -14.52
N PRO C 221 21.34 -45.05 -13.99
CA PRO C 221 22.35 -44.30 -13.24
C PRO C 221 22.88 -43.09 -14.01
N PRO C 222 23.42 -42.10 -13.28
CA PRO C 222 23.94 -40.88 -13.91
C PRO C 222 25.09 -41.15 -14.88
N ARG C 223 25.12 -40.41 -15.98
CA ARG C 223 26.16 -40.58 -17.00
C ARG C 223 26.43 -39.24 -17.68
N PHE C 224 27.71 -38.89 -17.80
CA PHE C 224 28.10 -37.63 -18.40
C PHE C 224 27.84 -37.62 -19.90
N SER C 225 26.86 -36.83 -20.33
CA SER C 225 26.58 -36.66 -21.75
C SER C 225 27.68 -35.83 -22.38
N ILE C 226 27.97 -34.68 -21.75
CA ILE C 226 29.05 -33.82 -22.20
C ILE C 226 30.02 -33.60 -21.04
N PRO C 227 31.13 -34.36 -21.01
CA PRO C 227 32.14 -34.26 -19.97
C PRO C 227 32.85 -32.91 -19.98
N PRO C 228 33.34 -32.46 -18.82
CA PRO C 228 34.05 -31.17 -18.72
C PRO C 228 35.37 -31.18 -19.49
N THR C 229 35.43 -30.42 -20.57
CA THR C 229 36.61 -30.37 -21.41
C THR C 229 37.72 -29.54 -20.77
N ASN C 230 38.97 -29.94 -21.00
CA ASN C 230 40.12 -29.24 -20.45
C ASN C 230 40.29 -27.86 -21.07
N HIS C 231 40.91 -26.95 -20.34
CA HIS C 231 41.09 -25.58 -20.80
C HIS C 231 42.43 -24.98 -20.38
N GLU C 232 42.91 -24.01 -21.15
CA GLU C 232 44.15 -23.31 -20.82
C GLU C 232 43.92 -21.80 -20.93
N ILE C 233 43.93 -21.10 -19.80
CA ILE C 233 43.58 -19.69 -19.78
C ILE C 233 44.73 -18.82 -19.25
N MET C 234 44.86 -17.62 -19.82
CA MET C 234 45.85 -16.65 -19.39
C MET C 234 45.56 -16.16 -17.97
N PRO C 235 46.61 -15.68 -17.25
CA PRO C 235 46.44 -15.21 -15.86
C PRO C 235 45.34 -14.18 -15.70
N GLY C 236 44.43 -14.43 -14.75
CA GLY C 236 43.33 -13.53 -14.49
C GLY C 236 42.32 -13.53 -15.62
N GLY C 237 42.07 -14.72 -16.18
CA GLY C 237 41.14 -14.86 -17.28
C GLY C 237 39.91 -15.67 -16.91
N SER C 238 38.74 -15.07 -17.11
CA SER C 238 37.47 -15.73 -16.81
C SER C 238 37.18 -16.83 -17.83
N VAL C 239 36.44 -17.84 -17.42
CA VAL C 239 36.14 -18.97 -18.31
C VAL C 239 34.88 -19.74 -17.90
N ASN C 240 34.01 -20.01 -18.87
CA ASN C 240 32.84 -20.86 -18.66
C ASN C 240 33.11 -22.33 -18.98
N ILE C 241 33.27 -23.16 -17.96
CA ILE C 241 33.40 -24.61 -18.16
C ILE C 241 32.03 -25.25 -18.01
N THR C 242 31.67 -26.13 -18.96
CA THR C 242 30.35 -26.74 -18.99
C THR C 242 30.40 -28.24 -18.72
N CYS C 243 29.43 -28.72 -17.95
CA CYS C 243 29.31 -30.16 -17.66
C CYS C 243 27.85 -30.62 -17.75
N VAL C 244 27.61 -31.60 -18.60
CA VAL C 244 26.25 -32.10 -18.82
C VAL C 244 26.14 -33.59 -18.56
N ALA C 245 25.16 -33.97 -17.74
CA ALA C 245 24.90 -35.38 -17.44
C ALA C 245 23.45 -35.73 -17.73
N VAL C 246 23.19 -36.97 -18.12
CA VAL C 246 21.84 -37.40 -18.45
C VAL C 246 21.49 -38.72 -17.79
N GLY C 247 20.21 -39.09 -17.88
CA GLY C 247 19.73 -40.34 -17.31
C GLY C 247 18.44 -40.18 -16.53
N SER C 248 17.82 -41.30 -16.18
CA SER C 248 16.58 -41.29 -15.41
C SER C 248 16.76 -42.06 -14.10
N PRO C 249 16.59 -41.38 -12.97
CA PRO C 249 16.21 -39.96 -12.85
C PRO C 249 17.38 -39.01 -13.11
N MET C 250 17.07 -37.77 -13.46
CA MET C 250 18.09 -36.77 -13.76
C MET C 250 18.93 -36.48 -12.52
N PRO C 251 20.26 -36.44 -12.68
CA PRO C 251 21.20 -36.21 -11.58
C PRO C 251 21.42 -34.73 -11.30
N TYR C 252 21.75 -34.41 -10.06
CA TYR C 252 22.06 -33.03 -9.68
C TYR C 252 23.55 -32.77 -9.84
N VAL C 253 23.89 -31.93 -10.80
CA VAL C 253 25.29 -31.66 -11.12
C VAL C 253 25.81 -30.45 -10.35
N LYS C 254 26.96 -30.61 -9.70
CA LYS C 254 27.56 -29.53 -8.94
C LYS C 254 29.04 -29.35 -9.30
N TRP C 255 29.71 -28.45 -8.59
CA TRP C 255 31.13 -28.21 -8.81
C TRP C 255 31.88 -28.12 -7.49
N MET C 256 33.08 -28.69 -7.46
CA MET C 256 33.90 -28.69 -6.26
C MET C 256 35.37 -28.39 -6.58
N LEU C 257 36.06 -27.78 -5.63
CA LEU C 257 37.49 -27.53 -5.76
C LEU C 257 38.25 -28.56 -4.93
N GLY C 258 37.67 -29.76 -4.84
CA GLY C 258 38.23 -30.85 -4.06
C GLY C 258 37.67 -30.85 -2.66
N ALA C 259 37.89 -29.74 -1.95
CA ALA C 259 37.42 -29.61 -0.58
C ALA C 259 36.24 -28.66 -0.49
N GLU C 260 36.29 -27.59 -1.27
CA GLU C 260 35.27 -26.55 -1.21
C GLU C 260 34.28 -26.64 -2.37
N ASP C 261 33.04 -26.22 -2.12
CA ASP C 261 32.01 -26.17 -3.15
C ASP C 261 31.59 -24.74 -3.45
N LEU C 262 31.04 -24.52 -4.64
CA LEU C 262 30.66 -23.18 -5.06
C LEU C 262 29.17 -22.94 -4.83
N THR C 263 28.33 -23.83 -5.36
CA THR C 263 26.89 -23.70 -5.22
C THR C 263 26.46 -23.95 -3.78
N PRO C 264 25.47 -23.18 -3.29
CA PRO C 264 24.89 -23.37 -1.95
C PRO C 264 23.99 -24.61 -1.83
N GLU C 265 23.93 -25.44 -2.87
CA GLU C 265 23.09 -26.63 -2.90
C GLU C 265 21.58 -26.39 -2.76
N ASP C 266 21.18 -25.13 -2.63
CA ASP C 266 19.75 -24.82 -2.56
C ASP C 266 19.21 -24.64 -3.97
N ASP C 267 20.05 -24.11 -4.85
CA ASP C 267 19.70 -23.94 -6.25
C ASP C 267 20.60 -24.83 -7.11
N MET C 268 20.17 -26.06 -7.33
CA MET C 268 20.95 -27.02 -8.10
C MET C 268 20.19 -27.46 -9.35
N PRO C 269 20.79 -27.22 -10.52
CA PRO C 269 20.17 -27.52 -11.82
C PRO C 269 20.09 -29.01 -12.11
N ILE C 270 19.27 -29.38 -13.09
CA ILE C 270 19.10 -30.77 -13.46
C ILE C 270 19.66 -31.07 -14.86
N GLY C 271 20.63 -31.97 -14.92
CA GLY C 271 21.20 -32.39 -16.18
C GLY C 271 22.30 -31.50 -16.73
N ARG C 272 22.13 -30.19 -16.60
CA ARG C 272 23.10 -29.25 -17.15
C ARG C 272 23.58 -28.23 -16.11
N ASN C 273 24.88 -28.20 -15.88
CA ASN C 273 25.49 -27.24 -14.97
C ASN C 273 26.66 -26.52 -15.64
N VAL C 274 26.57 -25.20 -15.72
CA VAL C 274 27.65 -24.40 -16.29
C VAL C 274 28.33 -23.55 -15.23
N LEU C 275 29.60 -23.85 -14.98
CA LEU C 275 30.37 -23.11 -13.98
C LEU C 275 31.05 -21.89 -14.59
N GLU C 276 30.73 -20.71 -14.06
CA GLU C 276 31.31 -19.48 -14.56
C GLU C 276 32.45 -18.99 -13.66
N LEU C 277 33.68 -19.30 -14.05
CA LEU C 277 34.86 -18.93 -13.28
C LEU C 277 35.32 -17.53 -13.64
N ASN C 278 36.10 -16.92 -12.76
CA ASN C 278 36.62 -15.58 -13.00
C ASN C 278 37.91 -15.30 -12.25
N ASP C 279 38.80 -14.54 -12.90
CA ASP C 279 40.11 -14.18 -12.34
C ASP C 279 40.91 -15.40 -11.92
N VAL C 280 41.30 -16.21 -12.90
CA VAL C 280 42.11 -17.39 -12.64
C VAL C 280 43.58 -17.01 -12.49
N ARG C 281 44.09 -17.10 -11.26
CA ARG C 281 45.46 -16.68 -10.98
C ARG C 281 46.44 -17.85 -11.00
N GLN C 282 46.01 -18.98 -10.45
CA GLN C 282 46.86 -20.16 -10.35
C GLN C 282 46.16 -21.40 -10.89
N SER C 283 46.94 -22.32 -11.44
CA SER C 283 46.40 -23.55 -11.99
C SER C 283 45.84 -24.46 -10.90
N ALA C 284 44.66 -25.02 -11.17
CA ALA C 284 43.99 -25.88 -10.20
C ALA C 284 42.95 -26.75 -10.90
N ASN C 285 42.57 -27.84 -10.24
CA ASN C 285 41.59 -28.78 -10.78
C ASN C 285 40.18 -28.55 -10.23
N TYR C 286 39.20 -28.49 -11.12
CA TYR C 286 37.81 -28.37 -10.71
C TYR C 286 37.08 -29.69 -10.96
N THR C 287 36.31 -30.12 -9.98
CA THR C 287 35.62 -31.41 -10.05
C THR C 287 34.15 -31.23 -10.38
N CYS C 288 33.67 -31.99 -11.38
CA CYS C 288 32.27 -31.95 -11.75
C CYS C 288 31.56 -33.21 -11.26
N VAL C 289 30.67 -33.03 -10.29
CA VAL C 289 29.97 -34.16 -9.68
C VAL C 289 28.48 -34.16 -9.97
N ALA C 290 28.00 -35.23 -10.58
CA ALA C 290 26.58 -35.42 -10.82
C ALA C 290 26.07 -36.57 -9.95
N MET C 291 24.93 -36.38 -9.31
CA MET C 291 24.42 -37.37 -8.37
C MET C 291 22.91 -37.54 -8.45
N SER C 292 22.47 -38.79 -8.59
CA SER C 292 21.06 -39.12 -8.54
C SER C 292 20.80 -40.13 -7.43
N THR C 293 19.65 -40.79 -7.47
CA THR C 293 19.32 -41.80 -6.47
C THR C 293 19.98 -43.13 -6.79
N LEU C 294 20.69 -43.18 -7.91
CA LEU C 294 21.34 -44.40 -8.36
C LEU C 294 22.87 -44.30 -8.33
N GLY C 295 23.39 -43.52 -7.39
CA GLY C 295 24.82 -43.41 -7.22
C GLY C 295 25.41 -42.05 -7.52
N VAL C 296 26.73 -41.93 -7.34
CA VAL C 296 27.44 -40.68 -7.54
C VAL C 296 28.64 -40.86 -8.47
N ILE C 297 28.68 -40.05 -9.54
CA ILE C 297 29.80 -40.10 -10.48
C ILE C 297 30.61 -38.80 -10.43
N GLU C 298 31.85 -38.86 -10.87
CA GLU C 298 32.73 -37.69 -10.82
C GLU C 298 33.46 -37.45 -12.14
N ALA C 299 33.94 -36.22 -12.31
CA ALA C 299 34.70 -35.84 -13.50
C ALA C 299 35.60 -34.65 -13.18
N ILE C 300 36.73 -34.55 -13.88
CA ILE C 300 37.71 -33.51 -13.60
C ILE C 300 37.90 -32.56 -14.79
N ALA C 301 37.88 -31.27 -14.51
CA ALA C 301 38.11 -30.25 -15.53
C ALA C 301 39.47 -29.60 -15.33
N GLN C 302 40.30 -29.63 -16.37
CA GLN C 302 41.67 -29.10 -16.29
C GLN C 302 41.75 -27.61 -16.62
N ILE C 303 42.03 -26.80 -15.60
CA ILE C 303 42.24 -25.38 -15.79
C ILE C 303 43.68 -25.01 -15.42
N THR C 304 44.51 -24.80 -16.43
CA THR C 304 45.92 -24.48 -16.22
C THR C 304 46.25 -23.09 -16.77
N VAL C 305 47.07 -22.33 -16.04
CA VAL C 305 47.42 -20.99 -16.45
C VAL C 305 48.72 -20.92 -17.26
N LYS C 306 48.61 -20.46 -18.50
CA LYS C 306 49.78 -20.24 -19.35
C LYS C 306 50.37 -18.85 -19.10
N ALA C 307 51.68 -18.78 -18.83
CA ALA C 307 52.27 -17.47 -18.54
C ALA C 307 53.32 -17.09 -19.57
N LEU C 308 53.85 -15.87 -19.44
CA LEU C 308 54.90 -15.36 -20.31
C LEU C 308 56.22 -16.08 -20.08
N PRO C 309 57.01 -16.25 -21.16
CA PRO C 309 58.31 -16.92 -21.03
C PRO C 309 59.28 -16.12 -20.16
N LYS C 310 60.10 -16.80 -19.38
CA LYS C 310 61.14 -16.13 -18.61
C LYS C 310 62.33 -15.81 -19.53
N PRO C 311 63.13 -14.80 -19.17
CA PRO C 311 64.28 -14.44 -20.00
C PRO C 311 65.29 -15.58 -20.10
N PRO C 312 65.68 -15.95 -21.34
CA PRO C 312 66.61 -17.06 -21.59
C PRO C 312 67.99 -16.83 -20.97
N GLY C 313 68.82 -17.86 -21.01
CA GLY C 313 70.18 -17.75 -20.52
C GLY C 313 70.98 -16.77 -21.34
N THR C 314 71.94 -16.10 -20.69
CA THR C 314 72.79 -15.13 -21.36
C THR C 314 73.58 -15.79 -22.49
N PRO C 315 73.39 -15.30 -23.73
CA PRO C 315 74.05 -15.86 -24.91
C PRO C 315 75.57 -15.81 -24.82
N VAL C 316 76.22 -16.90 -25.20
CA VAL C 316 77.68 -16.98 -25.14
C VAL C 316 78.26 -17.24 -26.52
N VAL C 317 79.25 -16.43 -26.91
CA VAL C 317 79.90 -16.58 -28.21
C VAL C 317 80.80 -17.81 -28.23
N THR C 318 80.30 -18.90 -28.82
CA THR C 318 81.07 -20.13 -28.94
C THR C 318 82.02 -20.06 -30.12
N GLU C 319 81.52 -19.58 -31.25
CA GLU C 319 82.33 -19.41 -32.44
C GLU C 319 82.29 -17.97 -32.93
N SER C 320 83.40 -17.51 -33.49
CA SER C 320 83.49 -16.14 -33.98
C SER C 320 84.50 -16.01 -35.10
N THR C 321 84.04 -15.49 -36.24
CA THR C 321 84.90 -15.30 -37.40
C THR C 321 84.99 -13.82 -37.76
N ALA C 322 85.37 -13.55 -39.01
CA ALA C 322 85.50 -12.17 -39.48
C ALA C 322 84.14 -11.55 -39.80
N THR C 323 83.23 -12.37 -40.34
CA THR C 323 81.92 -11.87 -40.74
C THR C 323 80.77 -12.68 -40.16
N SER C 324 81.04 -13.42 -39.09
CA SER C 324 80.02 -14.24 -38.45
C SER C 324 80.31 -14.50 -36.98
N ILE C 325 79.26 -14.50 -36.16
CA ILE C 325 79.38 -14.76 -34.73
C ILE C 325 78.28 -15.72 -34.29
N THR C 326 78.68 -16.84 -33.70
CA THR C 326 77.74 -17.87 -33.27
C THR C 326 77.28 -17.66 -31.83
N LEU C 327 75.97 -17.77 -31.62
CA LEU C 327 75.39 -17.59 -30.29
C LEU C 327 74.83 -18.90 -29.75
N THR C 328 75.05 -19.14 -28.45
CA THR C 328 74.47 -20.27 -27.76
C THR C 328 73.91 -19.80 -26.43
N TRP C 329 72.77 -20.37 -26.02
CA TRP C 329 72.11 -19.94 -24.79
C TRP C 329 71.22 -21.03 -24.21
N ASP C 330 70.86 -20.85 -22.94
CA ASP C 330 69.93 -21.76 -22.28
C ASP C 330 68.50 -21.28 -22.50
N SER C 331 67.55 -22.20 -22.45
CA SER C 331 66.14 -21.87 -22.65
C SER C 331 65.67 -20.88 -21.59
N GLY C 332 66.09 -21.09 -20.34
CA GLY C 332 65.71 -20.23 -19.25
C GLY C 332 64.23 -20.33 -18.93
N ASN C 333 63.63 -21.45 -19.31
CA ASN C 333 62.20 -21.67 -19.09
C ASN C 333 61.91 -23.13 -18.76
N PRO C 334 61.04 -23.36 -17.77
CA PRO C 334 60.61 -24.72 -17.42
C PRO C 334 59.74 -25.31 -18.53
N GLU C 335 58.90 -24.48 -19.12
CA GLU C 335 58.06 -24.90 -20.24
C GLU C 335 58.82 -24.77 -21.56
N PRO C 336 58.55 -25.67 -22.52
CA PRO C 336 59.22 -25.65 -23.81
C PRO C 336 59.01 -24.34 -24.57
N VAL C 337 60.04 -23.87 -25.25
CA VAL C 337 59.97 -22.62 -26.00
C VAL C 337 59.86 -22.89 -27.50
N SER C 338 58.91 -22.24 -28.15
CA SER C 338 58.69 -22.40 -29.58
C SER C 338 59.90 -21.95 -30.38
N TYR C 339 60.22 -20.66 -30.29
CA TYR C 339 61.38 -20.11 -31.00
C TYR C 339 62.00 -18.94 -30.24
N TYR C 340 63.13 -18.46 -30.74
CA TYR C 340 63.86 -17.37 -30.10
C TYR C 340 64.12 -16.20 -31.04
N ILE C 341 64.28 -15.01 -30.49
CA ILE C 341 64.56 -13.82 -31.28
C ILE C 341 65.85 -13.14 -30.82
N ILE C 342 66.85 -13.11 -31.70
CA ILE C 342 68.14 -12.52 -31.37
C ILE C 342 68.21 -11.04 -31.74
N GLN C 343 68.48 -10.20 -30.75
CA GLN C 343 68.70 -8.78 -30.98
C GLN C 343 70.19 -8.50 -31.16
N HIS C 344 70.53 -7.66 -32.13
CA HIS C 344 71.93 -7.35 -32.41
C HIS C 344 72.10 -5.93 -32.94
N LYS C 345 73.18 -5.28 -32.51
CA LYS C 345 73.50 -3.93 -32.96
C LYS C 345 74.98 -3.62 -32.71
N PRO C 346 75.54 -2.67 -33.47
CA PRO C 346 76.94 -2.25 -33.26
C PRO C 346 77.20 -1.73 -31.85
N LYS C 354 68.34 -4.27 -34.45
CA LYS C 354 67.78 -5.19 -35.42
C LYS C 354 67.55 -6.56 -34.80
N GLU C 355 66.41 -7.16 -35.09
CA GLU C 355 66.01 -8.43 -34.49
C GLU C 355 65.95 -9.55 -35.53
N ILE C 356 66.43 -10.73 -35.14
CA ILE C 356 66.35 -11.90 -36.02
C ILE C 356 65.26 -12.86 -35.54
N ASP C 357 64.15 -12.89 -36.27
CA ASP C 357 63.00 -13.70 -35.89
C ASP C 357 62.99 -15.03 -36.61
N GLY C 358 62.46 -16.06 -35.94
CA GLY C 358 62.33 -17.38 -36.54
C GLY C 358 63.49 -18.31 -36.27
N ILE C 359 63.90 -18.41 -35.01
CA ILE C 359 64.97 -19.31 -34.61
C ILE C 359 64.42 -20.43 -33.73
N ALA C 360 64.20 -21.60 -34.34
CA ALA C 360 63.55 -22.71 -33.65
C ALA C 360 64.47 -23.47 -32.71
N THR C 361 65.76 -23.17 -32.75
CA THR C 361 66.72 -23.87 -31.91
C THR C 361 67.37 -22.94 -30.89
N THR C 362 68.22 -23.51 -30.04
CA THR C 362 68.89 -22.75 -28.99
C THR C 362 70.27 -22.30 -29.43
N ARG C 363 70.50 -22.30 -30.74
CA ARG C 363 71.76 -21.87 -31.31
C ARG C 363 71.55 -21.25 -32.68
N TYR C 364 72.25 -20.14 -32.94
CA TYR C 364 72.11 -19.43 -34.21
C TYR C 364 73.37 -18.64 -34.55
N SER C 365 73.76 -18.68 -35.82
CA SER C 365 74.95 -17.97 -36.28
C SER C 365 74.55 -16.68 -37.00
N VAL C 366 74.88 -15.55 -36.39
CA VAL C 366 74.57 -14.26 -36.99
C VAL C 366 75.62 -13.89 -38.03
N ALA C 367 75.24 -14.00 -39.30
CA ALA C 367 76.17 -13.72 -40.39
C ALA C 367 75.90 -12.36 -41.02
N GLY C 368 76.85 -11.90 -41.84
CA GLY C 368 76.74 -10.62 -42.51
C GLY C 368 77.19 -9.48 -41.63
N LEU C 369 78.32 -9.67 -40.96
CA LEU C 369 78.88 -8.67 -40.07
C LEU C 369 80.19 -8.12 -40.63
N SER C 370 80.65 -7.00 -40.09
CA SER C 370 81.87 -6.37 -40.55
C SER C 370 83.09 -6.92 -39.82
N PRO C 371 84.22 -7.06 -40.54
CA PRO C 371 85.48 -7.51 -39.95
C PRO C 371 86.02 -6.51 -38.94
N TYR C 372 86.52 -7.00 -37.81
CA TYR C 372 87.04 -6.15 -36.74
C TYR C 372 85.98 -5.14 -36.27
N SER C 373 84.88 -5.66 -35.71
CA SER C 373 83.80 -4.84 -35.18
C SER C 373 83.18 -5.48 -33.95
N ASP C 374 82.98 -4.70 -32.89
CA ASP C 374 82.39 -5.22 -31.66
C ASP C 374 80.87 -5.14 -31.71
N TYR C 375 80.22 -6.25 -31.37
CA TYR C 375 78.76 -6.34 -31.41
C TYR C 375 78.14 -6.65 -30.05
N GLU C 376 76.85 -6.38 -29.93
CA GLU C 376 76.10 -6.67 -28.71
C GLU C 376 74.91 -7.58 -29.03
N PHE C 377 74.78 -8.67 -28.28
CA PHE C 377 73.76 -9.68 -28.59
C PHE C 377 72.79 -9.96 -27.45
N ARG C 378 71.50 -9.93 -27.76
CA ARG C 378 70.45 -10.28 -26.80
C ARG C 378 69.56 -11.40 -27.36
N VAL C 379 68.97 -12.20 -26.47
CA VAL C 379 68.10 -13.30 -26.87
C VAL C 379 66.73 -13.20 -26.21
N VAL C 380 65.66 -13.30 -27.00
CA VAL C 380 64.31 -13.21 -26.50
C VAL C 380 63.51 -14.48 -26.78
N ALA C 381 62.75 -14.93 -25.78
CA ALA C 381 61.95 -16.14 -25.92
C ALA C 381 60.49 -15.83 -26.23
N VAL C 382 59.90 -16.61 -27.12
CA VAL C 382 58.50 -16.42 -27.51
C VAL C 382 57.74 -17.76 -27.51
N ASN C 383 56.61 -17.79 -26.82
CA ASN C 383 55.78 -19.00 -26.77
C ASN C 383 54.39 -18.78 -27.39
N ASN C 384 53.44 -19.62 -26.99
CA ASN C 384 52.08 -19.53 -27.50
C ASN C 384 51.35 -18.29 -27.02
N ILE C 385 51.73 -17.80 -25.85
CA ILE C 385 51.10 -16.62 -25.26
C ILE C 385 51.56 -15.34 -25.95
N GLY C 386 52.87 -15.15 -26.02
CA GLY C 386 53.42 -13.96 -26.63
C GLY C 386 54.93 -13.85 -26.49
N ARG C 387 55.42 -12.62 -26.42
CA ARG C 387 56.85 -12.38 -26.35
C ARG C 387 57.29 -11.97 -24.95
N GLY C 388 58.31 -12.64 -24.44
CA GLY C 388 58.86 -12.34 -23.13
C GLY C 388 59.91 -11.25 -23.19
N PRO C 389 60.63 -11.04 -22.08
CA PRO C 389 61.68 -10.04 -21.96
C PRO C 389 62.97 -10.44 -22.69
N ALA C 390 63.86 -9.47 -22.88
CA ALA C 390 65.15 -9.74 -23.50
C ALA C 390 66.18 -10.08 -22.42
N SER C 391 67.06 -11.04 -22.72
CA SER C 391 68.08 -11.46 -21.77
C SER C 391 69.21 -10.44 -21.68
N GLU C 392 70.10 -10.64 -20.70
CA GLU C 392 71.24 -9.76 -20.51
C GLU C 392 72.21 -9.92 -21.69
N PRO C 393 72.74 -8.79 -22.18
CA PRO C 393 73.55 -8.80 -23.40
C PRO C 393 74.93 -9.41 -23.22
N VAL C 394 75.66 -9.53 -24.33
CA VAL C 394 77.01 -10.07 -24.32
C VAL C 394 77.90 -9.35 -25.34
N LEU C 395 79.09 -8.96 -24.92
CA LEU C 395 80.02 -8.28 -25.82
C LEU C 395 80.98 -9.28 -26.44
N THR C 396 81.58 -8.89 -27.56
CA THR C 396 82.51 -9.76 -28.28
C THR C 396 83.40 -8.95 -29.22
N GLN D 1 -38.73 6.36 17.06
CA GLN D 1 -39.67 7.35 16.54
C GLN D 1 -38.95 8.38 15.67
N ILE D 2 -37.74 8.73 16.06
CA ILE D 2 -36.99 9.77 15.35
C ILE D 2 -36.03 9.20 14.30
N CYS D 3 -36.23 9.60 13.06
CA CYS D 3 -35.36 9.22 11.96
C CYS D 3 -34.81 10.46 11.29
N PRO D 4 -33.51 10.47 10.98
CA PRO D 4 -32.84 11.63 10.38
C PRO D 4 -33.48 12.06 9.06
N LYS D 5 -33.18 13.28 8.64
CA LYS D 5 -33.71 13.81 7.37
C LYS D 5 -33.21 12.97 6.20
N ARG D 6 -33.99 12.97 5.11
CA ARG D 6 -33.68 12.22 3.89
C ARG D 6 -33.73 10.70 4.11
N CYS D 7 -34.08 10.28 5.31
CA CYS D 7 -34.19 8.86 5.63
C CYS D 7 -35.65 8.44 5.84
N VAL D 8 -36.00 7.29 5.29
CA VAL D 8 -37.36 6.78 5.43
C VAL D 8 -37.38 5.61 6.42
N CYS D 9 -37.65 5.93 7.68
CA CYS D 9 -37.70 4.92 8.73
C CYS D 9 -39.14 4.52 9.06
N GLN D 10 -39.46 3.25 8.82
CA GLN D 10 -40.81 2.75 9.07
C GLN D 10 -40.85 1.97 10.37
N ILE D 11 -41.99 2.05 11.07
CA ILE D 11 -42.16 1.37 12.34
C ILE D 11 -43.11 0.17 12.25
N LEU D 12 -42.58 -1.02 12.47
CA LEU D 12 -43.40 -2.23 12.50
C LEU D 12 -43.16 -2.99 13.80
N SER D 13 -44.21 -3.62 14.31
CA SER D 13 -44.11 -4.37 15.56
C SER D 13 -43.22 -5.60 15.39
N PRO D 14 -42.27 -5.80 16.32
CA PRO D 14 -41.99 -4.89 17.44
C PRO D 14 -40.71 -4.09 17.23
N ASN D 15 -40.15 -4.14 16.02
CA ASN D 15 -38.82 -3.60 15.78
C ASN D 15 -38.79 -2.43 14.79
N LEU D 16 -38.06 -1.38 15.15
CA LEU D 16 -37.91 -0.20 14.31
C LEU D 16 -36.81 -0.38 13.27
N ALA D 17 -37.15 -0.11 12.01
CA ALA D 17 -36.18 -0.21 10.92
C ALA D 17 -35.98 1.15 10.26
N THR D 18 -34.72 1.55 10.09
CA THR D 18 -34.39 2.81 9.44
C THR D 18 -33.73 2.59 8.08
N LEU D 19 -34.40 3.05 7.03
CA LEU D 19 -33.91 2.87 5.66
C LEU D 19 -33.30 4.15 5.12
N CYS D 20 -32.02 4.10 4.76
CA CYS D 20 -31.33 5.26 4.21
C CYS D 20 -30.43 4.89 3.04
N ALA D 21 -30.95 4.11 2.10
CA ALA D 21 -30.20 3.68 0.94
C ALA D 21 -30.33 4.69 -0.21
N LYS D 22 -29.22 4.93 -0.91
CA LYS D 22 -29.17 5.88 -2.02
C LYS D 22 -29.68 7.26 -1.63
N LYS D 23 -28.96 7.91 -0.71
CA LYS D 23 -29.36 9.23 -0.24
C LYS D 23 -28.23 10.24 -0.41
N GLY D 24 -27.13 9.78 -1.00
CA GLY D 24 -26.00 10.65 -1.26
C GLY D 24 -25.33 11.16 0.00
N LEU D 25 -25.43 10.37 1.07
CA LEU D 25 -24.84 10.75 2.34
C LEU D 25 -23.32 10.78 2.26
N LEU D 26 -22.71 11.75 2.93
CA LEU D 26 -21.26 11.88 2.92
C LEU D 26 -20.69 11.30 4.20
N PHE D 27 -21.52 11.30 5.24
CA PHE D 27 -21.15 10.66 6.50
C PHE D 27 -22.41 10.16 7.20
N VAL D 28 -22.21 9.33 8.22
CA VAL D 28 -23.30 8.75 8.99
C VAL D 28 -24.25 9.78 9.57
N PRO D 29 -25.57 9.55 9.42
CA PRO D 29 -26.58 10.44 9.99
C PRO D 29 -26.38 10.64 11.49
N PRO D 30 -26.41 11.90 11.94
CA PRO D 30 -26.07 12.27 13.31
C PRO D 30 -27.09 11.82 14.36
N ASN D 31 -28.36 11.79 14.00
CA ASN D 31 -29.41 11.47 14.97
C ASN D 31 -30.26 10.27 14.55
N ILE D 32 -29.64 9.10 14.53
CA ILE D 32 -30.36 7.86 14.27
C ILE D 32 -30.88 7.28 15.58
N ASP D 33 -32.13 6.84 15.58
CA ASP D 33 -32.73 6.25 16.77
C ASP D 33 -31.91 5.04 17.21
N ARG D 34 -31.44 5.08 18.46
CA ARG D 34 -30.55 4.05 18.98
C ARG D 34 -31.26 2.71 19.18
N ARG D 35 -32.58 2.75 19.33
CA ARG D 35 -33.35 1.52 19.49
C ARG D 35 -33.81 0.96 18.15
N THR D 36 -33.08 1.32 17.08
CA THR D 36 -33.35 0.77 15.77
C THR D 36 -32.87 -0.68 15.73
N VAL D 37 -33.38 -1.44 14.75
CA VAL D 37 -33.05 -2.85 14.66
C VAL D 37 -32.45 -3.18 13.29
N GLU D 38 -32.97 -2.53 12.25
CA GLU D 38 -32.40 -2.65 10.92
C GLU D 38 -31.98 -1.28 10.39
N LEU D 39 -30.77 -1.22 9.83
CA LEU D 39 -30.21 0.03 9.36
C LEU D 39 -29.55 -0.14 8.01
N ARG D 40 -30.14 0.45 6.97
CA ARG D 40 -29.59 0.37 5.63
C ARG D 40 -28.91 1.67 5.23
N LEU D 41 -27.58 1.65 5.15
CA LEU D 41 -26.83 2.79 4.67
C LEU D 41 -26.12 2.44 3.38
N ALA D 42 -26.69 1.46 2.66
CA ALA D 42 -26.12 0.97 1.42
C ALA D 42 -26.18 2.02 0.32
N ASP D 43 -25.27 1.89 -0.65
CA ASP D 43 -25.23 2.75 -1.83
C ASP D 43 -25.13 4.24 -1.48
N ASN D 44 -24.28 4.55 -0.50
CA ASN D 44 -24.00 5.94 -0.17
C ASN D 44 -22.52 6.25 -0.36
N PHE D 45 -22.04 7.29 0.31
CA PHE D 45 -20.66 7.73 0.12
C PHE D 45 -19.99 8.11 1.44
N VAL D 46 -20.13 7.25 2.44
CA VAL D 46 -19.49 7.49 3.73
C VAL D 46 -18.01 7.10 3.69
N THR D 47 -17.16 7.97 4.21
CA THR D 47 -15.72 7.75 4.15
C THR D 47 -15.19 7.05 5.39
N ASN D 48 -15.69 7.44 6.56
CA ASN D 48 -15.26 6.84 7.82
C ASN D 48 -16.31 6.94 8.91
N ILE D 49 -16.33 5.96 9.81
CA ILE D 49 -17.30 5.94 10.90
C ILE D 49 -16.64 6.28 12.24
N LYS D 50 -17.43 6.83 13.15
CA LYS D 50 -16.96 7.20 14.48
C LYS D 50 -17.71 6.38 15.53
N ARG D 51 -17.22 6.39 16.77
CA ARG D 51 -17.85 5.64 17.85
C ARG D 51 -19.26 6.14 18.15
N LYS D 52 -19.45 7.44 18.02
CA LYS D 52 -20.74 8.07 18.33
C LYS D 52 -21.84 7.67 17.34
N ASP D 53 -21.43 7.10 16.21
CA ASP D 53 -22.36 6.72 15.16
C ASP D 53 -23.24 5.55 15.59
N PHE D 54 -22.60 4.42 15.90
CA PHE D 54 -23.32 3.22 16.30
C PHE D 54 -23.02 2.94 17.77
N ALA D 55 -23.11 3.97 18.60
CA ALA D 55 -22.75 3.88 20.01
C ALA D 55 -23.75 3.07 20.82
N ASN D 56 -24.99 3.55 20.90
CA ASN D 56 -25.97 2.95 21.79
C ASN D 56 -26.96 2.03 21.08
N MET D 57 -26.62 1.62 19.86
CA MET D 57 -27.50 0.77 19.07
C MET D 57 -27.43 -0.68 19.51
N THR D 58 -28.10 -1.00 20.62
CA THR D 58 -28.10 -2.36 21.15
C THR D 58 -29.08 -3.25 20.40
N SER D 59 -30.23 -2.70 20.04
CA SER D 59 -31.29 -3.45 19.39
C SER D 59 -31.02 -3.76 17.92
N LEU D 60 -29.90 -3.25 17.42
CA LEU D 60 -29.52 -3.47 16.02
C LEU D 60 -29.22 -4.93 15.75
N VAL D 61 -29.89 -5.50 14.75
CA VAL D 61 -29.70 -6.91 14.40
C VAL D 61 -29.12 -7.05 12.99
N ASP D 62 -29.22 -5.99 12.20
CA ASP D 62 -28.78 -6.02 10.82
C ASP D 62 -28.29 -4.64 10.37
N LEU D 63 -27.00 -4.56 10.05
CA LEU D 63 -26.41 -3.31 9.58
C LEU D 63 -25.90 -3.48 8.16
N THR D 64 -26.21 -2.52 7.30
CA THR D 64 -25.81 -2.61 5.89
C THR D 64 -25.03 -1.38 5.44
N LEU D 65 -23.73 -1.56 5.20
CA LEU D 65 -22.88 -0.50 4.72
C LEU D 65 -22.30 -0.87 3.35
N SER D 66 -23.15 -1.41 2.48
CA SER D 66 -22.73 -1.90 1.18
C SER D 66 -22.51 -0.76 0.18
N ARG D 67 -21.47 -0.91 -0.65
CA ARG D 67 -21.17 0.03 -1.73
C ARG D 67 -20.99 1.46 -1.22
N ASN D 68 -19.89 1.69 -0.49
CA ASN D 68 -19.53 3.02 -0.03
C ASN D 68 -18.07 3.30 -0.29
N THR D 69 -17.57 4.41 0.24
CA THR D 69 -16.16 4.75 0.10
C THR D 69 -15.46 4.70 1.46
N ILE D 70 -15.84 3.72 2.27
CA ILE D 70 -15.25 3.55 3.60
C ILE D 70 -13.80 3.12 3.52
N SER D 71 -12.92 3.89 4.17
CA SER D 71 -11.49 3.61 4.14
C SER D 71 -10.92 3.39 5.54
N PHE D 72 -11.66 3.81 6.56
CA PHE D 72 -11.19 3.71 7.93
C PHE D 72 -12.33 3.50 8.93
N ILE D 73 -12.11 2.62 9.90
CA ILE D 73 -13.10 2.37 10.95
C ILE D 73 -12.49 2.63 12.32
N THR D 74 -13.20 3.43 13.13
CA THR D 74 -12.78 3.75 14.49
C THR D 74 -12.70 2.49 15.34
N PRO D 75 -11.62 2.34 16.13
CA PRO D 75 -11.56 1.21 17.08
C PRO D 75 -12.70 1.27 18.09
N HIS D 76 -13.27 0.12 18.42
CA HIS D 76 -14.40 0.03 19.34
C HIS D 76 -15.60 0.84 18.87
N ALA D 77 -15.83 0.87 17.56
CA ALA D 77 -17.00 1.55 17.01
C ALA D 77 -18.14 0.57 16.76
N PHE D 78 -17.79 -0.68 16.50
CA PHE D 78 -18.79 -1.73 16.32
C PHE D 78 -19.16 -2.36 17.65
N ALA D 79 -18.72 -1.75 18.74
CA ALA D 79 -19.07 -2.21 20.08
C ALA D 79 -20.53 -1.95 20.38
N ASP D 80 -21.02 -2.57 21.45
CA ASP D 80 -22.40 -2.40 21.93
C ASP D 80 -23.44 -2.88 20.91
N LEU D 81 -22.98 -3.58 19.88
CA LEU D 81 -23.87 -4.20 18.91
C LEU D 81 -24.10 -5.66 19.30
N ARG D 82 -24.53 -5.87 20.54
CA ARG D 82 -24.65 -7.20 21.12
C ARG D 82 -25.63 -8.10 20.39
N ASN D 83 -26.64 -7.50 19.74
CA ASN D 83 -27.68 -8.27 19.09
C ASN D 83 -27.54 -8.27 17.57
N LEU D 84 -26.41 -7.77 17.08
CA LEU D 84 -26.15 -7.73 15.65
C LEU D 84 -25.95 -9.13 15.09
N ARG D 85 -26.73 -9.48 14.07
CA ARG D 85 -26.67 -10.81 13.48
C ARG D 85 -26.01 -10.80 12.10
N ALA D 86 -26.31 -9.78 11.31
CA ALA D 86 -25.78 -9.68 9.96
C ALA D 86 -25.03 -8.36 9.74
N LEU D 87 -23.84 -8.44 9.18
CA LEU D 87 -23.03 -7.27 8.90
C LEU D 87 -22.54 -7.27 7.46
N HIS D 88 -22.84 -6.19 6.74
CA HIS D 88 -22.46 -6.08 5.33
C HIS D 88 -21.49 -4.92 5.10
N LEU D 89 -20.22 -5.25 4.90
CA LEU D 89 -19.20 -4.24 4.63
C LEU D 89 -18.58 -4.45 3.25
N ASN D 90 -19.38 -4.97 2.32
CA ASN D 90 -18.91 -5.24 0.97
C ASN D 90 -18.75 -3.97 0.15
N SER D 91 -17.88 -4.04 -0.86
CA SER D 91 -17.64 -2.94 -1.79
C SER D 91 -17.20 -1.66 -1.09
N ASN D 92 -15.99 -1.68 -0.52
CA ASN D 92 -15.43 -0.51 0.12
C ASN D 92 -13.92 -0.45 -0.07
N ARG D 93 -13.25 0.38 0.73
CA ARG D 93 -11.81 0.56 0.59
C ARG D 93 -11.07 0.24 1.88
N LEU D 94 -11.53 -0.80 2.58
CA LEU D 94 -10.88 -1.24 3.81
C LEU D 94 -9.51 -1.85 3.51
N THR D 95 -8.53 -1.55 4.36
CA THR D 95 -7.17 -2.02 4.15
C THR D 95 -6.76 -3.08 5.16
N LYS D 96 -7.07 -2.84 6.43
CA LYS D 96 -6.66 -3.75 7.49
C LYS D 96 -7.84 -4.16 8.36
N ILE D 97 -7.70 -5.29 9.04
CA ILE D 97 -8.71 -5.78 9.97
C ILE D 97 -8.12 -5.96 11.36
N THR D 98 -8.23 -4.93 12.18
CA THR D 98 -7.69 -4.97 13.53
C THR D 98 -8.68 -5.62 14.51
N ASN D 99 -8.15 -6.08 15.65
CA ASN D 99 -8.96 -6.77 16.65
C ASN D 99 -10.02 -5.87 17.27
N ASP D 100 -9.72 -4.58 17.36
CA ASP D 100 -10.62 -3.61 18.00
C ASP D 100 -11.92 -3.42 17.22
N MET D 101 -11.91 -3.79 15.94
CA MET D 101 -13.06 -3.59 15.07
C MET D 101 -14.25 -4.44 15.47
N PHE D 102 -14.12 -5.75 15.33
CA PHE D 102 -15.26 -6.66 15.51
C PHE D 102 -15.34 -7.21 16.93
N SER D 103 -14.77 -6.48 17.88
CA SER D 103 -14.77 -6.91 19.28
C SER D 103 -16.16 -6.74 19.90
N GLY D 104 -16.69 -7.85 20.42
CA GLY D 104 -17.98 -7.82 21.09
C GLY D 104 -19.17 -8.23 20.24
N LEU D 105 -18.88 -8.80 19.07
CA LEU D 105 -19.94 -9.25 18.16
C LEU D 105 -20.17 -10.74 18.28
N SER D 106 -20.73 -11.17 19.41
CA SER D 106 -20.96 -12.59 19.66
C SER D 106 -22.09 -13.16 18.80
N ASN D 107 -23.19 -12.41 18.70
CA ASN D 107 -24.37 -12.90 17.99
C ASN D 107 -24.29 -12.69 16.48
N LEU D 108 -23.13 -12.28 15.99
CA LEU D 108 -22.95 -12.07 14.56
C LEU D 108 -22.90 -13.39 13.80
N HIS D 109 -23.85 -13.58 12.90
CA HIS D 109 -23.92 -14.81 12.11
C HIS D 109 -23.44 -14.60 10.68
N HIS D 110 -23.62 -13.39 10.17
CA HIS D 110 -23.23 -13.08 8.80
C HIS D 110 -22.22 -11.95 8.74
N LEU D 111 -21.04 -12.26 8.22
CA LEU D 111 -19.97 -11.27 8.08
C LEU D 111 -19.50 -11.20 6.64
N ILE D 112 -19.69 -10.05 6.00
CA ILE D 112 -19.41 -9.91 4.58
C ILE D 112 -18.37 -8.83 4.30
N LEU D 113 -17.27 -9.22 3.67
CA LEU D 113 -16.16 -8.29 3.39
C LEU D 113 -15.68 -8.38 1.95
N ASN D 114 -16.54 -8.78 1.03
CA ASN D 114 -16.12 -8.96 -0.36
C ASN D 114 -15.89 -7.64 -1.08
N ASN D 115 -15.15 -7.72 -2.18
CA ASN D 115 -14.85 -6.56 -3.03
C ASN D 115 -14.19 -5.41 -2.28
N ASN D 116 -13.12 -5.72 -1.55
CA ASN D 116 -12.37 -4.70 -0.84
C ASN D 116 -10.88 -4.77 -1.16
N GLN D 117 -10.08 -4.02 -0.42
CA GLN D 117 -8.63 -4.04 -0.60
C GLN D 117 -7.93 -4.46 0.67
N LEU D 118 -8.32 -5.62 1.19
CA LEU D 118 -7.76 -6.13 2.44
C LEU D 118 -6.38 -6.71 2.22
N THR D 119 -5.40 -6.20 2.96
CA THR D 119 -4.03 -6.65 2.83
C THR D 119 -3.63 -7.53 4.01
N LEU D 120 -3.99 -7.11 5.22
CA LEU D 120 -3.63 -7.83 6.42
C LEU D 120 -4.82 -7.99 7.37
N ILE D 121 -4.91 -9.16 7.98
CA ILE D 121 -5.90 -9.42 9.02
C ILE D 121 -5.21 -9.88 10.30
N SER D 122 -5.19 -9.01 11.29
CA SER D 122 -4.54 -9.31 12.56
C SER D 122 -5.15 -10.54 13.21
N SER D 123 -4.32 -11.29 13.93
CA SER D 123 -4.77 -12.49 14.61
C SER D 123 -5.76 -12.14 15.73
N THR D 124 -6.54 -13.14 16.15
CA THR D 124 -7.53 -12.99 17.22
C THR D 124 -8.59 -11.92 16.93
N ALA D 125 -8.65 -11.44 15.70
CA ALA D 125 -9.64 -10.46 15.29
C ALA D 125 -11.00 -11.13 15.09
N PHE D 126 -10.98 -12.45 14.95
CA PHE D 126 -12.20 -13.22 14.74
C PHE D 126 -12.57 -14.03 15.98
N ASP D 127 -11.87 -13.79 17.08
CA ASP D 127 -12.07 -14.56 18.32
C ASP D 127 -13.26 -14.07 19.14
N ASP D 128 -14.24 -13.47 18.46
CA ASP D 128 -15.47 -13.05 19.12
C ASP D 128 -16.67 -13.40 18.26
N VAL D 129 -16.42 -13.56 16.96
CA VAL D 129 -17.46 -13.93 16.00
C VAL D 129 -17.37 -15.43 15.68
N PHE D 130 -16.91 -16.21 16.66
CA PHE D 130 -16.69 -17.64 16.49
C PHE D 130 -17.97 -18.43 16.19
N ALA D 131 -19.12 -17.80 16.36
CA ALA D 131 -20.40 -18.48 16.15
C ALA D 131 -21.15 -17.97 14.91
N LEU D 132 -20.41 -17.53 13.91
CA LEU D 132 -21.04 -17.06 12.67
C LEU D 132 -21.36 -18.23 11.74
N GLU D 133 -22.13 -17.96 10.70
CA GLU D 133 -22.53 -19.00 9.76
C GLU D 133 -22.00 -18.73 8.36
N GLU D 134 -21.69 -17.48 8.07
CA GLU D 134 -21.22 -17.09 6.74
C GLU D 134 -20.10 -16.06 6.80
N LEU D 135 -19.05 -16.29 6.03
CA LEU D 135 -17.92 -15.36 5.95
C LEU D 135 -17.47 -15.16 4.50
N ASP D 136 -17.68 -13.94 3.99
CA ASP D 136 -17.32 -13.62 2.62
C ASP D 136 -16.09 -12.73 2.58
N LEU D 137 -14.97 -13.30 2.14
CA LEU D 137 -13.71 -12.55 2.03
C LEU D 137 -13.19 -12.54 0.59
N SER D 138 -14.11 -12.70 -0.36
CA SER D 138 -13.75 -12.75 -1.77
C SER D 138 -13.31 -11.39 -2.30
N TYR D 139 -12.62 -11.40 -3.43
CA TYR D 139 -12.16 -10.18 -4.10
C TYR D 139 -11.34 -9.28 -3.18
N ASN D 140 -10.18 -9.77 -2.76
CA ASN D 140 -9.28 -8.99 -1.92
C ASN D 140 -7.81 -9.28 -2.24
N ASN D 141 -6.92 -8.72 -1.43
CA ASN D 141 -5.48 -8.90 -1.61
C ASN D 141 -4.88 -9.76 -0.51
N LEU D 142 -5.71 -10.57 0.12
CA LEU D 142 -5.28 -11.41 1.24
C LEU D 142 -4.38 -12.55 0.77
N GLU D 143 -3.45 -12.95 1.63
CA GLU D 143 -2.61 -14.11 1.35
C GLU D 143 -2.69 -15.11 2.51
N THR D 144 -2.90 -14.60 3.72
CA THR D 144 -3.05 -15.45 4.90
C THR D 144 -4.13 -14.89 5.83
N ILE D 145 -4.88 -15.80 6.45
CA ILE D 145 -5.93 -15.42 7.40
C ILE D 145 -5.73 -16.20 8.71
N PRO D 146 -6.21 -15.64 9.83
CA PRO D 146 -6.10 -16.37 11.11
C PRO D 146 -6.91 -17.67 11.09
N TRP D 147 -6.28 -18.75 10.61
CA TRP D 147 -6.93 -20.04 10.48
C TRP D 147 -7.35 -20.63 11.83
N ASP D 148 -6.58 -20.33 12.87
CA ASP D 148 -6.84 -20.86 14.21
C ASP D 148 -8.21 -20.42 14.71
N ALA D 149 -8.60 -19.19 14.38
CA ALA D 149 -9.90 -18.68 14.77
C ALA D 149 -11.01 -19.32 13.93
N VAL D 150 -10.67 -19.68 12.70
CA VAL D 150 -11.63 -20.27 11.78
C VAL D 150 -12.02 -21.69 12.20
N GLU D 151 -11.05 -22.43 12.73
CA GLU D 151 -11.29 -23.80 13.17
C GLU D 151 -12.27 -23.85 14.34
N LYS D 152 -12.39 -22.74 15.06
CA LYS D 152 -13.29 -22.66 16.19
C LYS D 152 -14.69 -22.21 15.77
N MET D 153 -14.93 -22.19 14.46
CA MET D 153 -16.23 -21.82 13.91
C MET D 153 -16.97 -23.05 13.42
N VAL D 154 -17.55 -23.79 14.35
CA VAL D 154 -18.24 -25.04 14.04
C VAL D 154 -19.49 -24.80 13.18
N SER D 155 -20.18 -23.69 13.45
CA SER D 155 -21.44 -23.40 12.76
C SER D 155 -21.24 -22.78 11.38
N LEU D 156 -20.02 -22.85 10.86
CA LEU D 156 -19.72 -22.31 9.54
C LEU D 156 -20.22 -23.26 8.44
N HIS D 157 -20.80 -22.68 7.39
CA HIS D 157 -21.30 -23.48 6.28
C HIS D 157 -20.87 -22.91 4.93
N THR D 158 -20.60 -21.60 4.90
CA THR D 158 -20.23 -20.94 3.65
C THR D 158 -19.03 -20.02 3.83
N LEU D 159 -17.94 -20.35 3.13
CA LEU D 159 -16.73 -19.54 3.16
C LEU D 159 -16.33 -19.13 1.75
N SER D 160 -16.38 -17.83 1.47
CA SER D 160 -16.13 -17.33 0.12
C SER D 160 -14.76 -16.69 -0.03
N LEU D 161 -13.95 -17.25 -0.92
CA LEU D 161 -12.63 -16.70 -1.25
C LEU D 161 -12.45 -16.72 -2.76
N ASP D 162 -13.39 -16.09 -3.46
CA ASP D 162 -13.48 -16.18 -4.92
C ASP D 162 -12.27 -15.58 -5.65
N HIS D 163 -11.68 -14.54 -5.09
CA HIS D 163 -10.56 -13.87 -5.75
C HIS D 163 -9.56 -13.29 -4.75
N ASN D 164 -8.47 -14.00 -4.52
CA ASN D 164 -7.43 -13.52 -3.63
C ASN D 164 -6.04 -13.91 -4.11
N MET D 165 -5.06 -13.79 -3.21
CA MET D 165 -3.69 -14.19 -3.49
C MET D 165 -3.18 -15.05 -2.34
N ILE D 166 -4.01 -16.01 -1.93
CA ILE D 166 -3.70 -16.85 -0.78
C ILE D 166 -2.53 -17.79 -1.05
N ASP D 167 -1.54 -17.77 -0.18
CA ASP D 167 -0.35 -18.60 -0.32
C ASP D 167 -0.68 -20.09 -0.18
N ASN D 168 -1.01 -20.51 1.03
CA ASN D 168 -1.34 -21.90 1.30
C ASN D 168 -2.45 -22.04 2.33
N ILE D 169 -2.74 -23.27 2.72
CA ILE D 169 -3.80 -23.55 3.69
C ILE D 169 -3.46 -24.75 4.56
N PRO D 170 -3.61 -24.57 5.89
CA PRO D 170 -3.35 -25.62 6.90
C PRO D 170 -4.12 -26.91 6.63
N LYS D 171 -3.65 -28.01 7.22
CA LYS D 171 -4.25 -29.32 6.99
C LYS D 171 -5.27 -29.67 8.07
N GLY D 172 -5.11 -29.08 9.26
CA GLY D 172 -5.96 -29.40 10.39
C GLY D 172 -7.32 -28.74 10.37
N THR D 173 -7.53 -27.84 9.41
CA THR D 173 -8.80 -27.13 9.31
C THR D 173 -9.92 -28.05 8.82
N PHE D 174 -11.14 -27.55 8.90
CA PHE D 174 -12.34 -28.28 8.46
C PHE D 174 -12.47 -29.62 9.18
N SER D 175 -12.01 -29.66 10.42
CA SER D 175 -12.11 -30.86 11.24
C SER D 175 -13.42 -30.87 12.00
N HIS D 176 -13.64 -29.83 12.78
CA HIS D 176 -14.86 -29.71 13.59
C HIS D 176 -15.96 -29.03 12.78
N LEU D 177 -15.60 -28.46 11.65
CA LEU D 177 -16.55 -27.76 10.79
C LEU D 177 -17.36 -28.73 9.94
N HIS D 178 -18.24 -29.50 10.60
CA HIS D 178 -19.06 -30.47 9.90
C HIS D 178 -20.20 -29.80 9.12
N LYS D 179 -20.50 -28.56 9.48
CA LYS D 179 -21.61 -27.84 8.88
C LYS D 179 -21.28 -27.23 7.52
N MET D 180 -20.02 -27.35 7.10
CA MET D 180 -19.58 -26.79 5.81
C MET D 180 -20.38 -27.37 4.65
N THR D 181 -20.95 -26.49 3.83
CA THR D 181 -21.76 -26.92 2.70
C THR D 181 -21.32 -26.27 1.40
N ARG D 182 -20.48 -25.24 1.50
CA ARG D 182 -19.99 -24.55 0.32
C ARG D 182 -18.69 -23.80 0.60
N LEU D 183 -17.69 -24.05 -0.24
CA LEU D 183 -16.39 -23.40 -0.10
C LEU D 183 -15.78 -23.08 -1.46
N ASP D 184 -15.57 -21.79 -1.72
CA ASP D 184 -15.01 -21.35 -2.99
C ASP D 184 -13.62 -20.74 -2.81
N VAL D 185 -12.63 -21.30 -3.50
CA VAL D 185 -11.25 -20.81 -3.40
C VAL D 185 -10.66 -20.55 -4.78
N THR D 186 -11.50 -20.06 -5.69
CA THR D 186 -11.07 -19.76 -7.05
C THR D 186 -10.08 -18.60 -7.08
N SER D 187 -9.32 -18.51 -8.16
CA SER D 187 -8.46 -17.34 -8.44
C SER D 187 -7.52 -16.97 -7.29
N ASN D 188 -6.84 -17.96 -6.73
CA ASN D 188 -5.86 -17.69 -5.68
C ASN D 188 -4.47 -18.15 -6.08
N LYS D 189 -3.55 -18.17 -5.13
CA LYS D 189 -2.19 -18.62 -5.39
C LYS D 189 -1.87 -19.88 -4.62
N LEU D 190 -2.79 -20.83 -4.62
CA LEU D 190 -2.63 -22.08 -3.88
C LEU D 190 -1.79 -23.08 -4.64
N GLN D 191 -0.82 -23.69 -3.94
CA GLN D 191 0.04 -24.68 -4.54
C GLN D 191 -0.54 -26.09 -4.41
N LYS D 192 -1.16 -26.37 -3.26
CA LYS D 192 -1.70 -27.69 -2.99
C LYS D 192 -2.96 -27.62 -2.14
N LEU D 193 -3.65 -28.75 -2.00
CA LEU D 193 -4.86 -28.83 -1.19
C LEU D 193 -4.84 -30.05 -0.27
N PRO D 194 -5.11 -29.84 1.02
CA PRO D 194 -5.16 -30.91 2.02
C PRO D 194 -6.38 -31.81 1.83
N PRO D 195 -6.22 -33.12 2.06
CA PRO D 195 -7.33 -34.09 1.98
C PRO D 195 -8.30 -33.97 3.15
N ASP D 196 -9.59 -33.97 2.85
CA ASP D 196 -10.61 -33.85 3.89
C ASP D 196 -11.88 -34.57 3.46
N PRO D 197 -12.51 -35.29 4.39
CA PRO D 197 -13.74 -36.04 4.13
C PRO D 197 -14.87 -35.20 3.52
N LEU D 198 -14.82 -33.89 3.72
CA LEU D 198 -15.81 -32.99 3.14
C LEU D 198 -15.63 -32.90 1.63
N PHE D 199 -14.39 -33.09 1.16
CA PHE D 199 -14.09 -33.03 -0.26
C PHE D 199 -14.51 -34.33 -0.95
N GLN D 200 -14.51 -35.42 -0.20
CA GLN D 200 -14.97 -36.71 -0.71
C GLN D 200 -16.48 -36.68 -0.96
N ARG D 201 -17.15 -35.71 -0.34
CA ARG D 201 -18.60 -35.56 -0.46
C ARG D 201 -18.96 -34.60 -1.59
N ALA D 202 -17.99 -34.33 -2.47
CA ALA D 202 -18.20 -33.43 -3.59
C ALA D 202 -18.25 -34.16 -4.92
N GLN D 203 -18.53 -35.46 -4.87
CA GLN D 203 -18.62 -36.27 -6.07
C GLN D 203 -20.05 -36.35 -6.59
N VAL D 204 -20.20 -36.77 -7.84
CA VAL D 204 -21.51 -36.96 -8.43
C VAL D 204 -21.72 -38.41 -8.86
N THR D 215 -24.17 -32.44 -2.26
CA THR D 215 -24.32 -31.84 -0.93
C THR D 215 -23.31 -30.72 -0.72
N PHE D 216 -22.05 -30.98 -1.06
CA PHE D 216 -20.99 -29.99 -0.94
C PHE D 216 -20.51 -29.56 -2.31
N ALA D 217 -20.28 -28.25 -2.48
CA ALA D 217 -19.85 -27.71 -3.76
C ALA D 217 -18.63 -26.82 -3.60
N LEU D 218 -17.50 -27.26 -4.14
CA LEU D 218 -16.27 -26.49 -4.06
C LEU D 218 -15.77 -26.09 -5.45
N SER D 219 -15.08 -24.96 -5.51
CA SER D 219 -14.49 -24.48 -6.76
C SER D 219 -13.05 -24.05 -6.53
N PHE D 220 -12.12 -24.68 -7.25
CA PHE D 220 -10.70 -24.43 -7.04
C PHE D 220 -9.98 -24.10 -8.34
N GLY D 221 -10.72 -23.59 -9.32
CA GLY D 221 -10.14 -23.22 -10.60
C GLY D 221 -9.25 -22.00 -10.49
N GLY D 222 -8.49 -21.73 -11.55
CA GLY D 222 -7.64 -20.55 -11.61
C GLY D 222 -6.57 -20.51 -10.54
N ASN D 223 -5.96 -21.66 -10.27
CA ASN D 223 -4.91 -21.74 -9.27
C ASN D 223 -3.64 -22.40 -9.81
N PRO D 224 -2.47 -21.91 -9.40
CA PRO D 224 -1.18 -22.49 -9.81
C PRO D 224 -0.94 -23.84 -9.14
N LEU D 225 -1.70 -24.85 -9.56
CA LEU D 225 -1.62 -26.17 -8.95
C LEU D 225 -0.29 -26.86 -9.22
N HIS D 226 0.24 -27.53 -8.21
CA HIS D 226 1.46 -28.31 -8.34
C HIS D 226 1.10 -29.79 -8.50
N CYS D 227 0.77 -30.18 -9.73
CA CYS D 227 0.25 -31.53 -9.99
C CYS D 227 1.28 -32.63 -9.72
N ASN D 228 1.40 -33.01 -8.45
CA ASN D 228 2.23 -34.14 -8.07
C ASN D 228 1.38 -35.27 -7.51
N CYS D 229 1.99 -36.16 -6.74
CA CYS D 229 1.26 -37.28 -6.15
C CYS D 229 0.48 -36.83 -4.92
N GLU D 230 0.74 -35.59 -4.49
CA GLU D 230 0.08 -35.03 -3.33
C GLU D 230 -1.34 -34.56 -3.67
N LEU D 231 -1.65 -34.53 -4.96
CA LEU D 231 -2.97 -34.12 -5.42
C LEU D 231 -3.71 -35.26 -6.13
N LEU D 232 -3.18 -36.47 -6.01
CA LEU D 232 -3.77 -37.63 -6.65
C LEU D 232 -5.17 -37.95 -6.13
N TRP D 233 -5.40 -37.66 -4.85
CA TRP D 233 -6.69 -37.92 -4.22
C TRP D 233 -7.79 -37.09 -4.88
N LEU D 234 -7.45 -35.87 -5.28
CA LEU D 234 -8.40 -34.99 -5.94
C LEU D 234 -8.63 -35.41 -7.38
N ARG D 235 -7.65 -36.08 -7.96
CA ARG D 235 -7.75 -36.56 -9.34
C ARG D 235 -8.66 -37.79 -9.41
N ARG D 236 -8.53 -38.68 -8.45
CA ARG D 236 -9.41 -39.84 -8.34
C ARG D 236 -10.84 -39.40 -8.11
N LEU D 237 -11.00 -38.28 -7.40
CA LEU D 237 -12.29 -37.63 -7.23
C LEU D 237 -12.84 -37.23 -8.59
N SER D 238 -13.97 -37.84 -8.98
CA SER D 238 -14.50 -37.64 -10.32
C SER D 238 -15.47 -36.46 -10.38
N ARG D 239 -14.96 -35.27 -10.09
CA ARG D 239 -15.77 -34.06 -10.18
C ARG D 239 -15.91 -33.59 -11.62
N GLU D 240 -16.78 -32.60 -11.84
CA GLU D 240 -16.97 -32.01 -13.15
C GLU D 240 -15.85 -31.03 -13.47
N ASP D 241 -15.48 -30.95 -14.75
CA ASP D 241 -14.39 -30.08 -15.18
C ASP D 241 -14.76 -28.61 -15.03
N ASP D 242 -14.04 -27.91 -14.16
CA ASP D 242 -14.27 -26.48 -13.95
C ASP D 242 -13.09 -25.67 -14.50
N LEU D 243 -12.53 -26.14 -15.61
CA LEU D 243 -11.45 -25.45 -16.30
C LEU D 243 -10.21 -25.23 -15.44
N GLU D 244 -9.94 -26.18 -14.54
CA GLU D 244 -8.74 -26.11 -13.71
C GLU D 244 -7.49 -26.35 -14.55
N THR D 245 -6.38 -25.74 -14.13
CA THR D 245 -5.15 -25.83 -14.90
C THR D 245 -3.93 -25.97 -14.00
N CYS D 246 -3.03 -26.88 -14.37
CA CYS D 246 -1.80 -27.13 -13.61
C CYS D 246 -0.71 -26.12 -13.98
N ALA D 247 0.27 -25.98 -13.11
CA ALA D 247 1.36 -25.04 -13.33
C ALA D 247 2.72 -25.74 -13.26
N SER D 248 2.82 -26.78 -12.44
CA SER D 248 4.05 -27.52 -12.26
C SER D 248 3.74 -28.97 -11.89
N PRO D 249 4.62 -29.93 -12.23
CA PRO D 249 5.91 -29.84 -12.93
C PRO D 249 5.81 -29.30 -14.36
N PRO D 250 6.91 -28.77 -14.91
CA PRO D 250 6.94 -28.17 -16.25
C PRO D 250 6.44 -29.11 -17.34
N LEU D 251 6.53 -30.42 -17.11
CA LEU D 251 6.06 -31.39 -18.08
C LEU D 251 4.53 -31.41 -18.15
N LEU D 252 3.90 -30.93 -17.09
CA LEU D 252 2.44 -30.92 -17.00
C LEU D 252 1.88 -29.50 -17.09
N THR D 253 2.76 -28.53 -17.23
CA THR D 253 2.37 -27.12 -17.28
C THR D 253 1.50 -26.80 -18.49
N GLY D 254 0.30 -26.28 -18.22
CA GLY D 254 -0.59 -25.86 -19.28
C GLY D 254 -1.82 -26.74 -19.45
N ARG D 255 -1.61 -28.05 -19.36
CA ARG D 255 -2.69 -29.01 -19.55
C ARG D 255 -3.70 -28.98 -18.41
N TYR D 256 -4.96 -29.30 -18.71
CA TYR D 256 -6.02 -29.30 -17.72
C TYR D 256 -5.78 -30.34 -16.62
N PHE D 257 -6.30 -30.05 -15.43
CA PHE D 257 -6.17 -30.96 -14.29
C PHE D 257 -6.89 -32.28 -14.54
N TRP D 258 -7.95 -32.22 -15.34
CA TRP D 258 -8.77 -33.40 -15.60
C TRP D 258 -8.37 -34.12 -16.88
N SER D 259 -7.53 -33.46 -17.68
CA SER D 259 -7.06 -34.05 -18.93
C SER D 259 -5.80 -34.88 -18.70
N ILE D 260 -5.30 -34.85 -17.47
CA ILE D 260 -4.09 -35.60 -17.12
C ILE D 260 -4.44 -36.90 -16.41
N PRO D 261 -3.95 -38.03 -16.93
CA PRO D 261 -4.19 -39.35 -16.32
C PRO D 261 -3.63 -39.45 -14.91
N GLU D 262 -4.20 -40.34 -14.10
CA GLU D 262 -3.82 -40.50 -12.71
C GLU D 262 -2.38 -40.98 -12.55
N GLU D 263 -1.87 -41.66 -13.58
CA GLU D 263 -0.52 -42.23 -13.54
C GLU D 263 0.56 -41.19 -13.82
N GLU D 264 0.16 -39.98 -14.18
CA GLU D 264 1.13 -38.93 -14.49
C GLU D 264 1.31 -37.95 -13.33
N PHE D 265 0.53 -38.13 -12.27
CA PHE D 265 0.70 -37.32 -11.07
C PHE D 265 1.74 -37.95 -10.17
N LEU D 266 3.01 -37.65 -10.42
CA LEU D 266 4.10 -38.31 -9.75
C LEU D 266 4.80 -37.44 -8.70
N CYS D 267 5.35 -38.09 -7.68
CA CYS D 267 6.19 -37.42 -6.69
C CYS D 267 7.58 -38.01 -6.72
N GLU D 268 8.55 -37.27 -6.17
CA GLU D 268 9.94 -37.71 -6.23
C GLU D 268 10.53 -37.96 -4.83
N PRO D 269 11.16 -39.13 -4.66
CA PRO D 269 11.89 -39.46 -3.43
C PRO D 269 13.09 -38.54 -3.23
N PRO D 270 13.34 -38.10 -1.99
CA PRO D 270 14.41 -37.17 -1.66
C PRO D 270 15.80 -37.73 -1.94
N LEU D 271 16.78 -36.85 -2.02
CA LEU D 271 18.18 -37.24 -2.15
C LEU D 271 19.05 -36.22 -1.44
N ILE D 272 19.84 -36.69 -0.48
CA ILE D 272 20.73 -35.80 0.26
C ILE D 272 21.91 -35.39 -0.61
N THR D 273 21.99 -34.10 -0.92
CA THR D 273 23.04 -33.59 -1.79
C THR D 273 24.37 -33.57 -1.07
N ARG D 274 24.43 -32.81 0.02
CA ARG D 274 25.68 -32.69 0.78
C ARG D 274 25.45 -32.72 2.28
N HIS D 275 26.34 -33.43 2.98
CA HIS D 275 26.35 -33.46 4.43
C HIS D 275 27.79 -33.36 4.91
N THR D 276 27.97 -32.91 6.15
CA THR D 276 29.31 -32.80 6.71
C THR D 276 29.92 -34.19 6.89
N HIS D 277 31.11 -34.38 6.35
CA HIS D 277 31.80 -35.66 6.46
C HIS D 277 32.23 -35.90 7.90
N GLU D 278 33.07 -35.01 8.43
CA GLU D 278 33.52 -35.08 9.81
C GLU D 278 33.69 -33.67 10.36
N MET D 279 33.66 -33.56 11.68
CA MET D 279 33.77 -32.26 12.32
C MET D 279 34.46 -32.41 13.67
N ARG D 280 35.34 -31.48 14.02
CA ARG D 280 36.01 -31.56 15.30
C ARG D 280 35.79 -30.30 16.14
N VAL D 281 34.62 -30.23 16.78
CA VAL D 281 34.29 -29.07 17.61
C VAL D 281 33.96 -29.51 19.03
N LEU D 282 34.88 -30.23 19.66
CA LEU D 282 34.73 -30.59 21.07
C LEU D 282 35.12 -29.45 21.98
N GLU D 283 35.12 -29.72 23.28
CA GLU D 283 35.55 -28.77 24.30
C GLU D 283 34.61 -27.57 24.37
N GLY D 284 33.44 -27.71 23.75
CA GLY D 284 32.37 -26.74 23.85
C GLY D 284 32.31 -25.58 22.87
N GLN D 285 33.15 -25.59 21.84
CA GLN D 285 33.11 -24.53 20.83
C GLN D 285 31.84 -24.72 19.99
N ARG D 286 31.40 -23.66 19.31
CA ARG D 286 30.18 -23.73 18.49
C ARG D 286 30.31 -24.72 17.33
N ALA D 287 29.42 -25.71 17.31
CA ALA D 287 29.41 -26.75 16.28
C ALA D 287 28.23 -26.61 15.32
N THR D 288 28.51 -26.26 14.07
CA THR D 288 27.46 -26.15 13.05
C THR D 288 27.49 -27.34 12.11
N LEU D 289 26.36 -28.05 12.01
CA LEU D 289 26.26 -29.22 11.14
C LEU D 289 25.43 -28.90 9.90
N ARG D 290 25.79 -29.50 8.77
CA ARG D 290 25.13 -29.23 7.51
C ARG D 290 24.56 -30.49 6.87
N CYS D 291 23.27 -30.46 6.53
CA CYS D 291 22.63 -31.58 5.85
C CYS D 291 21.41 -31.13 5.04
N LYS D 292 21.43 -31.35 3.74
CA LYS D 292 20.31 -30.90 2.90
C LYS D 292 19.92 -31.91 1.83
N ALA D 293 18.62 -31.96 1.54
CA ALA D 293 18.09 -32.87 0.53
C ALA D 293 17.03 -32.17 -0.32
N ARG D 294 16.84 -32.62 -1.55
CA ARG D 294 15.89 -32.01 -2.46
C ARG D 294 14.92 -33.05 -3.03
N GLY D 295 13.76 -32.59 -3.50
CA GLY D 295 12.77 -33.48 -4.06
C GLY D 295 11.42 -32.81 -4.26
N ASP D 296 10.48 -33.57 -4.82
CA ASP D 296 9.14 -33.05 -5.09
C ASP D 296 8.07 -33.90 -4.40
N PRO D 297 7.40 -33.34 -3.38
CA PRO D 297 7.62 -31.98 -2.87
C PRO D 297 8.86 -31.87 -1.97
N GLU D 298 9.10 -30.70 -1.43
CA GLU D 298 10.27 -30.48 -0.56
C GLU D 298 10.24 -31.40 0.64
N PRO D 299 11.35 -32.12 0.87
CA PRO D 299 11.47 -33.08 1.97
C PRO D 299 11.43 -32.40 3.35
N ALA D 300 11.25 -33.21 4.39
CA ALA D 300 11.25 -32.70 5.76
C ALA D 300 12.41 -33.32 6.53
N ILE D 301 13.37 -32.48 6.90
CA ILE D 301 14.60 -32.95 7.53
C ILE D 301 14.48 -33.04 9.04
N HIS D 302 14.71 -34.24 9.57
CA HIS D 302 14.71 -34.46 11.02
C HIS D 302 16.04 -35.08 11.46
N TRP D 303 16.47 -34.75 12.67
CA TRP D 303 17.73 -35.25 13.17
C TRP D 303 17.57 -36.19 14.37
N ILE D 304 18.51 -37.11 14.53
CA ILE D 304 18.49 -38.00 15.68
C ILE D 304 19.81 -37.91 16.45
N SER D 305 19.72 -38.05 17.77
CA SER D 305 20.90 -38.22 18.61
C SER D 305 21.33 -39.69 18.49
N PRO D 306 22.37 -40.11 19.25
CA PRO D 306 22.61 -41.56 19.30
C PRO D 306 21.35 -42.35 19.62
N GLU D 307 20.48 -41.79 20.46
CA GLU D 307 19.19 -42.39 20.77
C GLU D 307 18.10 -41.34 20.99
N GLY D 308 17.24 -41.15 19.98
CA GLY D 308 16.15 -40.20 20.07
C GLY D 308 16.31 -38.97 19.21
N LYS D 309 15.26 -38.14 19.18
CA LYS D 309 15.27 -36.89 18.40
C LYS D 309 15.15 -35.66 19.30
N LEU D 310 15.70 -34.54 18.84
CA LEU D 310 15.79 -33.33 19.66
C LEU D 310 14.57 -32.42 19.53
N ILE D 311 14.66 -31.23 20.14
CA ILE D 311 13.55 -30.28 20.21
C ILE D 311 13.50 -29.30 19.04
N SER D 312 12.31 -28.76 18.77
CA SER D 312 12.10 -27.81 17.67
C SER D 312 11.91 -26.38 18.17
N ASN D 313 12.65 -25.44 17.57
CA ASN D 313 12.52 -24.00 17.87
C ASN D 313 12.73 -23.65 19.34
N ALA D 314 13.37 -24.55 20.09
CA ALA D 314 13.56 -24.33 21.51
C ALA D 314 15.03 -24.32 21.90
N THR D 315 15.28 -24.23 23.20
CA THR D 315 16.64 -24.26 23.74
C THR D 315 17.35 -25.57 23.40
N ARG D 316 18.68 -25.51 23.33
CA ARG D 316 19.54 -26.68 23.14
C ARG D 316 19.45 -27.28 21.73
N SER D 317 18.65 -26.68 20.85
CA SER D 317 18.46 -27.24 19.51
C SER D 317 17.97 -26.23 18.46
N LEU D 318 18.52 -26.35 17.26
CA LEU D 318 18.03 -25.63 16.08
C LEU D 318 17.52 -26.65 15.07
N VAL D 319 16.45 -26.31 14.36
CA VAL D 319 15.69 -27.35 13.65
C VAL D 319 15.12 -26.90 12.29
N TYR D 320 14.60 -27.87 11.54
CA TYR D 320 13.85 -27.65 10.30
C TYR D 320 14.66 -27.03 9.17
N ASP D 321 14.09 -26.00 8.55
CA ASP D 321 14.68 -25.35 7.37
C ASP D 321 16.15 -25.03 7.52
N ASN D 322 16.84 -24.95 6.38
CA ASN D 322 18.30 -24.90 6.24
C ASN D 322 18.94 -26.28 6.35
N GLY D 323 18.26 -27.20 7.01
CA GLY D 323 18.82 -28.50 7.30
C GLY D 323 20.15 -28.38 8.02
N THR D 324 20.18 -27.56 9.07
CA THR D 324 21.41 -27.29 9.78
C THR D 324 21.22 -27.35 11.29
N LEU D 325 21.95 -28.25 11.94
CA LEU D 325 21.97 -28.33 13.39
C LEU D 325 22.97 -27.34 13.98
N ASP D 326 22.47 -26.36 14.73
CA ASP D 326 23.33 -25.49 15.50
C ASP D 326 23.00 -25.68 16.98
N ILE D 327 23.96 -26.17 17.74
CA ILE D 327 23.74 -26.50 19.14
C ILE D 327 24.22 -25.36 20.03
N LEU D 328 24.30 -24.16 19.45
CA LEU D 328 24.83 -22.98 20.14
C LEU D 328 26.19 -23.29 20.74
N ILE D 329 26.37 -22.97 22.01
CA ILE D 329 27.57 -23.37 22.73
C ILE D 329 27.44 -24.84 23.15
N THR D 330 28.12 -25.71 22.41
CA THR D 330 28.06 -27.15 22.65
C THR D 330 28.67 -27.52 23.99
N THR D 331 28.34 -28.71 24.48
CA THR D 331 28.93 -29.20 25.73
C THR D 331 30.23 -29.93 25.43
N VAL D 332 30.93 -30.34 26.48
CA VAL D 332 32.20 -31.04 26.33
C VAL D 332 32.02 -32.42 25.73
N LYS D 333 30.94 -33.10 26.11
CA LYS D 333 30.71 -34.48 25.67
C LYS D 333 29.34 -34.63 24.99
N ASP D 334 29.34 -34.46 23.67
CA ASP D 334 28.13 -34.67 22.87
C ASP D 334 28.41 -35.61 21.71
N THR D 335 29.58 -36.26 21.74
CA THR D 335 29.98 -37.17 20.68
C THR D 335 29.11 -38.42 20.63
N GLY D 336 28.91 -38.94 19.43
CA GLY D 336 28.10 -40.13 19.25
C GLY D 336 27.78 -40.39 17.79
N ALA D 337 26.63 -41.00 17.54
CA ALA D 337 26.18 -41.29 16.19
C ALA D 337 24.96 -40.48 15.81
N PHE D 338 25.12 -39.58 14.86
CA PHE D 338 24.02 -38.73 14.41
C PHE D 338 23.65 -39.04 12.97
N THR D 339 22.35 -39.01 12.67
CA THR D 339 21.86 -39.43 11.36
C THR D 339 20.79 -38.47 10.83
N CYS D 340 20.94 -38.06 9.58
CA CYS D 340 20.00 -37.13 8.95
C CYS D 340 18.98 -37.88 8.09
N ILE D 341 17.71 -37.48 8.20
CA ILE D 341 16.65 -38.11 7.43
C ILE D 341 15.87 -37.08 6.61
N ALA D 342 15.00 -37.57 5.73
CA ALA D 342 14.20 -36.69 4.89
C ALA D 342 12.82 -37.28 4.61
N SER D 343 11.80 -36.73 5.26
CA SER D 343 10.43 -37.22 5.10
C SER D 343 9.85 -36.84 3.74
N ASN D 344 9.01 -37.71 3.21
CA ASN D 344 8.40 -37.51 1.90
C ASN D 344 7.27 -38.52 1.67
N PRO D 345 6.21 -38.09 0.97
CA PRO D 345 5.09 -38.97 0.63
C PRO D 345 5.49 -40.22 -0.17
N ALA D 346 6.70 -40.26 -0.70
CA ALA D 346 7.12 -41.38 -1.52
C ALA D 346 8.54 -41.88 -1.21
N GLY D 347 9.28 -41.15 -0.40
CA GLY D 347 10.68 -41.50 -0.13
C GLY D 347 11.16 -41.25 1.28
N GLU D 348 12.14 -42.03 1.71
CA GLU D 348 12.75 -41.86 3.03
C GLU D 348 14.27 -42.01 2.97
N ALA D 349 14.93 -41.09 2.26
CA ALA D 349 16.38 -41.12 2.12
C ALA D 349 17.06 -40.67 3.42
N THR D 350 18.28 -41.15 3.64
CA THR D 350 19.01 -40.83 4.87
C THR D 350 20.52 -41.02 4.75
N GLN D 351 21.27 -40.28 5.56
CA GLN D 351 22.73 -40.39 5.62
C GLN D 351 23.23 -40.17 7.06
N ILE D 352 24.48 -40.51 7.32
CA ILE D 352 25.01 -40.49 8.68
C ILE D 352 26.20 -39.54 8.81
N VAL D 353 26.43 -39.02 10.02
CA VAL D 353 27.55 -38.12 10.28
C VAL D 353 28.03 -38.26 11.73
N ASP D 354 29.35 -38.34 11.92
CA ASP D 354 29.93 -38.48 13.25
C ASP D 354 30.67 -37.21 13.66
N LEU D 355 30.70 -36.95 14.96
CA LEU D 355 31.37 -35.76 15.49
C LEU D 355 32.34 -36.10 16.60
N HIS D 356 33.47 -35.40 16.63
CA HIS D 356 34.44 -35.55 17.71
C HIS D 356 35.32 -34.31 17.81
#